data_6X1S
#
_entry.id   6X1S
#
_cell.length_a   86.790
_cell.length_b   72.251
_cell.length_c   156.747
_cell.angle_alpha   90.000
_cell.angle_beta   95.830
_cell.angle_gamma   90.000
#
_symmetry.space_group_name_H-M   'P 1 2 1'
#
loop_
_entity.id
_entity.type
_entity.pdbx_description
1 polymer 'SC1-1 Heavy chain'
2 polymer 'SC1-1 Light chain'
3 polymer 'NM23-1-pTza peptide'
4 non-polymer (4S)-2-METHYL-2,4-PENTANEDIOL
5 non-polymer 'SULFATE ION'
6 water water
#
loop_
_entity_poly.entity_id
_entity_poly.type
_entity_poly.pdbx_seq_one_letter_code
_entity_poly.pdbx_strand_id
1 'polypeptide(L)'
;(PCA)SVEESEGGLFKPTDTLTLTCTASGFSLSGHGVIWVRQAPGKGLEWIGSAGAYGRIYYASWAKSRSTITRNTNLNT
VTLKMTSLTAADTATYFCARRSDVGTSVGFDSWGPGTLVTISSSSGQPKAPSVFPLAPCCGDTPSSTVTLGCLVKGYLPE
PVTVTWNSGTLTNGVRTFPSVRQSSGLYSLSSVVSVTSSSQPVTCNVAHPATNTKVDKTVAPSTCSHHHHHH
;
H,A,C,E
2 'polypeptide(L)'
;DMTQTPSSKSVPVGDTVTINCQASESVYSNNRLSWFQQKPGQPPKLLIYLVSTLASGVPSRFKGSGSGTQFTLTISDVVC
DDAATYYCVGYKSSTTDGLAFGGGTEVVVKGDPVAPTVLIFPPAADQVATGTVTIVCVANKYFPDVTVTWEVDGTTQTTG
IENSKTPQNSADCTYNLSSTLTLTSTQYNSHKEYTCKVTQGTTSVVQSFNRGDC
;
L,B,D,F
3 'polypeptide(L)' RNII(UKY)GSDS G,I,J,K
#
loop_
_chem_comp.id
_chem_comp.type
_chem_comp.name
_chem_comp.formula
MPD non-polymer (4S)-2-METHYL-2,4-PENTANEDIOL 'C6 H14 O2'
SO4 non-polymer 'SULFATE ION' 'O4 S -2'
#
# COMPACT_ATOMS: atom_id res chain seq x y z
N PCA A 1 -6.41 17.80 -0.57
CA PCA A 1 -6.42 16.65 -1.46
CB PCA A 1 -7.75 15.91 -1.39
CG PCA A 1 -8.72 16.84 -0.70
CD PCA A 1 -7.80 17.91 -0.15
OE PCA A 1 -8.20 18.79 0.61
C PCA A 1 -6.15 17.20 -2.86
O PCA A 1 -7.07 17.57 -3.59
N SER A 2 -4.86 17.31 -3.20
CA SER A 2 -4.42 17.89 -4.46
C SER A 2 -3.02 17.39 -4.81
N VAL A 3 -2.66 17.51 -6.10
CA VAL A 3 -1.31 17.23 -6.55
C VAL A 3 -0.71 18.52 -7.10
N GLU A 4 0.61 18.54 -7.16
CA GLU A 4 1.36 19.67 -7.69
C GLU A 4 2.68 19.18 -8.31
N GLU A 5 3.00 19.72 -9.49
CA GLU A 5 4.25 19.42 -10.15
C GLU A 5 5.36 20.27 -9.53
N SER A 6 6.53 19.67 -9.37
CA SER A 6 7.68 20.39 -8.83
C SER A 6 8.16 21.42 -9.83
N GLU A 7 9.15 22.22 -9.40
CA GLU A 7 9.62 23.34 -10.19
C GLU A 7 10.22 22.87 -11.51
N GLY A 8 9.85 23.55 -12.60
CA GLY A 8 10.44 23.29 -13.90
C GLY A 8 11.66 24.17 -14.07
N GLY A 9 11.69 25.00 -15.12
CA GLY A 9 12.74 25.97 -15.28
C GLY A 9 13.45 25.80 -16.61
N LEU A 10 14.72 26.20 -16.61
CA LEU A 10 15.58 26.21 -17.79
C LEU A 10 16.48 24.99 -17.77
N PHE A 11 16.55 24.28 -18.90
CA PHE A 11 17.35 23.05 -19.01
C PHE A 11 18.17 23.10 -20.29
N LYS A 12 19.38 22.55 -20.21
CA LYS A 12 20.28 22.36 -21.34
C LYS A 12 19.97 21.04 -22.02
N PRO A 13 20.30 20.92 -23.30
CA PRO A 13 20.04 19.64 -24.01
C PRO A 13 20.72 18.45 -23.37
N THR A 14 21.82 18.65 -22.67
CA THR A 14 22.52 17.59 -21.96
C THR A 14 22.02 17.39 -20.54
N ASP A 15 21.04 18.18 -20.09
CA ASP A 15 20.51 17.99 -18.75
C ASP A 15 19.53 16.81 -18.69
N THR A 16 19.21 16.41 -17.48
CA THR A 16 18.09 15.51 -17.23
C THR A 16 16.93 16.32 -16.68
N LEU A 17 15.76 16.17 -17.30
CA LEU A 17 14.54 16.80 -16.80
C LEU A 17 13.94 15.87 -15.77
N THR A 18 13.84 16.32 -14.52
CA THR A 18 13.23 15.56 -13.44
C THR A 18 12.09 16.37 -12.86
N LEU A 19 10.88 15.83 -12.94
CA LEU A 19 9.68 16.51 -12.43
C LEU A 19 9.00 15.56 -11.45
N THR A 20 8.60 16.09 -10.30
CA THR A 20 7.97 15.29 -9.26
C THR A 20 6.52 15.68 -9.12
N CYS A 21 5.63 14.70 -9.14
CA CYS A 21 4.24 14.90 -8.80
C CYS A 21 4.09 14.63 -7.31
N THR A 22 3.83 15.68 -6.54
CA THR A 22 3.67 15.58 -5.09
CA THR A 22 3.68 15.57 -5.09
C THR A 22 2.20 15.66 -4.72
N ALA A 23 1.81 14.94 -3.68
CA ALA A 23 0.43 14.95 -3.24
C ALA A 23 0.33 15.63 -1.87
N SER A 24 -0.78 16.32 -1.65
CA SER A 24 -1.08 16.94 -0.35
C SER A 24 -2.50 16.57 0.04
N GLY A 25 -2.69 15.95 1.20
CA GLY A 25 -4.04 15.65 1.60
C GLY A 25 -4.64 14.41 0.99
N PHE A 26 -3.88 13.66 0.19
CA PHE A 26 -4.28 12.30 -0.15
C PHE A 26 -3.06 11.53 -0.60
N SER A 27 -3.27 10.23 -0.84
CA SER A 27 -2.21 9.32 -1.23
C SER A 27 -2.26 9.06 -2.73
N LEU A 28 -1.08 8.98 -3.35
CA LEU A 28 -1.00 8.51 -4.73
C LEU A 28 -0.99 6.99 -4.84
N SER A 29 -0.64 6.30 -3.74
CA SER A 29 -0.57 4.85 -3.77
C SER A 29 -1.91 4.25 -4.15
N GLY A 30 -1.88 3.20 -4.98
CA GLY A 30 -3.11 2.54 -5.35
C GLY A 30 -4.01 3.36 -6.24
N HIS A 31 -3.50 4.44 -6.82
CA HIS A 31 -4.26 5.29 -7.73
C HIS A 31 -3.42 5.56 -8.97
N GLY A 32 -4.08 5.63 -10.13
CA GLY A 32 -3.36 5.98 -11.34
C GLY A 32 -2.86 7.41 -11.28
N VAL A 33 -1.67 7.63 -11.83
CA VAL A 33 -1.08 8.96 -11.97
C VAL A 33 -0.58 9.10 -13.39
N ILE A 34 -0.95 10.20 -14.05
CA ILE A 34 -0.58 10.39 -15.45
C ILE A 34 0.30 11.61 -15.56
N TRP A 35 1.22 11.57 -16.53
CA TRP A 35 2.04 12.71 -16.93
C TRP A 35 1.67 13.10 -18.35
N VAL A 36 1.32 14.38 -18.53
CA VAL A 36 1.00 14.91 -19.85
C VAL A 36 1.68 16.26 -19.99
N ARG A 37 1.79 16.73 -21.23
CA ARG A 37 2.41 18.02 -21.48
C ARG A 37 1.70 18.72 -22.62
N GLN A 38 1.98 20.01 -22.74
CA GLN A 38 1.37 20.83 -23.80
C GLN A 38 2.39 21.84 -24.28
N ALA A 39 2.89 21.63 -25.50
CA ALA A 39 3.81 22.59 -26.10
C ALA A 39 3.03 23.80 -26.59
N PRO A 40 3.68 24.97 -26.70
CA PRO A 40 2.95 26.18 -27.12
C PRO A 40 2.26 25.95 -28.46
N GLY A 41 0.97 26.30 -28.49
CA GLY A 41 0.18 26.12 -29.70
C GLY A 41 -0.03 24.67 -30.11
N LYS A 42 0.02 23.73 -29.18
CA LYS A 42 -0.22 22.33 -29.52
C LYS A 42 -1.23 21.72 -28.56
N GLY A 43 -1.72 20.53 -28.92
CA GLY A 43 -2.66 19.83 -28.08
C GLY A 43 -1.96 19.09 -26.96
N LEU A 44 -2.76 18.66 -25.99
CA LEU A 44 -2.23 17.84 -24.91
C LEU A 44 -1.58 16.58 -25.47
N GLU A 45 -0.42 16.22 -24.91
CA GLU A 45 0.34 15.06 -25.35
C GLU A 45 0.64 14.17 -24.15
N TRP A 46 0.23 12.91 -24.22
CA TRP A 46 0.53 11.94 -23.18
C TRP A 46 2.00 11.56 -23.20
N ILE A 47 2.61 11.50 -22.00
CA ILE A 47 3.99 11.06 -21.83
C ILE A 47 4.00 9.63 -21.32
N GLY A 48 3.37 9.40 -20.18
CA GLY A 48 3.27 8.04 -19.64
C GLY A 48 2.45 8.04 -18.37
N SER A 49 2.27 6.83 -17.82
CA SER A 49 1.37 6.65 -16.68
C SER A 49 1.95 5.68 -15.66
N ALA A 50 1.66 5.94 -14.40
CA ALA A 50 1.89 4.98 -13.33
C ALA A 50 0.56 4.33 -13.01
N GLY A 51 0.45 3.03 -13.24
CA GLY A 51 -0.80 2.34 -12.95
C GLY A 51 -1.04 2.24 -11.46
N ALA A 52 -2.31 2.05 -11.12
CA ALA A 52 -2.68 1.98 -9.71
C ALA A 52 -2.01 0.83 -9.01
N TYR A 53 -1.71 -0.26 -9.74
CA TYR A 53 -1.20 -1.48 -9.11
C TYR A 53 0.25 -1.80 -9.45
N GLY A 54 0.98 -0.86 -10.06
CA GLY A 54 2.43 -0.95 -10.17
C GLY A 54 2.96 -0.95 -11.59
N ARG A 55 2.12 -1.19 -12.59
CA ARG A 55 2.61 -1.14 -13.96
C ARG A 55 2.91 0.30 -14.37
N ILE A 56 3.98 0.48 -15.13
CA ILE A 56 4.34 1.76 -15.72
C ILE A 56 4.20 1.60 -17.22
N TYR A 57 3.48 2.52 -17.87
CA TYR A 57 3.35 2.41 -19.32
C TYR A 57 3.48 3.79 -19.96
N TYR A 58 4.04 3.81 -21.18
CA TYR A 58 4.52 5.03 -21.82
C TYR A 58 3.93 5.19 -23.22
N ALA A 59 3.88 6.44 -23.66
CA ALA A 59 3.83 6.72 -25.10
C ALA A 59 5.12 6.22 -25.76
N SER A 60 5.00 5.67 -26.97
CA SER A 60 6.17 5.08 -27.61
C SER A 60 7.26 6.12 -27.87
N TRP A 61 6.89 7.37 -28.18
CA TRP A 61 7.93 8.39 -28.38
C TRP A 61 8.72 8.66 -27.10
N ALA A 62 8.09 8.54 -25.93
CA ALA A 62 8.75 8.84 -24.68
C ALA A 62 9.52 7.65 -24.10
N LYS A 63 9.11 6.43 -24.44
CA LYS A 63 9.59 5.23 -23.76
C LYS A 63 11.11 5.05 -23.90
N SER A 64 11.69 5.50 -25.01
CA SER A 64 13.11 5.30 -25.24
C SER A 64 13.98 6.27 -24.45
N ARG A 65 13.41 7.33 -23.83
CA ARG A 65 14.23 8.30 -23.11
C ARG A 65 13.55 8.83 -21.85
N SER A 66 12.58 8.09 -21.30
CA SER A 66 11.83 8.53 -20.14
C SER A 66 11.72 7.38 -19.15
N THR A 67 11.69 7.72 -17.86
CA THR A 67 11.39 6.77 -16.79
C THR A 67 10.42 7.44 -15.83
N ILE A 68 9.34 6.75 -15.52
CA ILE A 68 8.37 7.18 -14.53
C ILE A 68 8.48 6.25 -13.35
N THR A 69 8.64 6.81 -12.16
CA THR A 69 8.95 6.03 -10.95
C THR A 69 7.98 6.42 -9.84
N ARG A 70 7.41 5.41 -9.19
CA ARG A 70 6.59 5.65 -8.01
C ARG A 70 7.46 5.60 -6.75
N ASN A 71 7.16 6.48 -5.79
CA ASN A 71 7.79 6.42 -4.46
C ASN A 71 6.66 6.44 -3.44
N THR A 72 6.30 5.26 -2.91
CA THR A 72 5.21 5.17 -1.96
C THR A 72 5.64 5.47 -0.53
N ASN A 73 6.92 5.72 -0.30
CA ASN A 73 7.35 6.22 1.01
C ASN A 73 7.18 7.74 1.09
N LEU A 74 7.61 8.45 0.05
CA LEU A 74 7.47 9.91 0.01
C LEU A 74 6.15 10.37 -0.62
N ASN A 75 5.34 9.45 -1.18
CA ASN A 75 4.02 9.77 -1.73
C ASN A 75 4.16 10.67 -2.96
N THR A 76 4.98 10.22 -3.91
CA THR A 76 5.27 10.98 -5.13
C THR A 76 5.29 10.03 -6.33
N VAL A 77 5.21 10.61 -7.51
CA VAL A 77 5.50 9.94 -8.78
C VAL A 77 6.37 10.89 -9.59
N THR A 78 7.50 10.39 -10.10
CA THR A 78 8.50 11.24 -10.73
C THR A 78 8.64 10.88 -12.20
N LEU A 79 8.81 11.91 -13.03
CA LEU A 79 9.11 11.77 -14.45
C LEU A 79 10.55 12.23 -14.67
N LYS A 80 11.35 11.37 -15.31
CA LYS A 80 12.73 11.67 -15.69
C LYS A 80 12.85 11.51 -17.20
N MET A 81 13.32 12.55 -17.88
CA MET A 81 13.48 12.52 -19.32
C MET A 81 14.90 12.96 -19.68
N THR A 82 15.48 12.28 -20.67
CA THR A 82 16.84 12.60 -21.13
C THR A 82 16.80 12.91 -22.62
N SER A 83 17.97 13.25 -23.17
CA SER A 83 18.11 13.67 -24.57
C SER A 83 17.11 14.78 -24.90
N LEU A 84 17.23 15.88 -24.16
CA LEU A 84 16.25 16.95 -24.29
C LEU A 84 16.48 17.73 -25.58
N THR A 85 15.38 18.23 -26.15
CA THR A 85 15.45 19.08 -27.35
C THR A 85 14.41 20.18 -27.23
N ALA A 86 14.43 21.09 -28.20
CA ALA A 86 13.46 22.19 -28.18
C ALA A 86 12.03 21.70 -28.19
N ALA A 87 11.75 20.53 -28.74
CA ALA A 87 10.40 19.99 -28.72
C ALA A 87 9.89 19.68 -27.32
N ASP A 88 10.77 19.61 -26.32
CA ASP A 88 10.36 19.32 -24.95
C ASP A 88 10.00 20.58 -24.17
N THR A 89 10.18 21.77 -24.74
CA THR A 89 9.70 22.99 -24.12
C THR A 89 8.19 22.95 -24.07
N ALA A 90 7.61 23.02 -22.86
CA ALA A 90 6.18 22.76 -22.71
C ALA A 90 5.79 23.01 -21.25
N THR A 91 4.46 23.07 -21.02
CA THR A 91 3.89 22.95 -19.69
C THR A 91 3.67 21.47 -19.38
N TYR A 92 4.13 21.03 -18.21
CA TYR A 92 4.00 19.62 -17.82
C TYR A 92 2.98 19.53 -16.69
N PHE A 93 2.03 18.61 -16.82
CA PHE A 93 0.97 18.40 -15.83
C PHE A 93 1.04 16.96 -15.33
N CYS A 94 0.76 16.77 -14.04
CA CYS A 94 0.41 15.44 -13.58
C CYS A 94 -1.01 15.46 -13.02
N ALA A 95 -1.60 14.27 -12.94
CA ALA A 95 -2.94 14.16 -12.40
C ALA A 95 -3.13 12.80 -11.75
N ARG A 96 -4.01 12.76 -10.77
CA ARG A 96 -4.39 11.54 -10.05
C ARG A 96 -5.79 11.11 -10.46
N ARG A 97 -6.01 9.81 -10.56
CA ARG A 97 -7.30 9.24 -10.93
C ARG A 97 -7.94 8.62 -9.68
N SER A 98 -9.12 9.11 -9.30
CA SER A 98 -9.75 8.61 -8.07
C SER A 98 -10.11 7.14 -8.15
N ASP A 99 -10.62 6.67 -9.28
CA ASP A 99 -11.22 5.34 -9.36
CA ASP A 99 -11.22 5.35 -9.37
C ASP A 99 -10.60 4.59 -10.53
N VAL A 100 -10.02 3.43 -10.24
CA VAL A 100 -9.42 2.63 -11.32
C VAL A 100 -10.47 2.25 -12.37
N GLY A 101 -11.72 2.09 -11.96
CA GLY A 101 -12.79 1.68 -12.87
C GLY A 101 -13.07 2.64 -14.02
N THR A 102 -12.63 3.88 -13.92
CA THR A 102 -12.79 4.82 -15.03
C THR A 102 -11.67 4.75 -16.05
N SER A 103 -10.53 4.16 -15.68
CA SER A 103 -9.30 4.06 -16.47
C SER A 103 -8.67 5.41 -16.79
N VAL A 104 -9.45 6.38 -17.30
CA VAL A 104 -8.88 7.68 -17.66
C VAL A 104 -9.72 8.80 -17.08
N GLY A 105 -10.44 8.52 -16.00
CA GLY A 105 -11.17 9.58 -15.30
C GLY A 105 -10.25 10.36 -14.37
N PHE A 106 -9.26 11.04 -14.93
CA PHE A 106 -8.28 11.77 -14.14
C PHE A 106 -8.92 13.05 -13.64
N ASP A 107 -9.20 13.10 -12.32
CA ASP A 107 -10.01 14.19 -11.79
C ASP A 107 -9.26 15.21 -10.94
N SER A 108 -8.04 14.89 -10.47
CA SER A 108 -7.25 15.80 -9.65
C SER A 108 -6.00 16.20 -10.41
N TRP A 109 -5.96 17.44 -10.89
CA TRP A 109 -4.87 17.91 -11.75
C TRP A 109 -3.98 18.90 -11.01
N GLY A 110 -2.70 18.85 -11.33
CA GLY A 110 -1.80 19.87 -10.87
C GLY A 110 -1.99 21.14 -11.68
N PRO A 111 -1.39 22.23 -11.19
CA PRO A 111 -1.49 23.51 -11.91
C PRO A 111 -0.63 23.56 -13.17
N GLY A 112 0.30 22.63 -13.34
CA GLY A 112 1.24 22.67 -14.44
C GLY A 112 2.54 23.35 -14.06
N THR A 113 3.63 22.92 -14.68
CA THR A 113 4.94 23.53 -14.42
C THR A 113 5.60 23.84 -15.76
N LEU A 114 6.24 25.00 -15.84
CA LEU A 114 6.77 25.53 -17.09
C LEU A 114 8.21 25.05 -17.30
N VAL A 115 8.48 24.49 -18.48
CA VAL A 115 9.79 23.95 -18.83
C VAL A 115 10.25 24.56 -20.16
N THR A 116 11.47 25.09 -20.19
CA THR A 116 12.10 25.56 -21.42
C THR A 116 13.43 24.83 -21.60
N ILE A 117 13.64 24.24 -22.78
CA ILE A 117 14.92 23.64 -23.15
C ILE A 117 15.65 24.70 -23.97
N SER A 118 16.81 25.12 -23.52
CA SER A 118 17.55 26.09 -24.29
C SER A 118 18.54 25.39 -25.21
N SER A 119 19.34 26.18 -25.92
CA SER A 119 20.53 25.67 -26.57
C SER A 119 21.65 25.61 -25.54
N SER A 120 22.88 25.46 -25.99
CA SER A 120 23.98 25.36 -25.04
C SER A 120 24.24 26.69 -24.36
N SER A 121 23.96 27.78 -25.06
CA SER A 121 24.31 29.12 -24.60
C SER A 121 23.16 29.77 -23.85
N GLY A 122 22.28 28.97 -23.27
CA GLY A 122 21.18 29.45 -22.47
C GLY A 122 21.47 29.47 -20.99
N GLN A 123 21.64 30.66 -20.42
CA GLN A 123 21.69 30.93 -18.98
C GLN A 123 20.44 31.73 -18.61
N PRO A 124 20.04 31.74 -17.32
CA PRO A 124 18.89 32.59 -16.95
C PRO A 124 19.17 34.05 -17.21
N LYS A 125 18.11 34.80 -17.49
CA LYS A 125 18.23 36.21 -17.83
C LYS A 125 17.13 37.00 -17.16
N ALA A 126 17.53 38.08 -16.48
CA ALA A 126 16.57 38.93 -15.79
C ALA A 126 15.75 39.74 -16.78
N PRO A 127 14.51 40.09 -16.43
CA PRO A 127 13.70 40.92 -17.34
C PRO A 127 14.16 42.37 -17.34
N SER A 128 13.99 43.01 -18.49
CA SER A 128 13.98 44.46 -18.58
C SER A 128 12.53 44.93 -18.50
N VAL A 129 12.29 46.02 -17.77
CA VAL A 129 10.94 46.54 -17.57
C VAL A 129 10.91 47.97 -18.10
N PHE A 130 10.01 48.22 -19.05
CA PHE A 130 9.87 49.53 -19.65
C PHE A 130 8.45 50.04 -19.45
N PRO A 131 8.28 51.32 -19.13
CA PRO A 131 6.92 51.86 -18.97
C PRO A 131 6.20 51.93 -20.29
N LEU A 132 4.88 51.78 -20.19
CA LEU A 132 3.97 51.94 -21.32
C LEU A 132 3.08 53.13 -21.02
N ALA A 133 3.15 54.14 -21.89
CA ALA A 133 2.34 55.34 -21.73
C ALA A 133 2.02 55.85 -23.12
N PRO A 134 0.87 56.49 -23.31
CA PRO A 134 0.52 56.98 -24.64
C PRO A 134 1.35 58.18 -25.03
N CYS A 135 1.36 58.45 -26.33
CA CYS A 135 1.91 59.70 -26.85
CA CYS A 135 1.92 59.69 -26.84
C CYS A 135 1.10 60.88 -26.35
N CYS A 136 1.70 62.07 -26.43
CA CYS A 136 0.99 63.30 -26.09
C CYS A 136 -0.13 63.54 -27.09
N GLY A 137 -1.37 63.37 -26.63
CA GLY A 137 -2.56 63.47 -27.47
C GLY A 137 -3.29 64.79 -27.31
N ASP A 138 -3.79 65.31 -28.43
CA ASP A 138 -4.35 66.66 -28.47
C ASP A 138 -5.58 66.83 -27.60
N THR A 139 -6.31 65.75 -27.29
CA THR A 139 -7.43 65.80 -26.35
C THR A 139 -7.10 64.91 -25.15
N PRO A 140 -6.44 65.43 -24.12
CA PRO A 140 -6.19 64.60 -22.93
C PRO A 140 -7.52 64.12 -22.35
N SER A 141 -7.45 63.00 -21.64
CA SER A 141 -8.64 62.27 -21.25
C SER A 141 -8.73 62.16 -19.74
N SER A 142 -9.96 61.98 -19.25
CA SER A 142 -10.16 61.79 -17.83
C SER A 142 -9.64 60.45 -17.33
N THR A 143 -9.45 59.49 -18.23
CA THR A 143 -8.84 58.22 -17.87
C THR A 143 -7.71 57.92 -18.84
N VAL A 144 -6.78 57.09 -18.39
CA VAL A 144 -5.62 56.75 -19.20
C VAL A 144 -5.25 55.32 -18.87
N THR A 145 -4.75 54.61 -19.89
CA THR A 145 -4.23 53.26 -19.69
C THR A 145 -2.71 53.34 -19.73
N LEU A 146 -2.07 52.92 -18.64
CA LEU A 146 -0.63 52.84 -18.52
C LEU A 146 -0.22 51.38 -18.41
N GLY A 147 1.08 51.11 -18.45
CA GLY A 147 1.45 49.72 -18.35
C GLY A 147 2.95 49.53 -18.17
N CYS A 148 3.35 48.26 -18.15
CA CYS A 148 4.75 47.88 -18.14
C CYS A 148 4.97 46.76 -19.13
N LEU A 149 5.99 46.93 -19.96
CA LEU A 149 6.45 45.87 -20.87
C LEU A 149 7.60 45.17 -20.15
N VAL A 150 7.47 43.86 -19.99
CA VAL A 150 8.46 43.02 -19.34
C VAL A 150 9.13 42.22 -20.43
N LYS A 151 10.41 42.51 -20.69
CA LYS A 151 11.06 42.05 -21.91
C LYS A 151 12.32 41.25 -21.61
N GLY A 152 12.49 40.15 -22.35
CA GLY A 152 13.78 39.50 -22.46
C GLY A 152 14.19 38.66 -21.26
N TYR A 153 13.26 37.93 -20.66
CA TYR A 153 13.62 37.12 -19.50
C TYR A 153 13.63 35.64 -19.85
N LEU A 154 14.31 34.86 -19.01
CA LEU A 154 14.48 33.44 -19.23
C LEU A 154 14.89 32.78 -17.90
N PRO A 155 14.23 31.69 -17.48
CA PRO A 155 13.02 31.06 -18.01
C PRO A 155 11.77 31.76 -17.49
N GLU A 156 10.59 31.21 -17.81
CA GLU A 156 9.39 31.66 -17.15
C GLU A 156 9.35 31.11 -15.72
N PRO A 157 8.55 31.71 -14.84
CA PRO A 157 7.69 32.87 -15.06
C PRO A 157 8.19 34.17 -14.46
N VAL A 158 7.54 35.28 -14.81
CA VAL A 158 7.57 36.46 -13.98
C VAL A 158 6.18 36.61 -13.39
N THR A 159 6.10 37.29 -12.26
CA THR A 159 4.82 37.69 -11.69
C THR A 159 4.77 39.20 -11.66
N VAL A 160 3.62 39.77 -12.00
CA VAL A 160 3.42 41.21 -12.05
C VAL A 160 2.28 41.57 -11.12
N THR A 161 2.51 42.57 -10.26
CA THR A 161 1.46 43.20 -9.47
C THR A 161 1.55 44.70 -9.68
N TRP A 162 0.50 45.41 -9.26
CA TRP A 162 0.50 46.86 -9.28
C TRP A 162 0.28 47.40 -7.89
N ASN A 163 1.07 48.39 -7.52
CA ASN A 163 1.05 49.01 -6.18
C ASN A 163 1.10 47.94 -5.09
N SER A 164 2.08 47.05 -5.24
CA SER A 164 2.33 45.98 -4.25
C SER A 164 1.10 45.12 -4.05
N GLY A 165 0.28 44.97 -5.09
CA GLY A 165 -0.90 44.12 -5.02
C GLY A 165 -2.17 44.84 -4.61
N THR A 166 -2.07 46.10 -4.16
CA THR A 166 -3.27 46.82 -3.74
C THR A 166 -4.09 47.32 -4.92
N LEU A 167 -3.49 47.43 -6.11
CA LEU A 167 -4.20 47.92 -7.29
C LEU A 167 -4.49 46.71 -8.17
N THR A 168 -5.77 46.36 -8.28
CA THR A 168 -6.19 45.22 -9.08
C THR A 168 -7.29 45.59 -10.06
N ASN A 169 -8.11 46.59 -9.71
CA ASN A 169 -9.17 47.04 -10.59
C ASN A 169 -8.59 47.64 -11.86
N GLY A 170 -9.05 47.16 -13.01
CA GLY A 170 -8.61 47.70 -14.28
C GLY A 170 -7.28 47.17 -14.76
N VAL A 171 -6.71 46.17 -14.09
CA VAL A 171 -5.43 45.59 -14.47
C VAL A 171 -5.66 44.45 -15.42
N ARG A 172 -4.89 44.41 -16.51
CA ARG A 172 -4.90 43.31 -17.45
CA ARG A 172 -4.89 43.32 -17.46
C ARG A 172 -3.45 42.89 -17.71
N THR A 173 -3.09 41.68 -17.31
CA THR A 173 -1.75 41.15 -17.55
C THR A 173 -1.89 40.02 -18.57
N PHE A 174 -1.24 40.18 -19.71
CA PHE A 174 -1.43 39.27 -20.82
C PHE A 174 -0.55 38.04 -20.69
N PRO A 175 -0.93 36.95 -21.36
CA PRO A 175 -0.06 35.77 -21.40
C PRO A 175 1.28 36.13 -22.02
N SER A 176 2.32 35.44 -21.56
CA SER A 176 3.64 35.70 -22.10
C SER A 176 3.73 35.24 -23.54
N VAL A 177 4.68 35.86 -24.26
CA VAL A 177 5.06 35.46 -25.60
C VAL A 177 6.56 35.23 -25.57
N ARG A 178 7.05 34.56 -26.60
CA ARG A 178 8.45 34.23 -26.69
C ARG A 178 8.99 34.83 -27.98
N GLN A 179 9.86 35.82 -27.85
CA GLN A 179 10.34 36.53 -29.03
CA GLN A 179 10.38 36.54 -29.01
C GLN A 179 11.32 35.65 -29.82
N SER A 180 11.73 36.18 -30.98
CA SER A 180 12.64 35.46 -31.86
C SER A 180 13.97 35.13 -31.17
N SER A 181 14.37 35.96 -30.20
CA SER A 181 15.59 35.71 -29.44
C SER A 181 15.52 34.45 -28.60
N GLY A 182 14.34 33.87 -28.40
CA GLY A 182 14.17 32.79 -27.46
C GLY A 182 13.80 33.28 -26.07
N LEU A 183 13.85 34.58 -25.84
CA LEU A 183 13.53 35.18 -24.56
C LEU A 183 12.04 35.46 -24.47
N TYR A 184 11.52 35.47 -23.24
CA TYR A 184 10.10 35.69 -23.01
C TYR A 184 9.80 37.15 -22.75
N SER A 185 8.56 37.54 -23.06
CA SER A 185 8.08 38.88 -22.80
CA SER A 185 8.08 38.89 -22.79
C SER A 185 6.60 38.83 -22.43
N LEU A 186 6.17 39.80 -21.63
CA LEU A 186 4.72 39.99 -21.45
C LEU A 186 4.46 41.47 -21.23
N SER A 187 3.19 41.83 -21.37
CA SER A 187 2.72 43.19 -21.12
C SER A 187 1.68 43.16 -20.02
N SER A 188 1.70 44.17 -19.16
CA SER A 188 0.64 44.38 -18.18
C SER A 188 0.18 45.82 -18.24
N VAL A 189 -1.14 46.06 -18.36
CA VAL A 189 -1.66 47.41 -18.45
C VAL A 189 -2.71 47.62 -17.37
N VAL A 190 -2.92 48.90 -17.03
CA VAL A 190 -3.95 49.27 -16.06
C VAL A 190 -4.57 50.59 -16.47
N SER A 191 -5.89 50.69 -16.34
CA SER A 191 -6.62 51.92 -16.62
CA SER A 191 -6.62 51.92 -16.62
C SER A 191 -6.91 52.64 -15.30
N VAL A 192 -6.56 53.93 -15.25
CA VAL A 192 -6.71 54.74 -14.05
C VAL A 192 -7.27 56.10 -14.45
N THR A 193 -7.74 56.83 -13.44
CA THR A 193 -8.13 58.22 -13.65
C THR A 193 -6.88 59.07 -13.90
N SER A 194 -7.01 60.05 -14.78
CA SER A 194 -5.85 60.90 -15.10
C SER A 194 -5.42 61.75 -13.91
N SER A 195 -6.23 61.83 -12.85
CA SER A 195 -5.90 62.63 -11.68
C SER A 195 -5.23 61.83 -10.56
N SER A 196 -5.33 60.50 -10.60
CA SER A 196 -4.80 59.71 -9.49
C SER A 196 -3.27 59.71 -9.49
N GLN A 197 -2.71 59.26 -8.37
CA GLN A 197 -1.27 59.27 -8.17
C GLN A 197 -0.60 58.24 -9.07
N PRO A 198 0.71 58.36 -9.28
CA PRO A 198 1.43 57.38 -10.11
C PRO A 198 1.21 55.95 -9.64
N VAL A 199 1.23 55.04 -10.62
CA VAL A 199 1.04 53.61 -10.41
C VAL A 199 2.39 52.91 -10.64
N THR A 200 2.60 51.82 -9.91
CA THR A 200 3.87 51.11 -9.92
C THR A 200 3.64 49.64 -10.25
N CYS A 201 4.32 49.15 -11.28
CA CYS A 201 4.32 47.72 -11.55
C CYS A 201 5.49 47.09 -10.80
N ASN A 202 5.21 45.97 -10.15
CA ASN A 202 6.20 45.19 -9.42
C ASN A 202 6.40 43.88 -10.19
N VAL A 203 7.60 43.69 -10.70
CA VAL A 203 7.88 42.56 -11.58
C VAL A 203 8.92 41.69 -10.89
N ALA A 204 8.53 40.48 -10.52
CA ALA A 204 9.43 39.56 -9.83
C ALA A 204 9.83 38.44 -10.77
N HIS A 205 11.12 38.12 -10.79
CA HIS A 205 11.64 37.02 -11.58
C HIS A 205 12.46 36.12 -10.66
N PRO A 206 11.82 35.13 -10.03
CA PRO A 206 12.55 34.30 -9.05
C PRO A 206 13.77 33.60 -9.61
N ALA A 207 13.75 33.23 -10.90
CA ALA A 207 14.87 32.50 -11.48
C ALA A 207 16.18 33.29 -11.46
N THR A 208 16.12 34.62 -11.38
CA THR A 208 17.31 35.45 -11.23
C THR A 208 17.32 36.24 -9.92
N ASN A 209 16.46 35.88 -8.97
CA ASN A 209 16.41 36.56 -7.67
C ASN A 209 16.27 38.07 -7.86
N THR A 210 15.44 38.46 -8.84
CA THR A 210 15.30 39.86 -9.24
C THR A 210 13.87 40.31 -9.03
N LYS A 211 13.70 41.52 -8.51
CA LYS A 211 12.43 42.24 -8.58
C LYS A 211 12.70 43.66 -9.07
N VAL A 212 11.86 44.12 -9.98
CA VAL A 212 12.00 45.46 -10.55
C VAL A 212 10.67 46.18 -10.38
N ASP A 213 10.72 47.38 -9.81
CA ASP A 213 9.57 48.27 -9.71
C ASP A 213 9.77 49.43 -10.67
N LYS A 214 8.75 49.72 -11.49
CA LYS A 214 8.72 50.90 -12.34
C LYS A 214 7.49 51.68 -11.98
N THR A 215 7.68 52.94 -11.59
CA THR A 215 6.58 53.85 -11.37
C THR A 215 6.28 54.57 -12.67
N VAL A 216 5.03 54.48 -13.13
CA VAL A 216 4.63 54.91 -14.46
C VAL A 216 3.76 56.15 -14.35
N ALA A 217 4.10 57.19 -15.10
CA ALA A 217 3.37 58.45 -15.13
C ALA A 217 2.99 58.81 -16.57
N PRO A 218 1.87 59.50 -16.76
CA PRO A 218 1.57 60.04 -18.10
C PRO A 218 2.66 60.98 -18.59
N SER A 219 2.92 60.93 -19.90
CA SER A 219 3.99 61.72 -20.51
C SER A 219 3.83 63.20 -20.23
N THR A 220 4.95 63.92 -20.28
CA THR A 220 4.95 65.36 -19.98
C THR A 220 4.29 66.12 -21.12
N CYS A 221 3.09 66.65 -20.84
CA CYS A 221 2.28 67.48 -21.73
C CYS A 221 0.94 67.84 -21.07
N ASP B 1 -5.36 5.63 -31.62
CA ASP B 1 -5.54 7.08 -31.73
C ASP B 1 -7.01 7.45 -31.53
N MET B 2 -7.25 8.71 -31.14
CA MET B 2 -8.59 9.29 -31.11
C MET B 2 -8.59 10.45 -32.08
N THR B 3 -9.45 10.39 -33.10
CA THR B 3 -9.52 11.44 -34.12
C THR B 3 -10.72 12.33 -33.82
N GLN B 4 -10.42 13.61 -33.56
CA GLN B 4 -11.40 14.62 -33.17
C GLN B 4 -11.68 15.57 -34.31
N THR B 5 -12.95 15.70 -34.66
CA THR B 5 -13.45 16.65 -35.63
C THR B 5 -14.56 17.45 -34.98
N PRO B 6 -14.72 18.71 -35.36
CA PRO B 6 -13.74 19.44 -36.17
C PRO B 6 -12.64 19.89 -35.22
N SER B 7 -11.55 20.47 -35.71
CA SER B 7 -10.54 20.99 -34.79
C SER B 7 -10.96 22.29 -34.13
N SER B 8 -11.94 23.01 -34.70
CA SER B 8 -12.46 24.23 -34.11
C SER B 8 -13.91 24.39 -34.54
N LYS B 9 -14.69 25.08 -33.71
CA LYS B 9 -16.11 25.34 -33.95
C LYS B 9 -16.50 26.62 -33.23
N SER B 10 -17.34 27.44 -33.87
CA SER B 10 -17.96 28.60 -33.24
C SER B 10 -19.43 28.31 -33.01
N VAL B 11 -19.94 28.65 -31.84
CA VAL B 11 -21.34 28.39 -31.50
C VAL B 11 -21.93 29.62 -30.82
N PRO B 12 -23.09 30.11 -31.26
CA PRO B 12 -23.71 31.25 -30.59
C PRO B 12 -24.15 30.91 -29.18
N VAL B 13 -24.10 31.92 -28.30
CA VAL B 13 -24.62 31.76 -26.95
C VAL B 13 -26.05 31.22 -27.02
N GLY B 14 -26.33 30.24 -26.17
CA GLY B 14 -27.65 29.63 -26.11
C GLY B 14 -27.86 28.44 -27.01
N ASP B 15 -27.03 28.27 -28.04
CA ASP B 15 -27.19 27.15 -28.95
C ASP B 15 -26.51 25.90 -28.40
N THR B 16 -26.51 24.84 -29.21
CA THR B 16 -25.93 23.55 -28.86
C THR B 16 -24.78 23.24 -29.81
N VAL B 17 -23.68 22.72 -29.26
CA VAL B 17 -22.51 22.36 -30.03
C VAL B 17 -22.20 20.88 -29.78
N THR B 18 -21.75 20.20 -30.82
CA THR B 18 -21.38 18.79 -30.72
C THR B 18 -19.92 18.62 -31.10
N ILE B 19 -19.22 17.76 -30.36
CA ILE B 19 -17.82 17.44 -30.60
C ILE B 19 -17.69 15.95 -30.86
N ASN B 20 -16.97 15.59 -31.91
CA ASN B 20 -16.87 14.21 -32.36
C ASN B 20 -15.52 13.61 -32.02
N CYS B 21 -15.52 12.30 -31.75
CA CYS B 21 -14.31 11.59 -31.35
CA CYS B 21 -14.31 11.58 -31.36
C CYS B 21 -14.40 10.17 -31.89
N GLN B 22 -13.52 9.82 -32.83
CA GLN B 22 -13.52 8.48 -33.41
C GLN B 22 -12.28 7.74 -32.95
N ALA B 23 -12.50 6.62 -32.26
CA ALA B 23 -11.39 5.78 -31.82
C ALA B 23 -10.95 4.90 -32.98
N SER B 24 -9.62 4.74 -33.13
CA SER B 24 -9.06 3.95 -34.22
C SER B 24 -9.32 2.45 -34.04
N GLU B 25 -9.63 2.04 -32.81
CA GLU B 25 -10.08 0.69 -32.49
C GLU B 25 -10.97 0.82 -31.26
N SER B 26 -11.65 -0.26 -30.90
CA SER B 26 -12.52 -0.19 -29.73
C SER B 26 -11.71 0.17 -28.48
N VAL B 27 -12.28 1.04 -27.65
CA VAL B 27 -11.71 1.25 -26.33
C VAL B 27 -12.11 0.09 -25.42
N TYR B 28 -11.40 -0.06 -24.29
CA TYR B 28 -11.67 -1.20 -23.42
C TYR B 28 -13.13 -1.20 -22.99
N SER B 29 -13.77 -2.38 -23.09
CA SER B 29 -15.17 -2.57 -22.71
C SER B 29 -16.09 -1.57 -23.45
N ASN B 30 -15.60 -0.98 -24.53
CA ASN B 30 -16.31 0.05 -25.28
C ASN B 30 -16.75 1.23 -24.41
N ASN B 31 -16.15 1.42 -23.23
CA ASN B 31 -16.60 2.53 -22.42
C ASN B 31 -15.49 3.29 -21.70
N ARG B 32 -14.22 2.94 -21.88
CA ARG B 32 -13.14 3.68 -21.19
C ARG B 32 -12.84 4.93 -22.03
N LEU B 33 -13.65 5.96 -21.83
CA LEU B 33 -13.60 7.17 -22.63
C LEU B 33 -13.98 8.34 -21.72
N SER B 34 -13.11 9.33 -21.60
CA SER B 34 -13.39 10.53 -20.82
C SER B 34 -13.32 11.76 -21.72
N TRP B 35 -14.03 12.82 -21.29
CA TRP B 35 -13.96 14.12 -21.93
C TRP B 35 -13.39 15.13 -20.93
N PHE B 36 -12.54 16.02 -21.44
CA PHE B 36 -11.91 17.08 -20.66
C PHE B 36 -12.15 18.44 -21.28
N GLN B 37 -12.23 19.44 -20.41
CA GLN B 37 -12.29 20.85 -20.78
C GLN B 37 -10.99 21.50 -20.36
N GLN B 38 -10.34 22.24 -21.28
CA GLN B 38 -9.15 22.99 -20.89
C GLN B 38 -9.24 24.42 -21.42
N LYS B 39 -9.21 25.38 -20.51
CA LYS B 39 -9.12 26.79 -20.84
C LYS B 39 -7.64 27.23 -20.82
N PRO B 40 -7.25 28.13 -21.72
CA PRO B 40 -5.84 28.52 -21.78
C PRO B 40 -5.35 29.03 -20.44
N GLY B 41 -4.16 28.57 -20.05
CA GLY B 41 -3.58 28.95 -18.78
C GLY B 41 -4.03 28.11 -17.61
N GLN B 42 -4.91 27.14 -17.83
CA GLN B 42 -5.43 26.27 -16.78
C GLN B 42 -5.11 24.82 -17.09
N PRO B 43 -5.11 23.95 -16.09
CA PRO B 43 -5.00 22.50 -16.36
C PRO B 43 -6.31 21.99 -16.94
N PRO B 44 -6.28 20.83 -17.58
CA PRO B 44 -7.53 20.19 -18.01
C PRO B 44 -8.43 19.94 -16.81
N LYS B 45 -9.73 19.91 -17.08
CA LYS B 45 -10.75 19.59 -16.09
C LYS B 45 -11.58 18.41 -16.59
N LEU B 46 -11.77 17.40 -15.75
CA LEU B 46 -12.61 16.28 -16.15
C LEU B 46 -14.09 16.69 -16.25
N LEU B 47 -14.72 16.39 -17.39
CA LEU B 47 -16.14 16.67 -17.59
C LEU B 47 -16.99 15.43 -17.45
N ILE B 48 -16.61 14.37 -18.17
CA ILE B 48 -17.39 13.15 -18.30
C ILE B 48 -16.44 11.97 -18.28
N TYR B 49 -16.84 10.89 -17.60
CA TYR B 49 -16.08 9.65 -17.65
C TYR B 49 -17.02 8.48 -17.96
N LEU B 50 -16.43 7.37 -18.38
CA LEU B 50 -17.18 6.17 -18.76
C LEU B 50 -18.30 6.52 -19.73
N VAL B 51 -17.94 7.32 -20.73
CA VAL B 51 -18.74 7.71 -21.89
C VAL B 51 -19.76 8.78 -21.56
N SER B 52 -20.53 8.59 -20.49
CA SER B 52 -21.70 9.44 -20.26
CA SER B 52 -21.70 9.42 -20.26
C SER B 52 -21.88 9.93 -18.83
N THR B 53 -21.00 9.57 -17.89
CA THR B 53 -21.21 9.96 -16.49
C THR B 53 -20.57 11.31 -16.19
N LEU B 54 -21.38 12.24 -15.65
CA LEU B 54 -20.88 13.58 -15.31
C LEU B 54 -19.98 13.56 -14.10
N ALA B 55 -18.86 14.28 -14.20
CA ALA B 55 -18.00 14.55 -13.06
C ALA B 55 -18.71 15.49 -12.08
N SER B 56 -18.22 15.50 -10.85
CA SER B 56 -18.84 16.32 -9.81
C SER B 56 -18.79 17.80 -10.19
N GLY B 57 -19.90 18.49 -9.97
CA GLY B 57 -19.99 19.91 -10.28
C GLY B 57 -20.30 20.24 -11.72
N VAL B 58 -20.27 19.26 -12.62
CA VAL B 58 -20.48 19.53 -14.05
C VAL B 58 -21.99 19.52 -14.32
N PRO B 59 -22.53 20.54 -14.98
CA PRO B 59 -23.98 20.58 -15.20
C PRO B 59 -24.41 19.65 -16.34
N SER B 60 -25.66 19.21 -16.26
CA SER B 60 -26.17 18.19 -17.17
C SER B 60 -26.37 18.68 -18.60
N ARG B 61 -26.18 19.98 -18.87
CA ARG B 61 -26.18 20.37 -20.28
C ARG B 61 -24.95 19.85 -21.03
N PHE B 62 -23.95 19.31 -20.32
CA PHE B 62 -22.91 18.50 -20.93
C PHE B 62 -23.40 17.06 -21.00
N LYS B 63 -23.39 16.48 -22.19
CA LYS B 63 -23.89 15.13 -22.43
C LYS B 63 -22.90 14.34 -23.27
N GLY B 64 -22.59 13.12 -22.85
CA GLY B 64 -21.73 12.23 -23.62
C GLY B 64 -22.45 10.98 -24.08
N SER B 65 -22.14 10.53 -25.31
CA SER B 65 -22.70 9.30 -25.81
C SER B 65 -21.60 8.52 -26.53
N GLY B 66 -21.90 7.27 -26.83
CA GLY B 66 -20.95 6.46 -27.58
C GLY B 66 -21.62 5.27 -28.19
N SER B 67 -21.04 4.78 -29.28
CA SER B 67 -21.54 3.59 -29.95
C SER B 67 -20.39 3.03 -30.77
N GLY B 68 -19.97 1.81 -30.47
CA GLY B 68 -18.84 1.23 -31.17
C GLY B 68 -17.60 2.08 -30.87
N THR B 69 -17.02 2.67 -31.92
CA THR B 69 -15.80 3.47 -31.82
C THR B 69 -16.07 4.97 -31.91
N GLN B 70 -17.34 5.36 -31.95
CA GLN B 70 -17.73 6.75 -32.11
C GLN B 70 -18.26 7.30 -30.80
N PHE B 71 -17.75 8.48 -30.42
CA PHE B 71 -18.16 9.13 -29.17
C PHE B 71 -18.45 10.59 -29.47
N THR B 72 -19.45 11.13 -28.76
CA THR B 72 -19.89 12.49 -29.02
C THR B 72 -20.12 13.21 -27.70
N LEU B 73 -19.64 14.45 -27.64
CA LEU B 73 -19.91 15.36 -26.54
C LEU B 73 -20.86 16.43 -27.06
N THR B 74 -21.96 16.65 -26.36
CA THR B 74 -22.91 17.69 -26.72
CA THR B 74 -22.94 17.66 -26.71
C THR B 74 -23.02 18.67 -25.57
N ILE B 75 -22.89 19.96 -25.88
CA ILE B 75 -23.04 21.02 -24.89
C ILE B 75 -24.24 21.85 -25.30
N SER B 76 -25.30 21.84 -24.49
CA SER B 76 -26.49 22.61 -24.79
C SER B 76 -26.52 23.89 -23.97
N ASP B 77 -27.34 24.84 -24.42
CA ASP B 77 -27.49 26.13 -23.74
C ASP B 77 -26.11 26.74 -23.46
N VAL B 78 -25.30 26.81 -24.52
CA VAL B 78 -23.91 27.24 -24.37
C VAL B 78 -23.86 28.66 -23.81
N VAL B 79 -22.91 28.88 -22.91
CA VAL B 79 -22.63 30.20 -22.35
C VAL B 79 -21.16 30.51 -22.61
N CYS B 80 -20.80 31.79 -22.41
CA CYS B 80 -19.44 32.23 -22.70
C CYS B 80 -18.43 31.47 -21.87
N ASP B 81 -18.83 31.02 -20.68
CA ASP B 81 -17.96 30.25 -19.82
C ASP B 81 -17.59 28.90 -20.42
N ASP B 82 -18.28 28.47 -21.48
CA ASP B 82 -17.96 27.19 -22.13
C ASP B 82 -16.82 27.30 -23.15
N ALA B 83 -16.31 28.50 -23.39
CA ALA B 83 -15.19 28.66 -24.32
C ALA B 83 -13.97 27.92 -23.78
N ALA B 84 -13.44 26.99 -24.58
CA ALA B 84 -12.37 26.12 -24.13
C ALA B 84 -12.02 25.17 -25.27
N THR B 85 -10.93 24.42 -25.07
CA THR B 85 -10.63 23.29 -25.94
C THR B 85 -11.09 22.01 -25.26
N TYR B 86 -11.80 21.16 -26.00
CA TYR B 86 -12.36 19.93 -25.45
C TYR B 86 -11.61 18.73 -26.02
N TYR B 87 -11.24 17.79 -25.15
CA TYR B 87 -10.47 16.61 -25.52
C TYR B 87 -11.22 15.36 -25.12
N CYS B 88 -11.22 14.36 -26.01
CA CYS B 88 -11.53 13.02 -25.58
C CYS B 88 -10.25 12.25 -25.33
N VAL B 89 -10.31 11.33 -24.36
CA VAL B 89 -9.21 10.41 -24.06
C VAL B 89 -9.78 9.00 -23.99
N GLY B 90 -9.21 8.10 -24.80
CA GLY B 90 -9.62 6.70 -24.81
C GLY B 90 -8.54 5.80 -24.26
N TYR B 91 -8.95 4.68 -23.65
CA TYR B 91 -8.05 3.71 -23.05
C TYR B 91 -8.37 2.31 -23.56
N LYS B 92 -7.33 1.58 -23.96
CA LYS B 92 -7.44 0.17 -24.32
C LYS B 92 -6.70 -0.75 -23.35
N SER B 93 -5.48 -0.40 -22.94
CA SER B 93 -4.72 -1.29 -22.07
C SER B 93 -3.59 -0.51 -21.43
N SER B 94 -3.05 -1.08 -20.34
CA SER B 94 -1.95 -0.46 -19.60
C SER B 94 -0.62 -0.92 -20.20
N THR B 95 -0.40 -0.49 -21.45
CA THR B 95 0.72 -0.91 -22.27
C THR B 95 1.23 0.29 -23.05
N THR B 96 2.34 0.11 -23.76
CA THR B 96 2.86 1.17 -24.60
C THR B 96 1.78 1.61 -25.58
N ASP B 97 1.58 2.92 -25.65
CA ASP B 97 0.57 3.52 -26.51
C ASP B 97 -0.82 2.97 -26.23
N GLY B 98 -1.08 2.56 -24.98
CA GLY B 98 -2.33 1.92 -24.67
C GLY B 98 -3.49 2.85 -24.42
N LEU B 99 -3.24 4.15 -24.29
CA LEU B 99 -4.30 5.14 -24.26
C LEU B 99 -3.94 6.24 -25.25
N ALA B 100 -4.93 7.06 -25.60
CA ALA B 100 -4.61 8.15 -26.52
C ALA B 100 -5.49 9.35 -26.24
N PHE B 101 -4.92 10.52 -26.51
CA PHE B 101 -5.62 11.80 -26.47
C PHE B 101 -6.06 12.18 -27.88
N GLY B 102 -7.29 12.67 -27.99
CA GLY B 102 -7.69 13.34 -29.23
C GLY B 102 -6.91 14.63 -29.43
N GLY B 103 -6.96 15.15 -30.66
CA GLY B 103 -6.26 16.39 -30.96
C GLY B 103 -6.92 17.64 -30.40
N GLY B 104 -8.14 17.53 -29.87
CA GLY B 104 -8.82 18.66 -29.30
C GLY B 104 -9.72 19.36 -30.29
N THR B 105 -10.79 19.95 -29.76
CA THR B 105 -11.69 20.82 -30.53
C THR B 105 -11.82 22.13 -29.77
N GLU B 106 -11.33 23.21 -30.37
CA GLU B 106 -11.48 24.53 -29.79
C GLU B 106 -12.90 25.04 -30.05
N VAL B 107 -13.62 25.35 -28.98
CA VAL B 107 -14.96 25.90 -29.07
C VAL B 107 -14.88 27.39 -28.76
N VAL B 108 -15.24 28.21 -29.75
CA VAL B 108 -15.35 29.65 -29.60
C VAL B 108 -16.83 29.97 -29.44
N VAL B 109 -17.17 30.70 -28.38
CA VAL B 109 -18.56 31.04 -28.09
C VAL B 109 -18.84 32.44 -28.65
N LYS B 110 -19.87 32.55 -29.49
CA LYS B 110 -20.17 33.79 -30.18
C LYS B 110 -21.13 34.62 -29.36
N GLY B 111 -20.63 35.71 -28.77
CA GLY B 111 -21.47 36.74 -28.20
C GLY B 111 -21.81 37.80 -29.23
N ASP B 112 -22.20 38.97 -28.74
CA ASP B 112 -22.40 40.10 -29.65
C ASP B 112 -21.07 40.56 -30.24
N PRO B 113 -21.03 40.90 -31.52
CA PRO B 113 -19.80 41.48 -32.08
C PRO B 113 -19.56 42.87 -31.52
N VAL B 114 -18.30 43.19 -31.29
CA VAL B 114 -17.92 44.53 -30.83
C VAL B 114 -16.50 44.80 -31.30
N ALA B 115 -16.30 45.98 -31.90
CA ALA B 115 -14.98 46.35 -32.39
C ALA B 115 -14.07 46.74 -31.23
N PRO B 116 -12.78 46.43 -31.32
CA PRO B 116 -11.85 46.80 -30.25
C PRO B 116 -11.66 48.30 -30.18
N THR B 117 -11.35 48.77 -28.97
CA THR B 117 -10.66 50.04 -28.82
C THR B 117 -9.17 49.73 -28.76
N VAL B 118 -8.37 50.46 -29.51
CA VAL B 118 -6.97 50.11 -29.74
C VAL B 118 -6.08 51.20 -29.15
N LEU B 119 -5.06 50.77 -28.43
CA LEU B 119 -4.06 51.68 -27.87
C LEU B 119 -2.70 51.32 -28.46
N ILE B 120 -1.87 52.33 -28.75
CA ILE B 120 -0.50 52.10 -29.16
C ILE B 120 0.43 52.78 -28.18
N PHE B 121 1.57 52.13 -27.89
CA PHE B 121 2.50 52.61 -26.88
C PHE B 121 3.87 52.75 -27.50
N PRO B 122 4.35 53.96 -27.75
CA PRO B 122 5.70 54.13 -28.30
C PRO B 122 6.73 53.59 -27.31
N PRO B 123 7.90 53.21 -27.80
CA PRO B 123 8.92 52.68 -26.89
C PRO B 123 9.37 53.73 -25.89
N ALA B 124 9.46 53.31 -24.63
CA ALA B 124 10.04 54.15 -23.59
C ALA B 124 11.41 54.65 -24.02
N ALA B 125 11.79 55.81 -23.48
CA ALA B 125 12.98 56.50 -23.94
C ALA B 125 14.25 55.66 -23.74
N ASP B 126 14.27 54.75 -22.77
CA ASP B 126 15.47 53.99 -22.48
C ASP B 126 15.59 52.71 -23.31
N GLN B 127 14.62 52.42 -24.17
CA GLN B 127 14.70 51.22 -24.99
C GLN B 127 15.78 51.33 -26.07
N VAL B 128 15.87 52.47 -26.76
CA VAL B 128 16.60 52.50 -28.02
C VAL B 128 18.10 52.27 -27.83
N ALA B 129 18.65 52.67 -26.68
CA ALA B 129 20.07 52.47 -26.42
C ALA B 129 20.47 51.00 -26.33
N THR B 130 19.52 50.10 -26.12
CA THR B 130 19.78 48.68 -26.02
C THR B 130 19.99 48.00 -27.37
N GLY B 131 19.72 48.69 -28.49
CA GLY B 131 19.88 48.12 -29.81
C GLY B 131 18.62 47.52 -30.42
N THR B 132 17.56 47.36 -29.63
CA THR B 132 16.25 47.02 -30.18
C THR B 132 15.18 47.82 -29.45
N VAL B 133 14.05 48.03 -30.14
CA VAL B 133 12.89 48.67 -29.54
C VAL B 133 11.67 47.80 -29.78
N THR B 134 10.77 47.76 -28.80
CA THR B 134 9.54 47.00 -28.89
C THR B 134 8.37 47.96 -28.73
N ILE B 135 7.53 48.02 -29.74
CA ILE B 135 6.32 48.83 -29.72
C ILE B 135 5.17 47.93 -29.32
N VAL B 136 4.26 48.44 -28.49
CA VAL B 136 3.14 47.63 -27.98
C VAL B 136 1.82 48.20 -28.48
N CYS B 137 0.95 47.32 -28.97
CA CYS B 137 -0.41 47.64 -29.35
CA CYS B 137 -0.42 47.67 -29.31
C CYS B 137 -1.38 46.77 -28.57
N VAL B 138 -2.39 47.38 -27.95
CA VAL B 138 -3.38 46.65 -27.16
C VAL B 138 -4.75 46.85 -27.80
N ALA B 139 -5.45 45.75 -28.05
CA ALA B 139 -6.82 45.77 -28.54
C ALA B 139 -7.73 45.28 -27.41
N ASN B 140 -8.65 46.14 -26.97
CA ASN B 140 -9.46 45.87 -25.79
C ASN B 140 -10.88 45.44 -26.16
N LYS B 141 -11.36 44.40 -25.48
CA LYS B 141 -12.78 44.04 -25.40
C LYS B 141 -13.44 43.95 -26.78
N TYR B 142 -13.08 42.89 -27.52
CA TYR B 142 -13.54 42.74 -28.89
C TYR B 142 -14.05 41.33 -29.13
N PHE B 143 -14.95 41.21 -30.12
CA PHE B 143 -15.37 39.93 -30.64
C PHE B 143 -15.95 40.18 -32.01
N PRO B 144 -15.67 39.33 -33.02
CA PRO B 144 -14.89 38.09 -32.98
C PRO B 144 -13.39 38.30 -33.02
N ASP B 145 -12.64 37.21 -33.26
CA ASP B 145 -11.18 37.25 -33.27
C ASP B 145 -10.66 38.25 -34.30
N VAL B 146 -9.46 38.77 -34.05
CA VAL B 146 -8.86 39.77 -34.92
C VAL B 146 -7.60 39.20 -35.57
N THR B 147 -7.19 39.86 -36.64
CA THR B 147 -5.86 39.70 -37.20
C THR B 147 -5.15 41.04 -37.10
N VAL B 148 -3.86 41.03 -36.79
CA VAL B 148 -3.11 42.25 -36.55
C VAL B 148 -2.06 42.41 -37.64
N THR B 149 -1.98 43.61 -38.20
CA THR B 149 -0.97 44.00 -39.17
CA THR B 149 -0.89 43.92 -39.09
C THR B 149 -0.22 45.20 -38.60
N TRP B 150 1.09 45.24 -38.82
CA TRP B 150 1.92 46.39 -38.46
C TRP B 150 2.46 47.04 -39.72
N GLU B 151 2.46 48.36 -39.75
CA GLU B 151 3.06 49.10 -40.86
C GLU B 151 4.06 50.11 -40.33
N VAL B 152 5.17 50.25 -41.06
CA VAL B 152 6.19 51.22 -40.75
C VAL B 152 6.37 52.09 -41.99
N ASP B 153 6.05 53.39 -41.87
CA ASP B 153 6.01 54.31 -43.01
C ASP B 153 5.27 53.69 -44.19
N GLY B 154 4.15 53.02 -43.89
CA GLY B 154 3.29 52.44 -44.91
C GLY B 154 3.68 51.05 -45.39
N THR B 155 4.80 50.50 -44.93
CA THR B 155 5.23 49.17 -45.35
C THR B 155 4.82 48.12 -44.33
N THR B 156 4.11 47.09 -44.78
CA THR B 156 3.67 46.01 -43.89
C THR B 156 4.87 45.22 -43.37
N GLN B 157 4.88 44.95 -42.05
CA GLN B 157 5.96 44.20 -41.42
C GLN B 157 5.69 42.70 -41.47
N THR B 158 6.74 41.92 -41.70
CA THR B 158 6.58 40.48 -41.89
C THR B 158 7.34 39.65 -40.86
N THR B 159 8.10 40.29 -39.99
CA THR B 159 8.83 39.59 -38.94
C THR B 159 8.85 40.45 -37.69
N GLY B 160 9.24 39.85 -36.57
CA GLY B 160 9.38 40.61 -35.34
C GLY B 160 8.09 40.91 -34.61
N ILE B 161 7.03 40.15 -34.88
CA ILE B 161 5.70 40.41 -34.34
C ILE B 161 5.29 39.24 -33.47
N GLU B 162 4.82 39.53 -32.26
CA GLU B 162 4.21 38.52 -31.41
C GLU B 162 2.87 39.01 -30.92
N ASN B 163 1.95 38.06 -30.74
CA ASN B 163 0.60 38.36 -30.29
C ASN B 163 0.26 37.50 -29.09
N SER B 164 -0.40 38.11 -28.11
CA SER B 164 -0.86 37.43 -26.93
C SER B 164 -2.30 37.80 -26.66
N LYS B 165 -3.16 36.80 -26.48
CA LYS B 165 -4.60 37.00 -26.37
C LYS B 165 -5.10 36.47 -25.03
N THR B 166 -5.91 37.26 -24.34
CA THR B 166 -6.58 36.75 -23.15
C THR B 166 -7.74 35.84 -23.57
N PRO B 167 -8.11 34.87 -22.73
CA PRO B 167 -9.21 33.97 -23.10
C PRO B 167 -10.53 34.73 -23.12
N GLN B 168 -11.49 34.17 -23.86
CA GLN B 168 -12.81 34.77 -23.96
C GLN B 168 -13.36 35.05 -22.57
N ASN B 169 -13.90 36.24 -22.41
CA ASN B 169 -14.48 36.64 -21.13
C ASN B 169 -15.68 35.77 -20.79
N SER B 170 -15.66 35.20 -19.58
CA SER B 170 -16.72 34.27 -19.18
C SER B 170 -18.08 34.95 -19.08
N ALA B 171 -18.12 36.28 -19.05
CA ALA B 171 -19.37 37.01 -18.97
C ALA B 171 -19.89 37.49 -20.33
N ASP B 172 -19.05 38.11 -21.16
CA ASP B 172 -19.54 38.70 -22.40
C ASP B 172 -18.83 38.20 -23.65
N CYS B 173 -17.98 37.18 -23.51
CA CYS B 173 -17.34 36.46 -24.61
C CYS B 173 -16.22 37.25 -25.29
N THR B 174 -15.93 38.47 -24.85
CA THR B 174 -14.94 39.29 -25.56
C THR B 174 -13.51 38.90 -25.21
N TYR B 175 -12.62 39.24 -26.13
CA TYR B 175 -11.18 39.06 -25.99
C TYR B 175 -10.47 40.37 -25.67
N ASN B 176 -9.21 40.25 -25.24
CA ASN B 176 -8.24 41.33 -25.26
C ASN B 176 -6.94 40.80 -25.85
N LEU B 177 -6.17 41.69 -26.48
CA LEU B 177 -4.98 41.27 -27.19
C LEU B 177 -3.86 42.27 -27.02
N SER B 178 -2.64 41.75 -26.85
CA SER B 178 -1.43 42.55 -26.86
C SER B 178 -0.57 42.11 -28.03
N SER B 179 -0.24 43.04 -28.93
CA SER B 179 0.63 42.77 -30.07
C SER B 179 1.91 43.58 -29.93
N THR B 180 3.05 42.97 -30.23
CA THR B 180 4.31 43.69 -30.16
C THR B 180 5.05 43.60 -31.49
N LEU B 181 5.70 44.70 -31.85
CA LEU B 181 6.61 44.77 -32.98
C LEU B 181 7.99 45.16 -32.47
N THR B 182 8.98 44.32 -32.75
CA THR B 182 10.35 44.56 -32.32
C THR B 182 11.21 44.84 -33.54
N LEU B 183 11.96 45.94 -33.48
CA LEU B 183 12.81 46.38 -34.56
C LEU B 183 14.20 46.67 -34.00
N THR B 184 15.20 46.66 -34.87
CA THR B 184 16.49 47.15 -34.44
C THR B 184 16.42 48.65 -34.24
N SER B 185 17.32 49.16 -33.40
CA SER B 185 17.34 50.58 -33.12
C SER B 185 17.57 51.41 -34.37
N THR B 186 18.40 50.95 -35.30
CA THR B 186 18.61 51.74 -36.50
CA THR B 186 18.61 51.75 -36.50
C THR B 186 17.37 51.73 -37.38
N GLN B 187 16.65 50.60 -37.45
CA GLN B 187 15.38 50.61 -38.16
C GLN B 187 14.41 51.61 -37.55
N TYR B 188 14.31 51.61 -36.22
CA TYR B 188 13.35 52.51 -35.55
C TYR B 188 13.71 53.97 -35.79
N ASN B 189 15.00 54.31 -35.73
CA ASN B 189 15.39 55.70 -35.91
C ASN B 189 15.34 56.14 -37.37
N SER B 190 15.21 55.21 -38.30
CA SER B 190 15.18 55.50 -39.73
C SER B 190 13.78 55.72 -40.26
N HIS B 191 12.76 55.61 -39.42
CA HIS B 191 11.39 55.69 -39.89
C HIS B 191 10.55 56.52 -38.93
N LYS B 192 9.40 56.97 -39.43
CA LYS B 192 8.61 57.96 -38.70
C LYS B 192 7.26 57.44 -38.22
N GLU B 193 6.47 56.84 -39.10
CA GLU B 193 5.08 56.51 -38.79
C GLU B 193 4.96 55.03 -38.44
N TYR B 194 4.42 54.74 -37.26
CA TYR B 194 4.23 53.39 -36.79
C TYR B 194 2.75 53.11 -36.58
N THR B 195 2.27 52.03 -37.18
CA THR B 195 0.84 51.81 -37.31
C THR B 195 0.50 50.38 -36.92
N CYS B 196 -0.50 50.22 -36.05
CA CYS B 196 -1.08 48.94 -35.70
CA CYS B 196 -1.04 48.90 -35.80
C CYS B 196 -2.49 48.88 -36.25
N LYS B 197 -2.82 47.87 -37.04
CA LYS B 197 -4.13 47.73 -37.67
C LYS B 197 -4.74 46.44 -37.19
N VAL B 198 -5.90 46.53 -36.55
CA VAL B 198 -6.58 45.41 -35.93
C VAL B 198 -7.86 45.16 -36.71
N THR B 199 -7.94 44.00 -37.36
CA THR B 199 -9.00 43.72 -38.33
C THR B 199 -9.88 42.55 -37.93
N GLN B 200 -11.20 42.74 -38.08
CA GLN B 200 -12.25 41.75 -37.86
C GLN B 200 -13.03 41.65 -39.16
N GLY B 201 -12.56 40.85 -40.10
CA GLY B 201 -13.25 40.75 -41.37
C GLY B 201 -13.37 42.08 -42.07
N THR B 202 -14.59 42.61 -42.18
CA THR B 202 -14.83 43.89 -42.86
C THR B 202 -14.66 45.10 -41.96
N THR B 203 -14.30 44.90 -40.69
CA THR B 203 -14.05 45.99 -39.75
C THR B 203 -12.57 46.09 -39.44
N SER B 204 -12.03 47.30 -39.42
CA SER B 204 -10.66 47.52 -38.94
C SER B 204 -10.61 48.74 -38.03
N VAL B 205 -9.76 48.66 -37.01
CA VAL B 205 -9.46 49.79 -36.13
C VAL B 205 -7.95 49.99 -36.19
N VAL B 206 -7.53 51.22 -36.48
CA VAL B 206 -6.15 51.55 -36.79
C VAL B 206 -5.66 52.59 -35.79
N GLN B 207 -4.49 52.37 -35.22
CA GLN B 207 -3.90 53.34 -34.31
C GLN B 207 -2.44 53.53 -34.68
N SER B 208 -1.99 54.78 -34.72
CA SER B 208 -0.65 55.12 -35.17
C SER B 208 0.01 56.08 -34.20
N PHE B 209 1.33 56.23 -34.34
CA PHE B 209 2.00 57.39 -33.81
C PHE B 209 3.16 57.72 -34.74
N ASN B 210 3.64 58.95 -34.63
CA ASN B 210 4.79 59.43 -35.40
CA ASN B 210 4.80 59.43 -35.39
C ASN B 210 5.94 59.67 -34.43
N ARG B 211 7.08 59.03 -34.68
CA ARG B 211 8.20 58.96 -33.73
C ARG B 211 8.62 60.34 -33.22
N GLY B 212 8.59 61.35 -34.09
CA GLY B 212 9.02 62.68 -33.66
C GLY B 212 8.10 63.34 -32.64
N ASP B 213 6.87 62.85 -32.50
CA ASP B 213 5.87 63.47 -31.64
C ASP B 213 5.77 62.84 -30.25
N CYS B 214 6.57 61.81 -29.96
CA CYS B 214 6.50 61.17 -28.65
C CYS B 214 7.91 60.96 -28.07
N PCA C 1 -6.53 -16.61 -7.83
CA PCA C 1 -7.20 -15.39 -7.45
CB PCA C 1 -7.54 -14.50 -8.63
CG PCA C 1 -7.35 -15.39 -9.86
CD PCA C 1 -6.65 -16.59 -9.29
OE PCA C 1 -6.20 -17.48 -10.01
C PCA C 1 -8.45 -15.85 -6.72
O PCA C 1 -9.53 -15.94 -7.29
N SER C 2 -8.29 -16.19 -5.45
CA SER C 2 -9.38 -16.72 -4.64
C SER C 2 -9.11 -16.44 -3.16
N VAL C 3 -10.16 -16.47 -2.34
CA VAL C 3 -10.00 -16.39 -0.90
C VAL C 3 -10.55 -17.66 -0.27
N GLU C 4 -10.12 -17.91 0.97
CA GLU C 4 -10.57 -19.08 1.70
C GLU C 4 -10.58 -18.78 3.19
N GLU C 5 -11.63 -19.22 3.88
CA GLU C 5 -11.68 -19.11 5.33
C GLU C 5 -10.90 -20.24 5.97
N SER C 6 -10.19 -19.92 7.06
CA SER C 6 -9.47 -20.94 7.80
C SER C 6 -10.45 -21.87 8.50
N GLU C 7 -9.89 -22.94 9.10
CA GLU C 7 -10.71 -23.99 9.68
C GLU C 7 -11.59 -23.50 10.83
N GLY C 8 -12.85 -23.91 10.82
CA GLY C 8 -13.75 -23.66 11.93
C GLY C 8 -13.64 -24.80 12.94
N GLY C 9 -14.77 -25.44 13.25
CA GLY C 9 -14.78 -26.61 14.10
C GLY C 9 -15.71 -26.45 15.29
N LEU C 10 -15.36 -27.13 16.37
CA LEU C 10 -16.14 -27.18 17.60
C LEU C 10 -15.55 -26.23 18.63
N PHE C 11 -16.40 -25.41 19.24
CA PHE C 11 -15.97 -24.40 20.20
C PHE C 11 -16.85 -24.44 21.44
N LYS C 12 -16.23 -24.16 22.59
CA LYS C 12 -16.95 -23.95 23.83
C LYS C 12 -17.34 -22.48 23.96
N PRO C 13 -18.39 -22.17 24.73
CA PRO C 13 -18.78 -20.75 24.92
C PRO C 13 -17.68 -19.86 25.47
N THR C 14 -16.72 -20.41 26.19
CA THR C 14 -15.62 -19.61 26.72
C THR C 14 -14.46 -19.48 25.75
N ASP C 15 -14.55 -20.09 24.58
CA ASP C 15 -13.50 -19.98 23.57
C ASP C 15 -13.59 -18.66 22.82
N THR C 16 -12.50 -18.34 22.13
CA THR C 16 -12.48 -17.28 21.15
C THR C 16 -12.54 -17.91 19.76
N LEU C 17 -13.45 -17.42 18.93
CA LEU C 17 -13.51 -17.84 17.52
C LEU C 17 -12.57 -16.94 16.73
N THR C 18 -11.56 -17.52 16.10
CA THR C 18 -10.63 -16.78 15.25
C THR C 18 -10.68 -17.41 13.86
N LEU C 19 -11.09 -16.62 12.88
CA LEU C 19 -11.17 -17.08 11.50
C LEU C 19 -10.32 -16.17 10.62
N THR C 20 -9.49 -16.76 9.79
CA THR C 20 -8.60 -16.01 8.90
C THR C 20 -9.11 -16.12 7.47
N CYS C 21 -9.25 -14.98 6.81
CA CYS C 21 -9.52 -14.93 5.38
C CYS C 21 -8.17 -14.84 4.68
N THR C 22 -7.77 -15.91 3.99
CA THR C 22 -6.49 -15.98 3.31
C THR C 22 -6.72 -15.86 1.82
N ALA C 23 -5.73 -15.32 1.12
CA ALA C 23 -5.85 -15.12 -0.31
C ALA C 23 -4.76 -15.90 -1.02
N SER C 24 -5.11 -16.38 -2.21
CA SER C 24 -4.18 -17.07 -3.09
C SER C 24 -4.29 -16.42 -4.46
N GLY C 25 -3.17 -15.96 -5.00
CA GLY C 25 -3.23 -15.43 -6.34
C GLY C 25 -3.72 -14.00 -6.44
N PHE C 26 -4.02 -13.34 -5.32
CA PHE C 26 -4.20 -11.89 -5.37
C PHE C 26 -4.01 -11.32 -3.98
N SER C 27 -4.03 -9.99 -3.92
CA SER C 27 -3.79 -9.24 -2.69
C SER C 27 -5.10 -8.79 -2.08
N LEU C 28 -5.19 -8.87 -0.76
CA LEU C 28 -6.32 -8.25 -0.07
C LEU C 28 -6.10 -6.76 0.20
N SER C 29 -4.85 -6.28 0.16
CA SER C 29 -4.58 -4.87 0.40
C SER C 29 -5.32 -3.99 -0.58
N GLY C 30 -5.84 -2.87 -0.09
CA GLY C 30 -6.51 -1.94 -0.97
C GLY C 30 -7.81 -2.45 -1.54
N HIS C 31 -8.35 -3.54 -0.99
CA HIS C 31 -9.62 -4.10 -1.43
C HIS C 31 -10.49 -4.36 -0.22
N GLY C 32 -11.79 -4.13 -0.35
CA GLY C 32 -12.71 -4.44 0.74
C GLY C 32 -12.80 -5.94 0.99
N VAL C 33 -12.91 -6.33 2.26
CA VAL C 33 -13.09 -7.73 2.64
C VAL C 33 -14.24 -7.78 3.63
N ILE C 34 -15.19 -8.68 3.40
CA ILE C 34 -16.39 -8.74 4.24
C ILE C 34 -16.44 -10.09 4.92
N TRP C 35 -17.00 -10.10 6.14
CA TRP C 35 -17.29 -11.31 6.90
C TRP C 35 -18.80 -11.40 7.06
N VAL C 36 -19.38 -12.53 6.62
CA VAL C 36 -20.81 -12.80 6.77
C VAL C 36 -20.97 -14.22 7.28
N ARG C 37 -22.15 -14.52 7.80
CA ARG C 37 -22.40 -15.88 8.29
C ARG C 37 -23.83 -16.27 7.99
N GLN C 38 -24.09 -17.57 8.11
CA GLN C 38 -25.42 -18.10 7.84
C GLN C 38 -25.69 -19.22 8.82
N ALA C 39 -26.58 -18.95 9.77
CA ALA C 39 -27.04 -19.97 10.71
C ALA C 39 -28.03 -20.90 10.01
N PRO C 40 -28.15 -22.14 10.47
CA PRO C 40 -29.05 -23.09 9.79
C PRO C 40 -30.46 -22.54 9.69
N GLY C 41 -31.00 -22.57 8.48
CA GLY C 41 -32.35 -22.09 8.23
C GLY C 41 -32.56 -20.60 8.42
N LYS C 42 -31.52 -19.79 8.31
CA LYS C 42 -31.61 -18.33 8.45
C LYS C 42 -30.95 -17.67 7.25
N GLY C 43 -31.21 -16.36 7.10
CA GLY C 43 -30.63 -15.62 5.99
C GLY C 43 -29.21 -15.19 6.28
N LEU C 44 -28.51 -14.75 5.23
CA LEU C 44 -27.17 -14.22 5.39
C LEU C 44 -27.18 -13.07 6.37
N GLU C 45 -26.16 -13.04 7.25
CA GLU C 45 -26.04 -12.03 8.29
C GLU C 45 -24.65 -11.41 8.20
N TRP C 46 -24.61 -10.08 8.06
CA TRP C 46 -23.35 -9.35 8.05
C TRP C 46 -22.73 -9.29 9.45
N ILE C 47 -21.43 -9.53 9.53
CA ILE C 47 -20.70 -9.42 10.79
C ILE C 47 -19.94 -8.11 10.79
N GLY C 48 -19.08 -7.91 9.79
CA GLY C 48 -18.36 -6.65 9.68
C GLY C 48 -17.47 -6.66 8.45
N SER C 49 -16.79 -5.53 8.23
CA SER C 49 -16.03 -5.34 7.02
C SER C 49 -14.70 -4.63 7.27
N ALA C 50 -13.69 -5.01 6.48
CA ALA C 50 -12.45 -4.27 6.39
C ALA C 50 -12.52 -3.43 5.12
N GLY C 51 -12.49 -2.10 5.28
CA GLY C 51 -12.55 -1.23 4.12
C GLY C 51 -11.24 -1.26 3.34
N ALA C 52 -11.34 -0.87 2.06
CA ALA C 52 -10.18 -0.90 1.18
C ALA C 52 -9.09 0.05 1.65
N TYR C 53 -9.46 1.14 2.32
CA TYR C 53 -8.52 2.18 2.68
C TYR C 53 -8.28 2.27 4.18
N GLY C 54 -8.69 1.27 4.95
CA GLY C 54 -8.28 1.12 6.34
C GLY C 54 -9.39 1.15 7.36
N ARG C 55 -10.56 1.66 7.02
CA ARG C 55 -11.69 1.64 7.95
C ARG C 55 -12.12 0.20 8.25
N ILE C 56 -12.47 -0.05 9.51
CA ILE C 56 -13.09 -1.30 9.93
C ILE C 56 -14.46 -0.93 10.48
N TYR C 57 -15.52 -1.57 9.98
CA TYR C 57 -16.86 -1.24 10.45
C TYR C 57 -17.69 -2.49 10.64
N TYR C 58 -18.63 -2.45 11.60
CA TYR C 58 -19.31 -3.64 12.12
C TYR C 58 -20.82 -3.52 12.10
N ALA C 59 -21.49 -4.68 12.05
CA ALA C 59 -22.88 -4.73 12.48
C ALA C 59 -22.96 -4.44 13.96
N SER C 60 -24.04 -3.77 14.40
CA SER C 60 -24.09 -3.34 15.79
C SER C 60 -24.03 -4.51 16.76
N TRP C 61 -24.66 -5.64 16.42
CA TRP C 61 -24.65 -6.79 17.32
C TRP C 61 -23.23 -7.35 17.49
N ALA C 62 -22.40 -7.24 16.47
CA ALA C 62 -21.05 -7.80 16.50
C ALA C 62 -20.03 -6.88 17.13
N LYS C 63 -20.27 -5.57 17.09
CA LYS C 63 -19.24 -4.60 17.42
C LYS C 63 -18.73 -4.74 18.85
N SER C 64 -19.59 -5.14 19.78
CA SER C 64 -19.18 -5.22 21.18
C SER C 64 -18.35 -6.45 21.49
N ARG C 65 -18.30 -7.45 20.59
CA ARG C 65 -17.55 -8.65 20.93
C ARG C 65 -16.77 -9.20 19.74
N SER C 66 -16.45 -8.36 18.77
CA SER C 66 -15.75 -8.78 17.56
C SER C 66 -14.65 -7.77 17.23
N THR C 67 -13.56 -8.28 16.65
CA THR C 67 -12.53 -7.41 16.10
C THR C 67 -12.15 -7.98 14.75
N ILE C 68 -12.11 -7.12 13.75
CA ILE C 68 -11.62 -7.49 12.43
C ILE C 68 -10.32 -6.76 12.21
N THR C 69 -9.28 -7.51 11.82
CA THR C 69 -7.91 -7.00 11.75
C THR C 69 -7.34 -7.34 10.39
N ARG C 70 -6.73 -6.35 9.75
CA ARG C 70 -5.99 -6.57 8.52
C ARG C 70 -4.52 -6.82 8.83
N ASN C 71 -3.91 -7.75 8.09
CA ASN C 71 -2.46 -7.96 8.14
C ASN C 71 -1.98 -7.90 6.70
N THR C 72 -1.42 -6.75 6.32
CA THR C 72 -0.93 -6.55 4.96
C THR C 72 0.48 -7.08 4.74
N ASN C 73 1.14 -7.62 5.76
CA ASN C 73 2.37 -8.36 5.56
C ASN C 73 2.09 -9.82 5.18
N LEU C 74 1.17 -10.46 5.90
CA LEU C 74 0.81 -11.84 5.60
C LEU C 74 -0.35 -11.95 4.62
N ASN C 75 -0.95 -10.83 4.19
CA ASN C 75 -2.01 -10.81 3.18
C ASN C 75 -3.27 -11.52 3.69
N THR C 76 -3.73 -11.14 4.88
CA THR C 76 -4.91 -11.75 5.49
C THR C 76 -5.82 -10.68 6.10
N VAL C 77 -7.06 -11.08 6.36
CA VAL C 77 -7.99 -10.33 7.19
C VAL C 77 -8.63 -11.32 8.16
N THR C 78 -8.60 -11.00 9.45
CA THR C 78 -8.96 -11.95 10.50
C THR C 78 -10.19 -11.45 11.25
N LEU C 79 -11.08 -12.38 11.58
CA LEU C 79 -12.25 -12.12 12.42
C LEU C 79 -12.03 -12.80 13.77
N LYS C 80 -12.14 -12.03 14.84
CA LYS C 80 -12.02 -12.55 16.20
C LYS C 80 -13.33 -12.25 16.92
N MET C 81 -13.98 -13.27 17.44
CA MET C 81 -15.25 -13.09 18.16
C MET C 81 -15.16 -13.76 19.51
N THR C 82 -15.68 -13.09 20.53
CA THR C 82 -15.67 -13.61 21.90
C THR C 82 -17.11 -13.71 22.43
N SER C 83 -17.23 -14.24 23.64
CA SER C 83 -18.54 -14.50 24.28
C SER C 83 -19.46 -15.30 23.35
N LEU C 84 -18.99 -16.48 22.96
CA LEU C 84 -19.71 -17.31 22.01
C LEU C 84 -20.91 -17.98 22.66
N THR C 85 -21.97 -18.17 21.87
CA THR C 85 -23.16 -18.89 22.29
C THR C 85 -23.64 -19.75 21.11
N ALA C 86 -24.69 -20.55 21.37
CA ALA C 86 -25.26 -21.37 20.31
C ALA C 86 -25.75 -20.55 19.12
N ALA C 87 -26.09 -19.28 19.35
CA ALA C 87 -26.49 -18.42 18.24
C ALA C 87 -25.35 -18.17 17.25
N ASP C 88 -24.12 -18.46 17.62
CA ASP C 88 -22.98 -18.27 16.73
C ASP C 88 -22.69 -19.51 15.88
N THR C 89 -23.42 -20.61 16.10
CA THR C 89 -23.28 -21.78 15.25
C THR C 89 -23.75 -21.44 13.84
N ALA C 90 -22.86 -21.58 12.84
CA ALA C 90 -23.15 -21.05 11.52
C ALA C 90 -22.05 -21.45 10.54
N THR C 91 -22.33 -21.25 9.25
CA THR C 91 -21.28 -21.22 8.25
C THR C 91 -20.79 -19.79 8.12
N TYR C 92 -19.48 -19.60 8.17
CA TYR C 92 -18.86 -18.28 8.09
C TYR C 92 -18.17 -18.16 6.73
N PHE C 93 -18.43 -17.03 6.05
CA PHE C 93 -17.84 -16.73 4.74
C PHE C 93 -17.06 -15.43 4.81
N CYS C 94 -15.94 -15.36 4.10
CA CYS C 94 -15.36 -14.06 3.77
C CYS C 94 -15.38 -13.87 2.26
N ALA C 95 -15.29 -12.60 1.85
CA ALA C 95 -15.25 -12.29 0.43
C ALA C 95 -14.46 -11.03 0.18
N ARG C 96 -13.86 -10.95 -1.01
CA ARG C 96 -13.11 -9.79 -1.48
C ARG C 96 -13.90 -9.04 -2.54
N ARG C 97 -13.81 -7.72 -2.50
CA ARG C 97 -14.49 -6.85 -3.47
C ARG C 97 -13.46 -6.31 -4.45
N SER C 98 -13.65 -6.60 -5.75
CA SER C 98 -12.64 -6.18 -6.74
C SER C 98 -12.52 -4.65 -6.84
N ASP C 99 -13.63 -3.93 -6.75
CA ASP C 99 -13.66 -2.49 -7.08
CA ASP C 99 -13.61 -2.50 -7.06
C ASP C 99 -14.35 -1.72 -5.97
N VAL C 100 -13.64 -0.77 -5.38
CA VAL C 100 -14.25 0.04 -4.32
C VAL C 100 -15.47 0.79 -4.86
N GLY C 101 -15.49 1.12 -6.15
CA GLY C 101 -16.59 1.87 -6.71
C GLY C 101 -17.95 1.18 -6.65
N THR C 102 -17.97 -0.16 -6.47
CA THR C 102 -19.25 -0.85 -6.31
C THR C 102 -19.75 -0.86 -4.87
N SER C 103 -18.87 -0.57 -3.90
CA SER C 103 -19.14 -0.59 -2.46
C SER C 103 -19.49 -1.98 -1.93
N VAL C 104 -20.42 -2.68 -2.58
CA VAL C 104 -20.83 -3.99 -2.09
C VAL C 104 -20.84 -5.01 -3.23
N GLY C 105 -20.05 -4.76 -4.27
CA GLY C 105 -19.90 -5.73 -5.33
C GLY C 105 -18.90 -6.82 -4.97
N PHE C 106 -19.23 -7.62 -3.95
CA PHE C 106 -18.31 -8.64 -3.45
C PHE C 106 -18.34 -9.84 -4.40
N ASP C 107 -17.25 -10.02 -5.17
CA ASP C 107 -17.28 -10.98 -6.27
C ASP C 107 -16.46 -12.23 -6.03
N SER C 108 -15.49 -12.21 -5.12
CA SER C 108 -14.66 -13.40 -4.85
C SER C 108 -14.98 -13.92 -3.46
N TRP C 109 -15.68 -15.05 -3.39
CA TRP C 109 -16.14 -15.64 -2.14
C TRP C 109 -15.35 -16.88 -1.75
N GLY C 110 -15.15 -17.05 -0.44
CA GLY C 110 -14.63 -18.29 0.07
C GLY C 110 -15.68 -19.38 0.04
N PRO C 111 -15.25 -20.63 0.21
CA PRO C 111 -16.22 -21.74 0.23
C PRO C 111 -17.05 -21.78 1.48
N GLY C 112 -16.67 -21.04 2.52
CA GLY C 112 -17.39 -21.16 3.78
C GLY C 112 -16.70 -22.16 4.70
N THR C 113 -16.80 -21.89 6.00
CA THR C 113 -16.24 -22.78 7.01
C THR C 113 -17.29 -23.01 8.11
N LEU C 114 -17.37 -24.25 8.58
CA LEU C 114 -18.41 -24.69 9.51
C LEU C 114 -17.97 -24.49 10.94
N VAL C 115 -18.82 -23.82 11.73
CA VAL C 115 -18.58 -23.52 13.14
C VAL C 115 -19.76 -24.03 13.98
N THR C 116 -19.47 -24.80 15.02
CA THR C 116 -20.47 -25.23 15.98
C THR C 116 -20.01 -24.81 17.37
N ILE C 117 -20.88 -24.10 18.10
CA ILE C 117 -20.66 -23.75 19.50
C ILE C 117 -21.47 -24.74 20.33
N SER C 118 -20.79 -25.55 21.15
CA SER C 118 -21.51 -26.44 22.06
C SER C 118 -21.13 -26.13 23.49
N SER C 119 -22.14 -25.99 24.36
CA SER C 119 -21.93 -26.10 25.80
C SER C 119 -22.19 -27.50 26.30
N SER C 120 -22.84 -28.34 25.49
CA SER C 120 -23.22 -29.68 25.88
C SER C 120 -22.06 -30.68 25.81
N SER C 121 -21.04 -30.40 24.99
CA SER C 121 -20.00 -31.40 24.76
C SER C 121 -18.60 -30.86 25.02
N GLY C 122 -17.94 -30.35 23.98
CA GLY C 122 -16.59 -29.85 24.11
C GLY C 122 -15.60 -30.72 23.36
N GLN C 123 -15.80 -32.04 23.44
CA GLN C 123 -14.97 -32.96 22.68
C GLN C 123 -15.71 -33.53 21.47
N PRO C 124 -14.99 -33.78 20.38
CA PRO C 124 -15.60 -34.37 19.19
C PRO C 124 -16.17 -35.76 19.45
N LYS C 125 -17.06 -36.19 18.56
CA LYS C 125 -17.68 -37.51 18.65
C LYS C 125 -17.67 -38.18 17.27
N ALA C 126 -17.16 -39.41 17.21
CA ALA C 126 -17.09 -40.15 15.96
C ALA C 126 -18.48 -40.64 15.53
N PRO C 127 -18.72 -40.76 14.23
CA PRO C 127 -20.01 -41.27 13.76
C PRO C 127 -20.14 -42.77 13.94
N SER C 128 -21.37 -43.19 14.20
CA SER C 128 -21.79 -44.57 14.01
C SER C 128 -22.37 -44.71 12.62
N VAL C 129 -22.10 -45.83 11.95
CA VAL C 129 -22.56 -46.07 10.59
C VAL C 129 -23.41 -47.33 10.56
N PHE C 130 -24.65 -47.22 10.07
CA PHE C 130 -25.55 -48.36 9.98
C PHE C 130 -26.02 -48.56 8.55
N PRO C 131 -26.12 -49.80 8.06
CA PRO C 131 -26.61 -50.01 6.70
C PRO C 131 -28.09 -49.68 6.58
N LEU C 132 -28.48 -49.26 5.38
CA LEU C 132 -29.87 -49.01 5.05
C LEU C 132 -30.26 -50.01 3.96
N ALA C 133 -31.25 -50.84 4.26
CA ALA C 133 -31.71 -51.82 3.28
C ALA C 133 -33.20 -52.03 3.47
N PRO C 134 -33.93 -52.33 2.41
CA PRO C 134 -35.38 -52.49 2.55
C PRO C 134 -35.75 -53.77 3.28
N CYS C 135 -36.95 -53.75 3.84
CA CYS C 135 -37.57 -54.96 4.34
CA CYS C 135 -37.56 -54.97 4.35
C CYS C 135 -37.71 -55.98 3.21
N CYS C 136 -37.97 -57.22 3.59
CA CYS C 136 -38.20 -58.29 2.62
C CYS C 136 -39.53 -58.06 1.90
N GLY C 137 -39.47 -57.69 0.62
CA GLY C 137 -40.66 -57.38 -0.14
C GLY C 137 -41.07 -58.52 -1.05
N ASP C 138 -42.38 -58.82 -1.05
CA ASP C 138 -42.92 -60.00 -1.71
C ASP C 138 -42.80 -59.95 -3.23
N THR C 139 -42.56 -58.77 -3.80
CA THR C 139 -42.30 -58.63 -5.24
C THR C 139 -40.84 -58.19 -5.38
N PRO C 140 -39.90 -59.12 -5.50
CA PRO C 140 -38.49 -58.71 -5.67
C PRO C 140 -38.33 -57.86 -6.92
N SER C 141 -37.29 -57.03 -6.90
CA SER C 141 -37.12 -56.01 -7.91
C SER C 141 -35.77 -56.17 -8.62
N SER C 142 -35.72 -55.71 -9.86
CA SER C 142 -34.47 -55.74 -10.61
C SER C 142 -33.46 -54.72 -10.10
N THR C 143 -33.93 -53.69 -9.39
CA THR C 143 -33.05 -52.70 -8.79
C THR C 143 -33.41 -52.53 -7.32
N VAL C 144 -32.44 -52.03 -6.56
CA VAL C 144 -32.63 -51.83 -5.13
C VAL C 144 -31.87 -50.58 -4.73
N THR C 145 -32.42 -49.85 -3.76
CA THR C 145 -31.74 -48.70 -3.18
C THR C 145 -31.21 -49.11 -1.81
N LEU C 146 -29.89 -49.02 -1.65
CA LEU C 146 -29.22 -49.30 -0.40
C LEU C 146 -28.62 -48.01 0.12
N GLY C 147 -28.09 -48.04 1.33
CA GLY C 147 -27.53 -46.80 1.83
C GLY C 147 -26.78 -47.00 3.13
N CYS C 148 -26.32 -45.87 3.67
CA CYS C 148 -25.70 -45.83 4.98
C CYS C 148 -26.24 -44.65 5.76
N LEU C 149 -26.62 -44.90 7.00
CA LEU C 149 -26.99 -43.85 7.95
C LEU C 149 -25.75 -43.55 8.80
N VAL C 150 -25.35 -42.28 8.81
CA VAL C 150 -24.19 -41.78 9.56
C VAL C 150 -24.74 -40.96 10.72
N LYS C 151 -24.61 -41.47 11.93
CA LYS C 151 -25.33 -40.93 13.07
C LYS C 151 -24.38 -40.50 14.19
N GLY C 152 -24.66 -39.33 14.76
CA GLY C 152 -24.12 -38.93 16.05
C GLY C 152 -22.70 -38.42 16.06
N TYR C 153 -22.32 -37.62 15.07
CA TYR C 153 -20.96 -37.13 15.03
C TYR C 153 -20.92 -35.63 15.34
N LEU C 154 -19.73 -35.15 15.73
CA LEU C 154 -19.56 -33.77 16.15
C LEU C 154 -18.07 -33.45 16.08
N PRO C 155 -17.66 -32.33 15.48
CA PRO C 155 -18.44 -31.39 14.68
C PRO C 155 -18.55 -31.89 13.25
N GLU C 156 -19.10 -31.07 12.35
CA GLU C 156 -19.06 -31.38 10.93
C GLU C 156 -17.64 -31.16 10.40
N PRO C 157 -17.30 -31.77 9.24
CA PRO C 157 -18.09 -32.65 8.40
C PRO C 157 -17.69 -34.11 8.49
N VAL C 158 -18.50 -34.98 7.89
CA VAL C 158 -18.05 -36.28 7.42
C VAL C 158 -18.01 -36.21 5.92
N THR C 159 -17.22 -37.09 5.32
CA THR C 159 -17.27 -37.29 3.88
C THR C 159 -17.68 -38.72 3.62
N VAL C 160 -18.55 -38.90 2.63
CA VAL C 160 -19.06 -40.21 2.26
C VAL C 160 -18.69 -40.50 0.82
N THR C 161 -18.10 -41.67 0.60
CA THR C 161 -17.91 -42.18 -0.75
C THR C 161 -18.48 -43.59 -0.80
N TRP C 162 -18.65 -44.10 -2.02
CA TRP C 162 -19.06 -45.47 -2.24
C TRP C 162 -18.00 -46.19 -3.07
N ASN C 163 -17.65 -47.42 -2.66
CA ASN C 163 -16.60 -48.20 -3.29
C ASN C 163 -15.33 -47.37 -3.49
N SER C 164 -14.92 -46.69 -2.41
CA SER C 164 -13.70 -45.90 -2.39
C SER C 164 -13.70 -44.79 -3.45
N GLY C 165 -14.89 -44.28 -3.79
CA GLY C 165 -15.01 -43.21 -4.75
C GLY C 165 -15.25 -43.68 -6.18
N THR C 166 -15.16 -44.97 -6.45
CA THR C 166 -15.38 -45.46 -7.81
C THR C 166 -16.86 -45.54 -8.18
N LEU C 167 -17.75 -45.56 -7.20
CA LEU C 167 -19.18 -45.64 -7.45
C LEU C 167 -19.79 -44.27 -7.16
N THR C 168 -20.27 -43.60 -8.19
CA THR C 168 -20.87 -42.28 -8.08
C THR C 168 -22.24 -42.27 -8.76
N ASN C 169 -22.41 -43.14 -9.74
CA ASN C 169 -23.69 -43.25 -10.43
C ASN C 169 -24.78 -43.74 -9.49
N GLY C 170 -25.86 -42.99 -9.40
CA GLY C 170 -27.00 -43.38 -8.60
C GLY C 170 -26.87 -43.04 -7.13
N VAL C 171 -25.82 -42.32 -6.74
CA VAL C 171 -25.56 -41.94 -5.35
C VAL C 171 -26.24 -40.62 -5.07
N ARG C 172 -26.89 -40.52 -3.91
CA ARG C 172 -27.43 -39.26 -3.40
CA ARG C 172 -27.41 -39.25 -3.40
C ARG C 172 -27.06 -39.16 -1.92
N THR C 173 -26.21 -38.20 -1.57
CA THR C 173 -25.86 -37.95 -0.19
C THR C 173 -26.55 -36.68 0.25
N PHE C 174 -27.36 -36.78 1.29
CA PHE C 174 -28.21 -35.68 1.68
C PHE C 174 -27.45 -34.70 2.56
N PRO C 175 -27.91 -33.45 2.63
CA PRO C 175 -27.34 -32.51 3.59
C PRO C 175 -27.47 -33.04 5.01
N SER C 176 -26.51 -32.68 5.85
CA SER C 176 -26.55 -33.10 7.23
C SER C 176 -27.72 -32.48 7.97
N VAL C 177 -28.18 -33.17 9.01
CA VAL C 177 -29.16 -32.66 9.95
C VAL C 177 -28.53 -32.76 11.33
N ARG C 178 -29.12 -32.04 12.27
CA ARG C 178 -28.61 -32.02 13.63
C ARG C 178 -29.73 -32.44 14.57
N GLN C 179 -29.50 -33.53 15.31
CA GLN C 179 -30.50 -34.08 16.20
C GLN C 179 -30.66 -33.20 17.44
N SER C 180 -31.72 -33.50 18.21
CA SER C 180 -32.00 -32.78 19.44
C SER C 180 -30.85 -32.86 20.42
N SER C 181 -30.07 -33.94 20.39
CA SER C 181 -28.89 -34.09 21.23
C SER C 181 -27.77 -33.11 20.88
N GLY C 182 -27.87 -32.43 19.75
CA GLY C 182 -26.78 -31.61 19.28
C GLY C 182 -25.84 -32.31 18.33
N LEU C 183 -25.97 -33.62 18.18
CA LEU C 183 -25.10 -34.37 17.28
C LEU C 183 -25.65 -34.33 15.86
N TYR C 184 -24.73 -34.45 14.90
CA TYR C 184 -25.06 -34.39 13.49
C TYR C 184 -25.29 -35.79 12.93
N SER C 185 -26.12 -35.84 11.87
CA SER C 185 -26.38 -37.08 11.16
CA SER C 185 -26.40 -37.08 11.16
C SER C 185 -26.57 -36.78 9.68
N LEU C 186 -26.26 -37.77 8.85
CA LEU C 186 -26.68 -37.66 7.45
C LEU C 186 -26.95 -39.05 6.89
N SER C 187 -27.63 -39.05 5.74
CA SER C 187 -28.00 -40.25 5.01
C SER C 187 -27.37 -40.22 3.63
N SER C 188 -26.89 -41.36 3.17
CA SER C 188 -26.42 -41.50 1.79
C SER C 188 -27.02 -42.77 1.22
N VAL C 189 -27.62 -42.67 0.03
CA VAL C 189 -28.21 -43.84 -0.62
C VAL C 189 -27.67 -43.99 -2.02
N VAL C 190 -27.75 -45.22 -2.54
CA VAL C 190 -27.28 -45.52 -3.89
C VAL C 190 -28.21 -46.58 -4.50
N SER C 191 -28.62 -46.34 -5.74
CA SER C 191 -29.47 -47.27 -6.47
CA SER C 191 -29.47 -47.28 -6.46
C SER C 191 -28.60 -48.14 -7.36
N VAL C 192 -28.68 -49.46 -7.18
CA VAL C 192 -27.92 -50.42 -7.95
C VAL C 192 -28.85 -51.50 -8.49
N THR C 193 -28.36 -52.25 -9.48
CA THR C 193 -29.08 -53.43 -9.93
C THR C 193 -28.97 -54.52 -8.88
N SER C 194 -30.05 -55.27 -8.70
CA SER C 194 -30.08 -56.30 -7.66
C SER C 194 -29.07 -57.41 -7.91
N SER C 195 -28.48 -57.46 -9.10
CA SER C 195 -27.51 -58.49 -9.42
C SER C 195 -26.07 -58.06 -9.17
N SER C 196 -25.81 -56.76 -9.02
CA SER C 196 -24.44 -56.30 -8.90
C SER C 196 -23.84 -56.69 -7.54
N GLN C 197 -22.52 -56.57 -7.46
CA GLN C 197 -21.79 -56.98 -6.27
C GLN C 197 -22.08 -56.04 -5.10
N PRO C 198 -21.79 -56.47 -3.87
CA PRO C 198 -22.02 -55.61 -2.72
C PRO C 198 -21.35 -54.24 -2.87
N VAL C 199 -21.99 -53.23 -2.31
CA VAL C 199 -21.49 -51.87 -2.33
C VAL C 199 -21.07 -51.50 -0.92
N THR C 200 -20.08 -50.61 -0.83
CA THR C 200 -19.49 -50.24 0.45
C THR C 200 -19.46 -48.72 0.60
N CYS C 201 -20.03 -48.21 1.69
CA CYS C 201 -19.92 -46.79 1.99
C CYS C 201 -18.69 -46.57 2.84
N ASN C 202 -17.92 -45.55 2.49
CA ASN C 202 -16.71 -45.17 3.22
C ASN C 202 -16.99 -43.84 3.89
N VAL C 203 -16.97 -43.82 5.23
CA VAL C 203 -17.35 -42.63 5.98
C VAL C 203 -16.14 -42.15 6.76
N ALA C 204 -15.62 -40.98 6.42
CA ALA C 204 -14.46 -40.40 7.07
C ALA C 204 -14.87 -39.23 7.96
N HIS C 205 -14.32 -39.19 9.18
CA HIS C 205 -14.57 -38.09 10.11
C HIS C 205 -13.23 -37.57 10.60
N PRO C 206 -12.65 -36.59 9.91
CA PRO C 206 -11.29 -36.13 10.27
C PRO C 206 -11.16 -35.65 11.71
N ALA C 207 -12.21 -35.05 12.27
CA ALA C 207 -12.12 -34.50 13.61
C ALA C 207 -11.87 -35.57 14.68
N THR C 208 -12.17 -36.84 14.40
CA THR C 208 -11.85 -37.94 15.31
C THR C 208 -10.89 -38.95 14.70
N ASN C 209 -10.23 -38.61 13.59
CA ASN C 209 -9.27 -39.50 12.94
C ASN C 209 -9.86 -40.89 12.68
N THR C 210 -11.14 -40.93 12.30
CA THR C 210 -11.87 -42.17 12.13
C THR C 210 -12.32 -42.32 10.69
N LYS C 211 -12.22 -43.54 10.17
CA LYS C 211 -12.94 -43.90 8.95
C LYS C 211 -13.64 -45.24 9.17
N VAL C 212 -14.90 -45.32 8.73
CA VAL C 212 -15.72 -46.51 8.87
C VAL C 212 -16.24 -46.92 7.49
N ASP C 213 -15.99 -48.18 7.11
CA ASP C 213 -16.53 -48.79 5.91
C ASP C 213 -17.62 -49.79 6.28
N LYS C 214 -18.77 -49.69 5.62
CA LYS C 214 -19.83 -50.68 5.78
C LYS C 214 -20.20 -51.22 4.41
N THR C 215 -20.09 -52.54 4.24
CA THR C 215 -20.54 -53.20 3.02
C THR C 215 -21.99 -53.62 3.19
N VAL C 216 -22.84 -53.14 2.28
CA VAL C 216 -24.28 -53.26 2.41
C VAL C 216 -24.80 -54.23 1.35
N ALA C 217 -25.62 -55.17 1.79
CA ALA C 217 -26.30 -56.17 0.98
C ALA C 217 -27.80 -56.06 1.23
N PRO C 218 -28.63 -56.35 0.23
CA PRO C 218 -30.08 -56.41 0.49
C PRO C 218 -30.40 -57.47 1.53
N SER C 219 -31.33 -57.14 2.43
CA SER C 219 -31.73 -58.08 3.46
C SER C 219 -32.31 -59.34 2.83
N THR C 220 -32.12 -60.47 3.49
CA THR C 220 -32.58 -61.75 2.97
C THR C 220 -34.08 -61.96 3.15
N ASP D 1 -31.86 -0.53 6.92
CA ASP D 1 -32.38 -1.86 6.66
C ASP D 1 -32.80 -2.01 5.19
N MET D 2 -32.80 -3.24 4.69
CA MET D 2 -33.36 -3.58 3.39
C MET D 2 -34.50 -4.55 3.61
N THR D 3 -35.69 -4.20 3.15
CA THR D 3 -36.87 -5.03 3.31
C THR D 3 -37.18 -5.70 1.97
N GLN D 4 -37.03 -7.02 1.93
CA GLN D 4 -37.22 -7.79 0.71
C GLN D 4 -38.59 -8.46 0.71
N THR D 5 -39.35 -8.22 -0.34
CA THR D 5 -40.62 -8.88 -0.55
C THR D 5 -40.67 -9.45 -1.96
N PRO D 6 -41.32 -10.61 -2.15
CA PRO D 6 -41.86 -11.45 -1.07
C PRO D 6 -40.74 -12.25 -0.40
N SER D 7 -41.04 -12.96 0.69
CA SER D 7 -40.02 -13.79 1.31
C SER D 7 -39.78 -15.08 0.53
N SER D 8 -40.76 -15.53 -0.26
CA SER D 8 -40.59 -16.67 -1.13
C SER D 8 -41.58 -16.51 -2.28
N LYS D 9 -41.26 -17.13 -3.41
CA LYS D 9 -42.13 -17.09 -4.58
C LYS D 9 -41.90 -18.34 -5.41
N SER D 10 -42.97 -18.91 -5.93
CA SER D 10 -42.87 -20.03 -6.85
C SER D 10 -43.13 -19.51 -8.26
N VAL D 11 -42.27 -19.88 -9.21
CA VAL D 11 -42.41 -19.35 -10.56
C VAL D 11 -42.28 -20.50 -11.57
N PRO D 12 -43.21 -20.64 -12.50
CA PRO D 12 -43.10 -21.71 -13.50
C PRO D 12 -41.92 -21.49 -14.42
N VAL D 13 -41.33 -22.61 -14.86
CA VAL D 13 -40.28 -22.54 -15.87
C VAL D 13 -40.76 -21.70 -17.04
N GLY D 14 -39.88 -20.80 -17.51
CA GLY D 14 -40.19 -19.94 -18.64
C GLY D 14 -40.82 -18.61 -18.28
N ASP D 15 -41.42 -18.49 -17.10
CA ASP D 15 -42.05 -17.24 -16.70
C ASP D 15 -41.02 -16.26 -16.15
N THR D 16 -41.50 -15.13 -15.66
CA THR D 16 -40.68 -14.08 -15.10
C THR D 16 -41.04 -13.88 -13.63
N VAL D 17 -40.03 -13.67 -12.79
CA VAL D 17 -40.24 -13.42 -11.36
C VAL D 17 -39.63 -12.08 -11.01
N THR D 18 -40.31 -11.34 -10.14
CA THR D 18 -39.90 -10.02 -9.70
C THR D 18 -39.65 -10.03 -8.20
N ILE D 19 -38.50 -9.50 -7.79
CA ILE D 19 -38.14 -9.41 -6.38
C ILE D 19 -37.93 -7.95 -6.03
N ASN D 20 -38.55 -7.50 -4.96
CA ASN D 20 -38.47 -6.11 -4.55
C ASN D 20 -37.59 -5.97 -3.31
N CYS D 21 -37.04 -4.79 -3.16
CA CYS D 21 -36.09 -4.52 -2.09
C CYS D 21 -36.25 -3.04 -1.74
N GLN D 22 -36.73 -2.77 -0.53
CA GLN D 22 -37.02 -1.42 -0.08
C GLN D 22 -36.02 -1.01 0.99
N ALA D 23 -35.26 0.03 0.73
CA ALA D 23 -34.28 0.56 1.69
C ALA D 23 -34.93 1.54 2.66
N SER D 24 -34.56 1.43 3.94
CA SER D 24 -35.11 2.31 4.98
C SER D 24 -34.65 3.74 4.83
N GLU D 25 -33.56 3.96 4.09
CA GLU D 25 -33.11 5.29 3.70
C GLU D 25 -32.34 5.10 2.40
N SER D 26 -32.01 6.21 1.75
CA SER D 26 -31.34 6.12 0.46
C SER D 26 -29.98 5.43 0.61
N VAL D 27 -29.65 4.58 -0.35
CA VAL D 27 -28.28 4.06 -0.40
C VAL D 27 -27.37 5.15 -0.95
N TYR D 28 -26.07 4.98 -0.75
CA TYR D 28 -25.12 6.01 -1.17
C TYR D 28 -25.23 6.26 -2.67
N SER D 29 -25.28 7.54 -3.04
CA SER D 29 -25.36 7.98 -4.44
C SER D 29 -26.56 7.35 -5.17
N ASN D 30 -27.55 6.88 -4.41
CA ASN D 30 -28.74 6.20 -4.91
C ASN D 30 -28.42 4.96 -5.73
N ASN D 31 -27.18 4.43 -5.70
CA ASN D 31 -26.88 3.27 -6.54
C ASN D 31 -26.00 2.19 -5.90
N ARG D 32 -25.63 2.29 -4.62
CA ARG D 32 -24.78 1.25 -4.03
C ARG D 32 -25.68 0.10 -3.58
N LEU D 33 -26.04 -0.74 -4.55
CA LEU D 33 -26.99 -1.81 -4.36
C LEU D 33 -26.54 -2.99 -5.21
N SER D 34 -26.35 -4.15 -4.57
CA SER D 34 -25.99 -5.37 -5.26
C SER D 34 -27.04 -6.44 -5.03
N TRP D 35 -27.14 -7.39 -5.96
CA TRP D 35 -27.97 -8.57 -5.81
C TRP D 35 -27.09 -9.80 -5.81
N PHE D 36 -27.40 -10.75 -4.92
CA PHE D 36 -26.68 -12.01 -4.83
C PHE D 36 -27.63 -13.19 -4.99
N GLN D 37 -27.09 -14.27 -5.56
CA GLN D 37 -27.76 -15.56 -5.65
C GLN D 37 -27.05 -16.54 -4.73
N GLN D 38 -27.81 -17.26 -3.89
CA GLN D 38 -27.19 -18.31 -3.09
C GLN D 38 -28.01 -19.59 -3.16
N LYS D 39 -27.39 -20.65 -3.65
CA LYS D 39 -27.96 -21.99 -3.66
C LYS D 39 -27.53 -22.73 -2.39
N PRO D 40 -28.40 -23.58 -1.84
CA PRO D 40 -28.07 -24.27 -0.58
C PRO D 40 -26.76 -25.05 -0.71
N GLY D 41 -25.91 -24.92 0.29
CA GLY D 41 -24.63 -25.60 0.29
C GLY D 41 -23.53 -24.87 -0.45
N GLN D 42 -23.82 -23.72 -1.05
CA GLN D 42 -22.84 -22.95 -1.80
C GLN D 42 -22.67 -21.57 -1.19
N PRO D 43 -21.55 -20.90 -1.47
CA PRO D 43 -21.42 -19.50 -1.08
C PRO D 43 -22.30 -18.62 -1.96
N PRO D 44 -22.60 -17.41 -1.50
CA PRO D 44 -23.31 -16.46 -2.35
C PRO D 44 -22.51 -16.16 -3.60
N LYS D 45 -23.22 -15.79 -4.66
CA LYS D 45 -22.63 -15.38 -5.93
C LYS D 45 -23.15 -14.00 -6.30
N LEU D 46 -22.24 -13.09 -6.64
CA LEU D 46 -22.65 -11.76 -7.09
C LEU D 46 -23.32 -11.86 -8.46
N LEU D 47 -24.51 -11.27 -8.57
CA LEU D 47 -25.27 -11.23 -9.81
C LEU D 47 -25.22 -9.87 -10.48
N ILE D 48 -25.54 -8.84 -9.71
CA ILE D 48 -25.70 -7.48 -10.21
C ILE D 48 -25.09 -6.53 -9.19
N TYR D 49 -24.38 -5.52 -9.67
CA TYR D 49 -23.89 -4.46 -8.80
C TYR D 49 -24.23 -3.11 -9.38
N LEU D 50 -24.17 -2.08 -8.54
CA LEU D 50 -24.54 -0.71 -8.95
C LEU D 50 -25.90 -0.71 -9.65
N VAL D 51 -26.85 -1.39 -9.01
CA VAL D 51 -28.28 -1.43 -9.35
C VAL D 51 -28.56 -2.33 -10.56
N SER D 52 -27.81 -2.15 -11.64
CA SER D 52 -28.15 -2.75 -12.91
C SER D 52 -27.00 -3.42 -13.66
N THR D 53 -25.75 -3.35 -13.19
CA THR D 53 -24.64 -3.89 -13.97
C THR D 53 -24.46 -5.38 -13.71
N LEU D 54 -24.46 -6.17 -14.78
CA LEU D 54 -24.31 -7.62 -14.65
C LEU D 54 -22.89 -8.00 -14.29
N ALA D 55 -22.74 -8.90 -13.32
CA ALA D 55 -21.45 -9.50 -13.07
C ALA D 55 -21.08 -10.42 -14.22
N SER D 56 -19.78 -10.70 -14.37
CA SER D 56 -19.33 -11.48 -15.51
C SER D 56 -19.93 -12.89 -15.48
N GLY D 57 -20.35 -13.36 -16.66
CA GLY D 57 -20.95 -14.66 -16.77
C GLY D 57 -22.43 -14.72 -16.47
N VAL D 58 -23.03 -13.65 -15.96
CA VAL D 58 -24.46 -13.62 -15.63
C VAL D 58 -25.24 -13.22 -16.87
N PRO D 59 -26.26 -13.97 -17.27
CA PRO D 59 -26.99 -13.63 -18.50
C PRO D 59 -27.97 -12.49 -18.27
N SER D 60 -28.27 -11.78 -19.36
CA SER D 60 -29.04 -10.54 -19.28
C SER D 60 -30.51 -10.77 -18.95
N ARG D 61 -30.96 -12.02 -18.88
CA ARG D 61 -32.31 -12.24 -18.38
C ARG D 61 -32.42 -11.91 -16.89
N PHE D 62 -31.29 -11.74 -16.21
CA PHE D 62 -31.28 -11.10 -14.89
C PHE D 62 -31.22 -9.60 -15.10
N LYS D 63 -32.19 -8.87 -14.57
CA LYS D 63 -32.26 -7.44 -14.79
C LYS D 63 -32.46 -6.75 -13.45
N GLY D 64 -31.61 -5.77 -13.16
CA GLY D 64 -31.72 -4.99 -11.95
C GLY D 64 -32.15 -3.58 -12.31
N SER D 65 -33.07 -3.04 -11.53
CA SER D 65 -33.55 -1.69 -11.74
C SER D 65 -33.82 -1.05 -10.39
N GLY D 66 -34.14 0.24 -10.41
CA GLY D 66 -34.45 0.95 -9.20
C GLY D 66 -33.53 2.13 -8.99
N SER D 67 -33.90 2.95 -8.02
CA SER D 67 -33.10 4.11 -7.66
C SER D 67 -33.46 4.55 -6.25
N GLY D 68 -32.47 5.07 -5.52
CA GLY D 68 -32.75 5.56 -4.19
C GLY D 68 -33.10 4.49 -3.18
N THR D 69 -34.39 4.37 -2.83
CA THR D 69 -34.83 3.41 -1.84
C THR D 69 -35.64 2.24 -2.39
N GLN D 70 -35.98 2.23 -3.68
CA GLN D 70 -36.76 1.13 -4.24
C GLN D 70 -35.96 0.45 -5.35
N PHE D 71 -35.80 -0.87 -5.23
CA PHE D 71 -35.01 -1.64 -6.18
C PHE D 71 -35.72 -2.93 -6.52
N THR D 72 -35.46 -3.44 -7.72
CA THR D 72 -36.10 -4.63 -8.22
C THR D 72 -35.11 -5.52 -8.97
N LEU D 73 -35.21 -6.82 -8.74
CA LEU D 73 -34.54 -7.83 -9.56
C LEU D 73 -35.61 -8.56 -10.35
N THR D 74 -35.48 -8.58 -11.67
CA THR D 74 -36.40 -9.30 -12.54
C THR D 74 -35.66 -10.43 -13.22
N ILE D 75 -36.13 -11.65 -13.04
CA ILE D 75 -35.55 -12.80 -13.70
C ILE D 75 -36.55 -13.30 -14.74
N SER D 76 -36.19 -13.19 -16.01
CA SER D 76 -37.06 -13.64 -17.08
C SER D 76 -36.56 -14.97 -17.62
N ASP D 77 -37.45 -15.67 -18.33
CA ASP D 77 -37.14 -16.97 -18.93
C ASP D 77 -36.53 -17.92 -17.91
N VAL D 78 -37.21 -18.02 -16.76
CA VAL D 78 -36.69 -18.77 -15.62
C VAL D 78 -36.47 -20.23 -15.99
N VAL D 79 -35.37 -20.79 -15.51
CA VAL D 79 -35.04 -22.20 -15.68
C VAL D 79 -34.84 -22.81 -14.29
N CYS D 80 -34.82 -24.15 -14.23
CA CYS D 80 -34.69 -24.82 -12.95
C CYS D 80 -33.39 -24.45 -12.25
N ASP D 81 -32.35 -24.16 -13.02
CA ASP D 81 -31.07 -23.76 -12.45
C ASP D 81 -31.15 -22.44 -11.70
N ASP D 82 -32.22 -21.67 -11.86
CA ASP D 82 -32.39 -20.41 -11.15
C ASP D 82 -32.94 -20.58 -9.73
N ALA D 83 -33.28 -21.80 -9.31
CA ALA D 83 -33.77 -22.00 -7.95
C ALA D 83 -32.66 -21.68 -6.95
N ALA D 84 -32.95 -20.77 -6.02
CA ALA D 84 -31.96 -20.22 -5.10
C ALA D 84 -32.67 -19.19 -4.22
N THR D 85 -31.94 -18.72 -3.20
CA THR D 85 -32.37 -17.56 -2.43
C THR D 85 -31.60 -16.35 -2.93
N TYR D 86 -32.32 -15.26 -3.19
CA TYR D 86 -31.75 -14.04 -3.74
C TYR D 86 -31.76 -12.95 -2.68
N TYR D 87 -30.64 -12.24 -2.53
CA TYR D 87 -30.49 -11.18 -1.54
C TYR D 87 -30.12 -9.86 -2.21
N CYS D 88 -30.72 -8.77 -1.74
CA CYS D 88 -30.19 -7.45 -2.03
C CYS D 88 -29.34 -6.98 -0.88
N VAL D 89 -28.29 -6.23 -1.20
CA VAL D 89 -27.43 -5.61 -0.19
C VAL D 89 -27.27 -4.14 -0.53
N GLY D 90 -27.59 -3.27 0.42
CA GLY D 90 -27.45 -1.83 0.23
C GLY D 90 -26.33 -1.28 1.11
N TYR D 91 -25.69 -0.21 0.63
CA TYR D 91 -24.60 0.44 1.35
C TYR D 91 -24.87 1.92 1.44
N LYS D 92 -24.67 2.48 2.63
CA LYS D 92 -24.70 3.92 2.87
C LYS D 92 -23.37 4.50 3.30
N SER D 93 -22.65 3.85 4.20
CA SER D 93 -21.41 4.42 4.71
C SER D 93 -20.58 3.33 5.36
N SER D 94 -19.28 3.60 5.48
CA SER D 94 -18.35 2.67 6.12
C SER D 94 -18.31 2.91 7.63
N THR D 95 -19.46 2.65 8.26
CA THR D 95 -19.69 2.93 9.68
C THR D 95 -20.53 1.79 10.26
N THR D 96 -20.76 1.85 11.57
CA THR D 96 -21.59 0.84 12.24
C THR D 96 -22.96 0.76 11.57
N ASP D 97 -23.36 -0.47 11.22
CA ASP D 97 -24.62 -0.72 10.52
C ASP D 97 -24.69 0.08 9.23
N GLY D 98 -23.57 0.35 8.58
CA GLY D 98 -23.58 1.21 7.42
C GLY D 98 -23.95 0.53 6.12
N LEU D 99 -24.03 -0.79 6.11
CA LEU D 99 -24.61 -1.54 5.03
C LEU D 99 -25.63 -2.50 5.63
N ALA D 100 -26.50 -3.05 4.79
CA ALA D 100 -27.45 -4.03 5.30
C ALA D 100 -27.82 -5.03 4.22
N PHE D 101 -28.13 -6.23 4.68
CA PHE D 101 -28.62 -7.32 3.84
C PHE D 101 -30.13 -7.40 3.93
N GLY D 102 -30.78 -7.59 2.78
CA GLY D 102 -32.18 -7.98 2.80
C GLY D 102 -32.36 -9.35 3.42
N GLY D 103 -33.60 -9.66 3.79
CA GLY D 103 -33.87 -10.95 4.41
C GLY D 103 -33.84 -12.13 3.44
N GLY D 104 -33.78 -11.86 2.15
CA GLY D 104 -33.75 -12.92 1.15
C GLY D 104 -35.12 -13.24 0.62
N THR D 105 -35.15 -13.70 -0.64
CA THR D 105 -36.35 -14.22 -1.25
C THR D 105 -36.02 -15.61 -1.80
N GLU D 106 -36.63 -16.64 -1.24
CA GLU D 106 -36.45 -17.99 -1.75
C GLU D 106 -37.29 -18.15 -3.01
N VAL D 107 -36.63 -18.44 -4.13
CA VAL D 107 -37.33 -18.61 -5.40
C VAL D 107 -37.39 -20.10 -5.70
N VAL D 108 -38.60 -20.64 -5.76
CA VAL D 108 -38.86 -22.02 -6.13
C VAL D 108 -39.30 -22.04 -7.57
N VAL D 109 -38.64 -22.87 -8.39
CA VAL D 109 -38.99 -22.96 -9.81
C VAL D 109 -39.92 -24.16 -10.00
N LYS D 110 -41.07 -23.92 -10.63
CA LYS D 110 -42.08 -24.97 -10.78
C LYS D 110 -41.88 -25.70 -12.10
N GLY D 111 -41.43 -26.95 -12.02
CA GLY D 111 -41.48 -27.86 -13.14
C GLY D 111 -42.79 -28.61 -13.15
N ASP D 112 -42.82 -29.74 -13.85
CA ASP D 112 -44.00 -30.59 -13.82
C ASP D 112 -44.16 -31.19 -12.42
N PRO D 113 -45.38 -31.25 -11.90
CA PRO D 113 -45.58 -31.93 -10.62
C PRO D 113 -45.38 -33.43 -10.77
N VAL D 114 -44.78 -34.04 -9.77
CA VAL D 114 -44.56 -35.48 -9.76
C VAL D 114 -44.56 -35.95 -8.32
N ALA D 115 -45.31 -37.02 -8.06
CA ALA D 115 -45.39 -37.55 -6.71
C ALA D 115 -44.08 -38.28 -6.39
N PRO D 116 -43.63 -38.22 -5.14
CA PRO D 116 -42.41 -38.95 -4.77
C PRO D 116 -42.63 -40.45 -4.84
N THR D 117 -41.55 -41.16 -5.14
CA THR D 117 -41.47 -42.58 -4.77
C THR D 117 -40.79 -42.63 -3.41
N VAL D 118 -41.36 -43.40 -2.49
CA VAL D 118 -40.98 -43.34 -1.08
C VAL D 118 -40.39 -44.67 -0.69
N LEU D 119 -39.25 -44.63 0.00
CA LEU D 119 -38.60 -45.81 0.54
C LEU D 119 -38.53 -45.69 2.04
N ILE D 120 -38.71 -46.80 2.75
CA ILE D 120 -38.52 -46.81 4.20
C ILE D 120 -37.48 -47.86 4.54
N PHE D 121 -36.66 -47.56 5.53
CA PHE D 121 -35.53 -48.43 5.91
C PHE D 121 -35.65 -48.74 7.39
N PRO D 122 -36.01 -49.96 7.77
CA PRO D 122 -36.01 -50.33 9.18
C PRO D 122 -34.61 -50.22 9.74
N PRO D 123 -34.48 -50.07 11.06
CA PRO D 123 -33.15 -49.98 11.66
C PRO D 123 -32.36 -51.25 11.45
N ALA D 124 -31.09 -51.08 11.09
CA ALA D 124 -30.18 -52.21 11.01
C ALA D 124 -30.18 -53.01 12.32
N ALA D 125 -29.90 -54.30 12.21
CA ALA D 125 -30.03 -55.19 13.36
C ALA D 125 -29.16 -54.76 14.54
N ASP D 126 -28.08 -54.01 14.29
CA ASP D 126 -27.18 -53.62 15.39
C ASP D 126 -27.56 -52.31 16.04
N GLN D 127 -28.60 -51.62 15.57
CA GLN D 127 -28.99 -50.34 16.19
C GLN D 127 -29.59 -50.54 17.58
N VAL D 128 -30.46 -51.54 17.73
CA VAL D 128 -31.33 -51.56 18.91
C VAL D 128 -30.51 -51.81 20.18
N ALA D 129 -29.41 -52.55 20.08
CA ALA D 129 -28.58 -52.81 21.25
C ALA D 129 -27.93 -51.54 21.80
N THR D 130 -27.86 -50.48 21.00
CA THR D 130 -27.28 -49.22 21.43
C THR D 130 -28.23 -48.37 22.27
N GLY D 131 -29.50 -48.76 22.40
CA GLY D 131 -30.45 -48.00 23.19
C GLY D 131 -31.30 -47.03 22.41
N THR D 132 -30.92 -46.71 21.17
CA THR D 132 -31.67 -45.79 20.33
CA THR D 132 -31.72 -45.82 20.34
C THR D 132 -31.78 -46.39 18.93
N VAL D 133 -32.90 -46.13 18.24
CA VAL D 133 -33.06 -46.59 16.87
C VAL D 133 -33.48 -45.41 16.01
N THR D 134 -32.96 -45.37 14.78
CA THR D 134 -33.30 -44.34 13.82
C THR D 134 -33.84 -45.01 12.56
N ILE D 135 -35.08 -44.69 12.22
CA ILE D 135 -35.72 -45.15 11.00
C ILE D 135 -35.56 -44.09 9.93
N VAL D 136 -35.26 -44.51 8.70
CA VAL D 136 -35.03 -43.56 7.61
C VAL D 136 -36.12 -43.72 6.56
N CYS D 137 -36.65 -42.59 6.10
CA CYS D 137 -37.60 -42.54 5.00
C CYS D 137 -37.06 -41.60 3.92
N VAL D 138 -36.96 -42.09 2.69
CA VAL D 138 -36.45 -41.30 1.58
C VAL D 138 -37.58 -41.07 0.58
N ALA D 139 -37.77 -39.81 0.18
CA ALA D 139 -38.73 -39.45 -0.86
C ALA D 139 -37.96 -39.00 -2.08
N ASN D 140 -38.11 -39.72 -3.19
CA ASN D 140 -37.28 -39.50 -4.37
C ASN D 140 -38.00 -38.73 -5.46
N LYS D 141 -37.30 -37.77 -6.05
CA LYS D 141 -37.64 -37.13 -7.34
C LYS D 141 -39.09 -36.64 -7.35
N TYR D 142 -39.33 -35.58 -6.59
CA TYR D 142 -40.68 -35.05 -6.42
C TYR D 142 -40.74 -33.54 -6.61
N PHE D 143 -41.94 -33.07 -6.93
CA PHE D 143 -42.27 -31.65 -6.96
C PHE D 143 -43.78 -31.53 -6.94
N PRO D 144 -44.37 -30.59 -6.18
CA PRO D 144 -43.72 -29.57 -5.34
C PRO D 144 -43.24 -30.08 -3.99
N ASP D 145 -42.94 -29.13 -3.09
CA ASP D 145 -42.42 -29.47 -1.77
C ASP D 145 -43.41 -30.36 -1.02
N VAL D 146 -42.86 -31.18 -0.11
CA VAL D 146 -43.67 -32.12 0.64
C VAL D 146 -43.67 -31.75 2.11
N THR D 147 -44.65 -32.29 2.82
CA THR D 147 -44.64 -32.32 4.28
C THR D 147 -44.60 -33.78 4.70
N VAL D 148 -43.87 -34.09 5.78
CA VAL D 148 -43.69 -35.47 6.23
C VAL D 148 -44.36 -35.65 7.58
N THR D 149 -45.15 -36.72 7.69
CA THR D 149 -45.74 -37.17 8.94
C THR D 149 -45.24 -38.57 9.24
N TRP D 150 -44.92 -38.82 10.51
CA TRP D 150 -44.57 -40.16 10.96
C TRP D 150 -45.64 -40.69 11.91
N GLU D 151 -46.02 -41.96 11.75
CA GLU D 151 -46.96 -42.59 12.66
C GLU D 151 -46.40 -43.91 13.17
N VAL D 152 -46.67 -44.19 14.46
CA VAL D 152 -46.26 -45.44 15.09
C VAL D 152 -47.52 -46.06 15.67
N ASP D 153 -47.89 -47.24 15.16
CA ASP D 153 -49.18 -47.86 15.49
C ASP D 153 -50.32 -46.84 15.40
N GLY D 154 -50.27 -45.99 14.38
CA GLY D 154 -51.32 -45.04 14.12
C GLY D 154 -51.24 -43.74 14.90
N THR D 155 -50.28 -43.59 15.80
CA THR D 155 -50.14 -42.39 16.61
C THR D 155 -49.12 -41.48 15.96
N THR D 156 -49.52 -40.24 15.69
CA THR D 156 -48.62 -39.28 15.05
C THR D 156 -47.45 -38.94 15.97
N GLN D 157 -46.25 -38.93 15.40
CA GLN D 157 -45.04 -38.58 16.13
C GLN D 157 -44.82 -37.07 16.06
N THR D 158 -44.40 -36.49 17.19
CA THR D 158 -44.25 -35.04 17.27
C THR D 158 -42.85 -34.60 17.65
N THR D 159 -41.97 -35.54 17.97
CA THR D 159 -40.60 -35.23 18.33
C THR D 159 -39.68 -36.29 17.75
N GLY D 160 -38.40 -35.96 17.68
CA GLY D 160 -37.42 -36.90 17.18
C GLY D 160 -37.36 -37.01 15.68
N ILE D 161 -37.83 -36.01 14.95
CA ILE D 161 -37.91 -36.04 13.50
C ILE D 161 -37.02 -34.95 12.91
N GLU D 162 -36.16 -35.34 11.97
CA GLU D 162 -35.36 -34.39 11.22
CA GLU D 162 -35.36 -34.39 11.21
C GLU D 162 -35.54 -34.66 9.73
N ASN D 163 -35.49 -33.59 8.94
CA ASN D 163 -35.68 -33.64 7.50
C ASN D 163 -34.51 -32.96 6.80
N SER D 164 -34.07 -33.55 5.69
CA SER D 164 -33.01 -32.98 4.88
C SER D 164 -33.40 -33.07 3.40
N LYS D 165 -33.28 -31.95 2.71
CA LYS D 165 -33.74 -31.85 1.34
C LYS D 165 -32.58 -31.47 0.42
N THR D 166 -32.44 -32.18 -0.68
CA THR D 166 -31.50 -31.75 -1.69
C THR D 166 -32.09 -30.58 -2.47
N PRO D 167 -31.26 -29.69 -3.00
CA PRO D 167 -31.78 -28.56 -3.77
C PRO D 167 -32.40 -29.00 -5.10
N GLN D 168 -33.27 -28.14 -5.63
CA GLN D 168 -33.96 -28.44 -6.88
C GLN D 168 -33.01 -28.85 -7.98
N ASN D 169 -33.36 -29.92 -8.67
CA ASN D 169 -32.56 -30.41 -9.78
C ASN D 169 -32.52 -29.36 -10.88
N SER D 170 -31.30 -29.01 -11.30
CA SER D 170 -31.16 -27.93 -12.28
C SER D 170 -31.77 -28.29 -13.62
N ALA D 171 -32.08 -29.56 -13.87
CA ALA D 171 -32.66 -29.99 -15.14
C ALA D 171 -34.18 -30.14 -15.07
N ASP D 172 -34.72 -30.80 -14.05
CA ASP D 172 -36.16 -31.09 -14.02
C ASP D 172 -36.85 -30.57 -12.77
N CYS D 173 -36.17 -29.77 -11.94
CA CYS D 173 -36.72 -29.03 -10.81
C CYS D 173 -37.12 -29.90 -9.62
N THR D 174 -36.93 -31.22 -9.67
CA THR D 174 -37.42 -32.06 -8.58
C THR D 174 -36.49 -32.03 -7.37
N TYR D 175 -37.06 -32.35 -6.22
CA TYR D 175 -36.36 -32.51 -4.96
C TYR D 175 -36.16 -33.99 -4.63
N ASN D 176 -35.26 -34.24 -3.68
CA ASN D 176 -35.21 -35.50 -2.94
C ASN D 176 -35.12 -35.17 -1.46
N LEU D 177 -35.63 -36.08 -0.63
CA LEU D 177 -35.74 -35.79 0.79
C LEU D 177 -35.42 -37.01 1.63
N SER D 178 -34.68 -36.80 2.73
CA SER D 178 -34.42 -37.82 3.74
C SER D 178 -35.07 -37.36 5.04
N SER D 179 -35.95 -38.19 5.58
CA SER D 179 -36.57 -37.94 6.87
C SER D 179 -36.19 -39.07 7.83
N THR D 180 -35.83 -38.72 9.06
CA THR D 180 -35.47 -39.73 10.04
C THR D 180 -36.36 -39.58 11.26
N LEU D 181 -36.71 -40.71 11.85
CA LEU D 181 -37.45 -40.79 13.10
C LEU D 181 -36.59 -41.55 14.10
N THR D 182 -36.29 -40.93 15.23
CA THR D 182 -35.46 -41.53 16.25
C THR D 182 -36.27 -41.82 17.50
N LEU D 183 -36.21 -43.06 17.98
CA LEU D 183 -36.93 -43.52 19.15
C LEU D 183 -35.98 -44.23 20.10
N THR D 184 -36.37 -44.39 21.36
CA THR D 184 -35.61 -45.26 22.23
C THR D 184 -35.84 -46.71 21.81
N SER D 185 -34.91 -47.58 22.19
CA SER D 185 -35.06 -49.00 21.90
C SER D 185 -36.30 -49.59 22.54
N THR D 186 -36.67 -49.11 23.74
CA THR D 186 -37.88 -49.62 24.39
C THR D 186 -39.12 -49.22 23.60
N GLN D 187 -39.19 -47.97 23.14
CA GLN D 187 -40.32 -47.57 22.32
C GLN D 187 -40.40 -48.41 21.05
N TYR D 188 -39.27 -48.64 20.40
CA TYR D 188 -39.27 -49.37 19.14
C TYR D 188 -39.77 -50.80 19.34
N ASN D 189 -39.29 -51.47 20.39
CA ASN D 189 -39.65 -52.87 20.63
C ASN D 189 -41.07 -53.02 21.16
N SER D 190 -41.69 -51.93 21.61
CA SER D 190 -43.02 -51.97 22.17
C SER D 190 -44.11 -51.64 21.15
N HIS D 191 -43.74 -51.42 19.89
CA HIS D 191 -44.73 -51.07 18.87
C HIS D 191 -44.44 -51.84 17.59
N LYS D 192 -45.41 -51.83 16.69
CA LYS D 192 -45.45 -52.74 15.56
C LYS D 192 -45.34 -52.04 14.21
N GLU D 193 -46.23 -51.09 13.92
CA GLU D 193 -46.34 -50.50 12.59
C GLU D 193 -45.65 -49.14 12.55
N TYR D 194 -44.70 -48.99 11.63
CA TYR D 194 -43.98 -47.74 11.46
C TYR D 194 -44.27 -47.18 10.08
N THR D 195 -44.73 -45.93 10.03
CA THR D 195 -45.34 -45.35 8.83
C THR D 195 -44.77 -43.97 8.55
N CYS D 196 -44.30 -43.76 7.33
CA CYS D 196 -43.86 -42.46 6.82
CA CYS D 196 -43.92 -42.42 6.88
C CYS D 196 -44.87 -42.00 5.77
N LYS D 197 -45.46 -40.83 5.96
CA LYS D 197 -46.47 -40.29 5.06
C LYS D 197 -45.94 -38.99 4.49
N VAL D 198 -45.81 -38.94 3.17
CA VAL D 198 -45.20 -37.82 2.45
C VAL D 198 -46.31 -37.14 1.65
N THR D 199 -46.64 -35.90 1.99
CA THR D 199 -47.83 -35.24 1.48
C THR D 199 -47.49 -34.02 0.65
N GLN D 200 -48.15 -33.89 -0.50
CA GLN D 200 -48.06 -32.75 -1.41
C GLN D 200 -49.49 -32.24 -1.60
N GLY D 201 -49.95 -31.42 -0.67
CA GLY D 201 -51.31 -30.92 -0.76
C GLY D 201 -52.32 -32.06 -0.79
N THR D 202 -53.02 -32.23 -1.91
CA THR D 202 -54.05 -33.25 -2.01
C THR D 202 -53.51 -34.63 -2.36
N THR D 203 -52.20 -34.78 -2.53
CA THR D 203 -51.55 -36.04 -2.85
C THR D 203 -50.78 -36.51 -1.63
N SER D 204 -50.86 -37.80 -1.31
CA SER D 204 -49.99 -38.38 -0.29
C SER D 204 -49.45 -39.71 -0.75
N VAL D 205 -48.20 -39.99 -0.39
CA VAL D 205 -47.58 -41.29 -0.61
C VAL D 205 -47.15 -41.82 0.75
N VAL D 206 -47.56 -43.05 1.06
CA VAL D 206 -47.37 -43.63 2.38
C VAL D 206 -46.57 -44.90 2.24
N GLN D 207 -45.57 -45.07 3.10
CA GLN D 207 -44.78 -46.29 3.11
C GLN D 207 -44.64 -46.73 4.55
N SER D 208 -44.84 -48.03 4.80
CA SER D 208 -44.82 -48.57 6.17
CA SER D 208 -44.79 -48.54 6.17
C SER D 208 -44.03 -49.86 6.21
N PHE D 209 -43.72 -50.30 7.43
CA PHE D 209 -43.20 -51.64 7.64
C PHE D 209 -43.65 -52.10 9.02
N ASN D 210 -43.65 -53.40 9.21
CA ASN D 210 -44.04 -54.01 10.47
C ASN D 210 -42.79 -54.61 11.12
N ARG D 211 -42.52 -54.20 12.35
CA ARG D 211 -41.24 -54.52 12.99
C ARG D 211 -40.97 -56.02 12.96
N GLY D 212 -42.01 -56.84 13.15
CA GLY D 212 -41.82 -58.28 13.15
C GLY D 212 -41.46 -58.87 11.80
N ASP D 213 -41.68 -58.13 10.72
CA ASP D 213 -41.43 -58.62 9.37
C ASP D 213 -40.07 -58.24 8.81
N CYS D 214 -39.25 -57.50 9.55
CA CYS D 214 -37.94 -57.12 9.06
C CYS D 214 -36.86 -57.34 10.11
N PCA E 1 8.53 16.22 4.72
CA PCA E 1 8.42 14.93 5.40
CB PCA E 1 9.68 14.08 5.23
CG PCA E 1 10.73 15.03 4.68
CD PCA E 1 9.93 16.24 4.31
OE PCA E 1 10.42 17.19 3.68
C PCA E 1 8.18 15.20 6.88
O PCA E 1 9.13 15.21 7.66
N SER E 2 6.93 15.42 7.24
CA SER E 2 6.54 15.76 8.61
C SER E 2 5.09 15.36 8.86
N VAL E 3 4.73 15.22 10.14
CA VAL E 3 3.35 14.98 10.51
C VAL E 3 2.88 16.17 11.35
N GLU E 4 1.57 16.32 11.42
CA GLU E 4 0.96 17.37 12.23
C GLU E 4 -0.40 16.90 12.71
N GLU E 5 -0.71 17.17 13.97
CA GLU E 5 -2.03 16.86 14.52
C GLU E 5 -3.03 17.94 14.13
N SER E 6 -4.26 17.53 13.84
CA SER E 6 -5.27 18.53 13.55
C SER E 6 -5.57 19.32 14.82
N GLU E 7 -6.29 20.43 14.66
CA GLU E 7 -6.51 21.35 15.77
C GLU E 7 -7.36 20.68 16.85
N GLY E 8 -6.98 20.90 18.10
CA GLY E 8 -7.76 20.36 19.19
C GLY E 8 -8.91 21.28 19.56
N GLY E 9 -8.95 21.73 20.80
CA GLY E 9 -9.94 22.70 21.23
C GLY E 9 -10.74 22.17 22.41
N LEU E 10 -11.98 22.65 22.51
CA LEU E 10 -12.85 22.34 23.64
C LEU E 10 -13.81 21.23 23.27
N PHE E 11 -13.98 20.27 24.17
CA PHE E 11 -14.88 19.15 23.94
C PHE E 11 -15.75 18.92 25.17
N LYS E 12 -17.01 18.54 24.95
CA LYS E 12 -17.89 18.19 26.06
C LYS E 12 -17.66 16.73 26.43
N PRO E 13 -17.98 16.34 27.68
CA PRO E 13 -17.84 14.93 28.04
C PRO E 13 -18.61 14.00 27.12
N THR E 14 -19.74 14.46 26.59
CA THR E 14 -20.54 13.67 25.66
C THR E 14 -20.13 13.86 24.22
N ASP E 15 -19.15 14.72 23.94
CA ASP E 15 -18.63 14.89 22.59
C ASP E 15 -17.69 13.74 22.25
N THR E 16 -17.39 13.61 20.96
CA THR E 16 -16.32 12.72 20.52
C THR E 16 -15.08 13.58 20.25
N LEU E 17 -13.95 13.20 20.84
CA LEU E 17 -12.69 13.83 20.52
C LEU E 17 -12.15 13.18 19.25
N THR E 18 -11.98 13.97 18.19
CA THR E 18 -11.44 13.45 16.93
C THR E 18 -10.20 14.26 16.58
N LEU E 19 -9.07 13.57 16.48
CA LEU E 19 -7.80 14.18 16.11
C LEU E 19 -7.24 13.45 14.90
N THR E 20 -6.77 14.20 13.91
CA THR E 20 -6.22 13.62 12.70
C THR E 20 -4.71 13.84 12.66
N CYS E 21 -3.96 12.78 12.40
CA CYS E 21 -2.53 12.87 12.12
C CYS E 21 -2.41 12.97 10.61
N THR E 22 -1.93 14.12 10.13
CA THR E 22 -1.76 14.35 8.70
CA THR E 22 -1.76 14.37 8.71
C THR E 22 -0.28 14.42 8.37
N ALA E 23 0.06 13.96 7.17
CA ALA E 23 1.44 13.91 6.73
C ALA E 23 1.63 14.87 5.55
N SER E 24 2.82 15.45 5.48
CA SER E 24 3.22 16.31 4.38
C SER E 24 4.58 15.82 3.90
N GLY E 25 4.66 15.46 2.61
CA GLY E 25 5.94 15.04 2.08
C GLY E 25 6.33 13.59 2.35
N PHE E 26 5.47 12.81 2.99
CA PHE E 26 5.70 11.36 3.00
C PHE E 26 4.38 10.67 3.31
N SER E 27 4.41 9.34 3.23
CA SER E 27 3.24 8.51 3.41
C SER E 27 3.24 7.89 4.80
N LEU E 28 2.06 7.83 5.43
CA LEU E 28 1.90 7.06 6.66
C LEU E 28 1.66 5.59 6.41
N SER E 29 1.25 5.21 5.18
CA SER E 29 1.01 3.81 4.86
C SER E 29 2.26 2.99 5.09
N GLY E 30 2.08 1.79 5.63
CA GLY E 30 3.21 0.92 5.83
C GLY E 30 4.20 1.38 6.88
N HIS E 31 3.82 2.36 7.69
CA HIS E 31 4.68 2.86 8.75
C HIS E 31 3.88 2.94 10.04
N GLY E 32 4.54 2.63 11.16
CA GLY E 32 3.88 2.77 12.44
C GLY E 32 3.57 4.23 12.72
N VAL E 33 2.40 4.46 13.31
CA VAL E 33 1.98 5.79 13.74
C VAL E 33 1.46 5.65 15.17
N ILE E 34 1.96 6.51 16.07
CA ILE E 34 1.60 6.41 17.48
C ILE E 34 0.88 7.68 17.93
N TRP E 35 -0.05 7.50 18.87
CA TRP E 35 -0.73 8.60 19.55
C TRP E 35 -0.31 8.60 21.01
N VAL E 36 0.18 9.75 21.48
CA VAL E 36 0.68 9.94 22.83
CA VAL E 36 0.64 9.92 22.85
C VAL E 36 0.11 11.25 23.37
N ARG E 37 -0.12 11.34 24.68
CA ARG E 37 -0.60 12.60 25.22
C ARG E 37 0.21 12.96 26.45
N GLN E 38 0.10 14.23 26.86
CA GLN E 38 0.88 14.73 27.99
C GLN E 38 0.05 15.75 28.75
N ALA E 39 -0.35 15.39 29.96
CA ALA E 39 -1.05 16.33 30.83
C ALA E 39 -0.07 17.35 31.39
N PRO E 40 -0.56 18.54 31.76
CA PRO E 40 0.36 19.58 32.26
C PRO E 40 1.19 19.08 33.44
N GLY E 41 2.50 19.26 33.34
CA GLY E 41 3.41 18.87 34.40
C GLY E 41 3.47 17.37 34.64
N LYS E 42 3.17 16.56 33.63
CA LYS E 42 3.16 15.11 33.78
C LYS E 42 3.93 14.46 32.64
N GLY E 43 4.19 13.15 32.77
CA GLY E 43 4.92 12.44 31.75
C GLY E 43 4.06 12.03 30.55
N LEU E 44 4.76 11.63 29.50
CA LEU E 44 4.14 11.10 28.30
C LEU E 44 3.31 9.86 28.59
N GLU E 45 2.13 9.77 27.97
CA GLU E 45 1.22 8.64 28.16
C GLU E 45 0.80 8.11 26.80
N TRP E 46 1.05 6.83 26.56
CA TRP E 46 0.63 6.17 25.33
C TRP E 46 -0.87 5.98 25.30
N ILE E 47 -1.49 6.28 24.14
CA ILE E 47 -2.91 6.04 23.88
C ILE E 47 -3.08 4.78 23.06
N GLY E 48 -2.47 4.74 21.88
CA GLY E 48 -2.54 3.57 21.04
C GLY E 48 -1.70 3.81 19.80
N SER E 49 -1.63 2.77 18.96
CA SER E 49 -0.74 2.76 17.82
C SER E 49 -1.41 2.13 16.62
N ALA E 50 -1.10 2.65 15.43
CA ALA E 50 -1.43 1.99 14.18
C ALA E 50 -0.17 1.27 13.71
N GLY E 51 -0.25 -0.05 13.61
CA GLY E 51 0.89 -0.81 13.14
C GLY E 51 1.14 -0.61 11.65
N ALA E 52 2.39 -0.89 11.26
CA ALA E 52 2.78 -0.72 9.85
C ALA E 52 1.99 -1.64 8.94
N TYR E 53 1.58 -2.80 9.44
CA TYR E 53 0.95 -3.80 8.58
C TYR E 53 -0.52 -4.02 8.90
N GLY E 54 -1.16 -3.12 9.64
CA GLY E 54 -2.60 -3.11 9.77
C GLY E 54 -3.14 -3.31 11.17
N ARG E 55 -2.35 -3.86 12.09
CA ARG E 55 -2.79 -4.02 13.47
CA ARG E 55 -2.84 -4.02 13.45
C ARG E 55 -3.01 -2.66 14.11
N ILE E 56 -4.03 -2.58 14.96
CA ILE E 56 -4.29 -1.41 15.80
C ILE E 56 -4.23 -1.93 17.22
N TYR E 57 -3.41 -1.30 18.07
CA TYR E 57 -3.30 -1.77 19.45
C TYR E 57 -3.26 -0.58 20.41
N TYR E 58 -3.79 -0.80 21.63
CA TYR E 58 -4.11 0.30 22.52
C TYR E 58 -3.53 0.07 23.92
N ALA E 59 -3.32 1.18 24.63
CA ALA E 59 -3.26 1.10 26.09
C ALA E 59 -4.63 0.66 26.60
N SER E 60 -4.65 -0.19 27.65
CA SER E 60 -5.93 -0.73 28.09
C SER E 60 -6.89 0.35 28.60
N TRP E 61 -6.38 1.43 29.22
CA TRP E 61 -7.30 2.48 29.66
C TRP E 61 -8.02 3.12 28.47
N ALA E 62 -7.37 3.16 27.31
CA ALA E 62 -7.96 3.80 26.13
C ALA E 62 -8.83 2.86 25.32
N LYS E 63 -8.55 1.55 25.37
CA LYS E 63 -9.19 0.61 24.47
C LYS E 63 -10.71 0.60 24.61
N SER E 64 -11.20 0.83 25.83
CA SER E 64 -12.63 0.73 26.04
C SER E 64 -13.43 1.89 25.46
N ARG E 65 -12.77 2.98 25.09
CA ARG E 65 -13.49 4.17 24.63
C ARG E 65 -12.75 4.90 23.52
N SER E 66 -11.88 4.21 22.77
CA SER E 66 -11.10 4.85 21.74
C SER E 66 -11.08 3.98 20.50
N THR E 67 -10.99 4.62 19.34
CA THR E 67 -10.76 3.93 18.09
C THR E 67 -9.68 4.70 17.32
N ILE E 68 -8.68 3.98 16.84
CA ILE E 68 -7.66 4.54 15.97
C ILE E 68 -7.88 3.94 14.60
N THR E 69 -7.94 4.79 13.58
CA THR E 69 -8.31 4.37 12.23
C THR E 69 -7.30 4.90 11.23
N ARG E 70 -6.86 4.03 10.35
CA ARG E 70 -6.00 4.46 9.26
C ARG E 70 -6.86 4.80 8.05
N ASN E 71 -6.46 5.85 7.30
CA ASN E 71 -7.09 6.16 6.02
C ASN E 71 -5.96 6.26 5.01
N THR E 72 -5.76 5.18 4.24
CA THR E 72 -4.68 5.17 3.27
C THR E 72 -5.04 5.86 1.96
N ASN E 73 -6.28 6.32 1.81
CA ASN E 73 -6.61 7.16 0.65
C ASN E 73 -6.25 8.61 0.90
N LEU E 74 -6.60 9.15 2.06
CA LEU E 74 -6.29 10.52 2.44
C LEU E 74 -4.96 10.66 3.16
N ASN E 75 -4.28 9.54 3.43
CA ASN E 75 -2.94 9.56 4.05
C ASN E 75 -2.99 10.13 5.46
N THR E 76 -3.89 9.58 6.28
CA THR E 76 -4.08 10.04 7.65
C THR E 76 -4.21 8.85 8.59
N VAL E 77 -4.01 9.13 9.88
CA VAL E 77 -4.36 8.21 10.96
C VAL E 77 -5.13 9.02 11.99
N THR E 78 -6.31 8.54 12.39
CA THR E 78 -7.22 9.33 13.21
C THR E 78 -7.40 8.66 14.56
N LEU E 79 -7.47 9.49 15.60
CA LEU E 79 -7.81 9.04 16.95
C LEU E 79 -9.18 9.58 17.32
N LYS E 80 -10.08 8.68 17.72
CA LYS E 80 -11.41 9.06 18.21
C LYS E 80 -11.56 8.54 19.63
N MET E 81 -11.97 9.42 20.55
CA MET E 81 -12.16 9.09 21.97
C MET E 81 -13.51 9.60 22.44
N THR E 82 -14.19 8.79 23.26
CA THR E 82 -15.49 9.14 23.84
C THR E 82 -15.43 9.04 25.37
N SER E 83 -16.55 9.37 26.01
CA SER E 83 -16.67 9.41 27.47
C SER E 83 -15.52 10.21 28.09
N LEU E 84 -15.43 11.46 27.66
CA LEU E 84 -14.35 12.36 28.03
C LEU E 84 -14.55 12.94 29.43
N THR E 85 -13.45 13.19 30.14
CA THR E 85 -13.46 13.84 31.43
C THR E 85 -12.26 14.78 31.53
N ALA E 86 -12.16 15.48 32.66
CA ALA E 86 -11.01 16.34 32.89
C ALA E 86 -9.68 15.57 32.84
N ALA E 87 -9.71 14.25 33.06
CA ALA E 87 -8.50 13.46 32.95
C ALA E 87 -7.97 13.41 31.51
N ASP E 88 -8.79 13.74 30.53
CA ASP E 88 -8.39 13.71 29.12
C ASP E 88 -7.85 15.05 28.63
N THR E 89 -7.88 16.09 29.46
CA THR E 89 -7.25 17.36 29.11
C THR E 89 -5.73 17.20 29.04
N ALA E 90 -5.14 17.51 27.88
CA ALA E 90 -3.72 17.24 27.64
C ALA E 90 -3.32 17.80 26.28
N THR E 91 -2.01 17.83 26.06
CA THR E 91 -1.44 17.99 24.72
C THR E 91 -1.32 16.63 24.07
N TYR E 92 -1.84 16.49 22.87
CA TYR E 92 -1.88 15.24 22.15
C TYR E 92 -0.89 15.30 20.99
N PHE E 93 -0.04 14.28 20.86
CA PHE E 93 0.97 14.16 19.82
C PHE E 93 0.73 12.93 18.97
N CYS E 94 1.00 13.02 17.67
CA CYS E 94 1.19 11.82 16.89
C CYS E 94 2.62 11.76 16.37
N ALA E 95 3.07 10.57 16.01
CA ALA E 95 4.41 10.43 15.46
C ALA E 95 4.46 9.25 14.49
N ARG E 96 5.36 9.37 13.51
CA ARG E 96 5.61 8.33 12.52
C ARG E 96 6.95 7.67 12.79
N ARG E 97 7.01 6.36 12.59
CA ARG E 97 8.22 5.56 12.76
C ARG E 97 8.76 5.17 11.39
N SER E 98 10.00 5.57 11.10
CA SER E 98 10.56 5.31 9.77
C SER E 98 10.73 3.82 9.48
N ASP E 99 11.11 3.03 10.48
CA ASP E 99 11.59 1.66 10.27
CA ASP E 99 11.59 1.66 10.27
C ASP E 99 10.89 0.72 11.23
N VAL E 100 10.15 -0.25 10.69
CA VAL E 100 9.43 -1.20 11.55
C VAL E 100 10.41 -1.96 12.43
N GLY E 101 11.64 -2.15 11.96
CA GLY E 101 12.65 -2.89 12.70
C GLY E 101 13.02 -2.29 14.04
N THR E 102 12.73 -0.99 14.27
CA THR E 102 13.02 -0.38 15.57
C THR E 102 11.90 -0.55 16.59
N SER E 103 10.68 -0.90 16.14
CA SER E 103 9.46 -1.04 16.91
C SER E 103 8.99 0.27 17.54
N VAL E 104 9.88 0.98 18.23
CA VAL E 104 9.49 2.22 18.89
C VAL E 104 10.47 3.35 18.55
N GLY E 105 11.16 3.24 17.41
CA GLY E 105 12.00 4.33 16.95
C GLY E 105 11.21 5.42 16.24
N PHE E 106 10.35 6.09 17.00
CA PHE E 106 9.47 7.10 16.44
C PHE E 106 10.27 8.39 16.24
N ASP E 107 10.54 8.72 14.98
CA ASP E 107 11.48 9.79 14.66
C ASP E 107 10.85 11.05 14.10
N SER E 108 9.62 11.01 13.56
CA SER E 108 8.95 12.22 13.06
C SER E 108 7.75 12.52 13.96
N TRP E 109 7.82 13.62 14.71
CA TRP E 109 6.78 13.99 15.65
C TRP E 109 6.03 15.24 15.21
N GLY E 110 4.74 15.28 15.51
CA GLY E 110 4.00 16.50 15.33
C GLY E 110 4.31 17.47 16.44
N PRO E 111 3.89 18.73 16.26
CA PRO E 111 4.15 19.75 17.29
C PRO E 111 3.29 19.60 18.54
N GLY E 112 2.21 18.81 18.46
CA GLY E 112 1.28 18.67 19.57
C GLY E 112 0.12 19.64 19.50
N THR E 113 -1.05 19.20 19.94
CA THR E 113 -2.25 20.04 19.96
C THR E 113 -2.96 19.92 21.30
N LEU E 114 -3.50 21.02 21.78
CA LEU E 114 -4.11 21.12 23.11
C LEU E 114 -5.57 20.70 23.04
N VAL E 115 -5.97 19.81 23.94
CA VAL E 115 -7.34 19.33 24.05
C VAL E 115 -7.80 19.64 25.46
N THR E 116 -8.96 20.29 25.60
CA THR E 116 -9.53 20.63 26.90
C THR E 116 -10.95 20.11 26.98
N ILE E 117 -11.27 19.38 28.05
CA ILE E 117 -12.62 18.87 28.25
C ILE E 117 -13.38 19.88 29.11
N SER E 118 -14.38 20.53 28.51
CA SER E 118 -15.23 21.46 29.23
C SER E 118 -16.70 21.16 28.96
N SER E 119 -17.52 21.43 29.98
CA SER E 119 -18.97 21.52 29.83
C SER E 119 -19.39 22.93 29.43
N SER E 120 -18.70 23.94 29.96
CA SER E 120 -18.98 25.32 29.56
C SER E 120 -18.35 25.51 28.18
N SER E 121 -19.11 26.11 27.25
CA SER E 121 -18.71 26.04 25.85
C SER E 121 -17.70 27.13 25.51
N GLY E 122 -16.95 27.53 26.53
CA GLY E 122 -15.90 28.53 26.45
C GLY E 122 -16.33 29.83 25.84
N GLN E 123 -16.73 30.77 26.69
CA GLN E 123 -17.01 32.13 26.28
C GLN E 123 -15.64 32.75 26.26
N PRO E 124 -15.03 32.94 25.09
CA PRO E 124 -13.67 33.47 25.05
C PRO E 124 -13.58 34.85 25.68
N LYS E 125 -12.37 35.19 26.10
CA LYS E 125 -12.08 36.48 26.70
C LYS E 125 -10.81 37.00 26.05
N ALA E 126 -10.88 38.19 25.47
CA ALA E 126 -9.73 38.82 24.87
C ALA E 126 -8.79 39.29 25.97
N PRO E 127 -7.49 39.37 25.67
CA PRO E 127 -6.54 39.86 26.68
C PRO E 127 -6.62 41.36 26.87
N SER E 128 -6.36 41.77 28.10
CA SER E 128 -6.00 43.15 28.40
C SER E 128 -4.48 43.24 28.34
N VAL E 129 -3.98 44.33 27.75
CA VAL E 129 -2.54 44.50 27.58
C VAL E 129 -2.12 45.76 28.31
N PHE E 130 -1.19 45.61 29.26
CA PHE E 130 -0.76 46.74 30.04
C PHE E 130 0.75 46.91 29.89
N PRO E 131 1.23 48.13 29.73
CA PRO E 131 2.67 48.32 29.61
C PRO E 131 3.38 48.04 30.92
N LEU E 132 4.64 47.62 30.81
CA LEU E 132 5.54 47.42 31.94
C LEU E 132 6.69 48.40 31.80
N ALA E 133 6.85 49.28 32.78
CA ALA E 133 7.94 50.24 32.78
C ALA E 133 8.35 50.45 34.22
N PRO E 134 9.61 50.73 34.48
CA PRO E 134 10.06 50.89 35.87
C PRO E 134 9.55 52.19 36.47
N CYS E 135 9.51 52.19 37.80
CA CYS E 135 9.24 53.40 38.56
CA CYS E 135 9.26 53.40 38.57
C CYS E 135 10.31 54.45 38.28
N CYS E 136 10.02 55.68 38.70
CA CYS E 136 11.02 56.76 38.64
C CYS E 136 12.14 56.48 39.63
N GLY E 137 13.31 56.10 39.11
CA GLY E 137 14.45 55.74 39.93
C GLY E 137 15.49 56.85 39.97
N ASP E 138 16.05 57.08 41.16
CA ASP E 138 16.90 58.24 41.39
C ASP E 138 18.18 58.23 40.57
N THR E 139 18.60 57.06 40.05
CA THR E 139 19.74 56.96 39.15
C THR E 139 19.24 56.46 37.79
N PRO E 140 18.87 57.35 36.88
CA PRO E 140 18.47 56.89 35.54
C PRO E 140 19.60 56.15 34.86
N SER E 141 19.21 55.28 33.92
CA SER E 141 20.15 54.33 33.32
C SER E 141 20.21 54.48 31.81
N SER E 142 21.36 54.11 31.23
CA SER E 142 21.54 54.12 29.79
C SER E 142 20.78 53.00 29.10
N THR E 143 20.37 51.96 29.84
CA THR E 143 19.55 50.90 29.29
C THR E 143 18.34 50.73 30.20
N VAL E 144 17.26 50.19 29.63
CA VAL E 144 16.03 50.00 30.37
C VAL E 144 15.34 48.74 29.87
N THR E 145 14.66 48.07 30.77
CA THR E 145 13.82 46.94 30.39
C THR E 145 12.36 47.37 30.45
N LEU E 146 11.68 47.27 29.32
CA LEU E 146 10.26 47.57 29.20
C LEU E 146 9.50 46.29 28.90
N GLY E 147 8.17 46.36 28.90
CA GLY E 147 7.45 45.12 28.64
C GLY E 147 5.97 45.36 28.44
N CYS E 148 5.27 44.24 28.27
CA CYS E 148 3.81 44.23 28.21
C CYS E 148 3.28 43.09 29.06
N LEU E 149 2.29 43.38 29.90
CA LEU E 149 1.58 42.36 30.66
C LEU E 149 0.31 42.01 29.88
N VAL E 150 0.17 40.75 29.54
CA VAL E 150 -0.98 40.28 28.77
C VAL E 150 -1.83 39.48 29.73
N LYS E 151 -2.97 40.04 30.13
CA LYS E 151 -3.71 39.57 31.28
C LYS E 151 -5.14 39.18 30.92
N GLY E 152 -5.59 38.05 31.45
CA GLY E 152 -7.00 37.75 31.50
C GLY E 152 -7.62 37.29 30.19
N TYR E 153 -6.95 36.40 29.47
CA TYR E 153 -7.48 35.90 28.22
C TYR E 153 -7.81 34.42 28.33
N LEU E 154 -8.64 33.94 27.40
CA LEU E 154 -9.13 32.57 27.33
C LEU E 154 -9.69 32.31 25.94
N PRO E 155 -9.33 31.20 25.28
CA PRO E 155 -8.31 30.20 25.62
C PRO E 155 -6.92 30.59 25.12
N GLU E 156 -5.96 29.68 25.30
CA GLU E 156 -4.65 29.84 24.69
C GLU E 156 -4.71 29.57 23.18
N PRO E 157 -3.77 30.10 22.40
CA PRO E 157 -2.65 30.94 22.79
C PRO E 157 -2.81 32.42 22.47
N VAL E 158 -1.91 33.23 23.01
CA VAL E 158 -1.61 34.54 22.43
C VAL E 158 -0.21 34.46 21.84
N THR E 159 0.04 35.32 20.87
CA THR E 159 1.39 35.51 20.34
C THR E 159 1.80 36.95 20.57
N VAL E 160 3.05 37.15 20.96
CA VAL E 160 3.59 38.48 21.22
C VAL E 160 4.81 38.68 20.33
N THR E 161 4.85 39.81 19.64
CA THR E 161 6.06 40.23 18.95
C THR E 161 6.37 41.64 19.40
N TRP E 162 7.57 42.11 19.06
CA TRP E 162 7.97 43.48 19.30
C TRP E 162 8.32 44.14 17.96
N ASN E 163 7.81 45.36 17.77
CA ASN E 163 8.00 46.12 16.54
C ASN E 163 7.70 45.28 15.30
N SER E 164 6.56 44.59 15.34
CA SER E 164 6.07 43.77 14.24
C SER E 164 7.05 42.66 13.85
N GLY E 165 7.85 42.19 14.81
CA GLY E 165 8.79 41.12 14.57
C GLY E 165 10.20 41.56 14.24
N THR E 166 10.42 42.86 14.02
CA THR E 166 11.76 43.33 13.72
C THR E 166 12.65 43.41 14.95
N LEU E 167 12.07 43.39 16.15
CA LEU E 167 12.84 43.45 17.39
C LEU E 167 12.78 42.09 18.07
N THR E 168 13.92 41.40 18.13
CA THR E 168 13.98 40.10 18.77
C THR E 168 15.11 40.02 19.80
N ASN E 169 16.17 40.82 19.60
CA ASN E 169 17.30 40.82 20.54
C ASN E 169 16.85 41.35 21.89
N GLY E 170 17.11 40.57 22.93
CA GLY E 170 16.79 41.00 24.28
C GLY E 170 15.35 40.76 24.67
N VAL E 171 14.58 40.04 23.86
CA VAL E 171 13.17 39.77 24.15
C VAL E 171 13.06 38.49 24.96
N ARG E 172 12.29 38.55 26.06
CA ARG E 172 11.98 37.38 26.87
CA ARG E 172 11.98 37.40 26.89
C ARG E 172 10.47 37.33 27.06
N THR E 173 9.84 36.34 26.46
CA THR E 173 8.41 36.12 26.60
C THR E 173 8.22 34.86 27.41
N PHE E 174 7.56 34.98 28.56
CA PHE E 174 7.47 33.89 29.52
C PHE E 174 6.29 32.99 29.19
N PRO E 175 6.34 31.72 29.60
CA PRO E 175 5.17 30.86 29.44
C PRO E 175 3.96 31.43 30.16
N SER E 176 2.79 31.19 29.57
CA SER E 176 1.58 31.66 30.22
C SER E 176 1.31 30.90 31.51
N VAL E 177 0.58 31.55 32.41
CA VAL E 177 0.07 30.94 33.63
C VAL E 177 -1.44 31.18 33.69
N ARG E 178 -2.10 30.43 34.55
CA ARG E 178 -3.55 30.51 34.73
C ARG E 178 -3.86 30.94 36.16
N GLN E 179 -4.43 32.13 36.32
CA GLN E 179 -4.85 32.60 37.64
C GLN E 179 -6.13 31.87 38.06
N SER E 180 -6.45 31.99 39.35
CA SER E 180 -7.56 31.22 39.93
C SER E 180 -8.89 31.52 39.25
N SER E 181 -9.05 32.72 38.69
CA SER E 181 -10.27 33.07 37.97
C SER E 181 -10.49 32.21 36.73
N GLY E 182 -9.48 31.41 36.33
CA GLY E 182 -9.54 30.63 35.12
C GLY E 182 -8.95 31.28 33.89
N LEU E 183 -8.62 32.57 33.97
CA LEU E 183 -8.06 33.31 32.84
C LEU E 183 -6.54 33.15 32.80
N TYR E 184 -5.98 33.28 31.59
CA TYR E 184 -4.55 33.17 31.38
C TYR E 184 -3.88 34.54 31.37
N SER E 185 -2.60 34.55 31.76
CA SER E 185 -1.77 35.74 31.67
C SER E 185 -0.35 35.36 31.31
N LEU E 186 0.34 36.29 30.65
CA LEU E 186 1.79 36.18 30.50
C LEU E 186 2.39 37.57 30.37
N SER E 187 3.70 37.64 30.56
CA SER E 187 4.47 38.85 30.39
C SER E 187 5.53 38.66 29.32
N SER E 188 5.83 39.74 28.62
CA SER E 188 6.93 39.80 27.67
C SER E 188 7.72 41.07 27.94
N VAL E 189 9.05 40.96 28.08
CA VAL E 189 9.90 42.10 28.35
C VAL E 189 10.99 42.17 27.30
N VAL E 190 11.55 43.37 27.14
CA VAL E 190 12.63 43.60 26.18
C VAL E 190 13.58 44.66 26.75
N SER E 191 14.88 44.41 26.67
CA SER E 191 15.88 45.37 27.11
CA SER E 191 15.89 45.36 27.11
C SER E 191 16.38 46.17 25.91
N VAL E 192 16.34 47.49 26.03
CA VAL E 192 16.76 48.40 24.96
C VAL E 192 17.59 49.51 25.59
N THR E 193 18.35 50.22 24.75
CA THR E 193 19.05 51.42 25.21
C THR E 193 18.04 52.54 25.48
N SER E 194 18.33 53.37 26.47
CA SER E 194 17.42 54.44 26.85
C SER E 194 17.26 55.50 25.77
N SER E 195 18.11 55.51 24.76
CA SER E 195 18.02 56.49 23.69
C SER E 195 17.23 56.00 22.48
N SER E 196 17.02 54.70 22.34
CA SER E 196 16.40 54.18 21.14
C SER E 196 14.91 54.54 21.08
N GLN E 197 14.32 54.33 19.90
CA GLN E 197 12.95 54.74 19.66
C GLN E 197 11.98 53.88 20.47
N PRO E 198 10.75 54.37 20.69
CA PRO E 198 9.77 53.58 21.43
C PRO E 198 9.57 52.20 20.80
N VAL E 199 9.30 51.24 21.66
CA VAL E 199 9.09 49.85 21.25
C VAL E 199 7.62 49.53 21.40
N THR E 200 7.11 48.65 20.54
CA THR E 200 5.68 48.33 20.51
C THR E 200 5.50 46.83 20.61
N CYS E 201 4.72 46.38 21.60
CA CYS E 201 4.39 44.97 21.68
C CYS E 201 3.11 44.73 20.89
N ASN E 202 3.12 43.67 20.09
CA ASN E 202 1.98 43.26 19.27
C ASN E 202 1.43 41.97 19.84
N VAL E 203 0.19 42.02 20.32
CA VAL E 203 -0.42 40.91 21.03
C VAL E 203 -1.64 40.45 20.23
N ALA E 204 -1.57 39.24 19.66
CA ALA E 204 -2.65 38.69 18.86
C ALA E 204 -3.32 37.57 19.63
N HIS E 205 -4.66 37.57 19.63
CA HIS E 205 -5.47 36.52 20.25
C HIS E 205 -6.45 36.01 19.20
N PRO E 206 -6.05 35.00 18.42
CA PRO E 206 -6.91 34.54 17.32
C PRO E 206 -8.30 34.10 17.76
N ALA E 207 -8.42 33.50 18.95
CA ALA E 207 -9.72 32.98 19.39
C ALA E 207 -10.77 34.07 19.56
N THR E 208 -10.36 35.33 19.76
CA THR E 208 -11.31 36.44 19.80
C THR E 208 -11.11 37.40 18.65
N ASN E 209 -10.32 37.02 17.63
CA ASN E 209 -10.09 37.86 16.47
C ASN E 209 -9.56 39.24 16.86
N THR E 210 -8.65 39.26 17.82
CA THR E 210 -8.14 40.49 18.41
C THR E 210 -6.64 40.61 18.21
N LYS E 211 -6.19 41.81 17.89
CA LYS E 211 -4.79 42.18 18.00
C LYS E 211 -4.72 43.49 18.75
N VAL E 212 -3.79 43.58 19.70
CA VAL E 212 -3.59 44.80 20.48
C VAL E 212 -2.12 45.18 20.37
N ASP E 213 -1.87 46.42 19.97
CA ASP E 213 -0.53 47.01 19.97
C ASP E 213 -0.44 48.02 21.10
N LYS E 214 0.62 47.93 21.91
CA LYS E 214 0.90 48.93 22.93
C LYS E 214 2.31 49.45 22.71
N THR E 215 2.44 50.77 22.53
CA THR E 215 3.75 51.40 22.46
C THR E 215 4.17 51.81 23.87
N VAL E 216 5.33 51.34 24.32
CA VAL E 216 5.77 51.47 25.70
C VAL E 216 6.95 52.44 25.75
N ALA E 217 6.88 53.41 26.65
CA ALA E 217 7.91 54.40 26.89
C ALA E 217 8.30 54.44 28.36
N PRO E 218 9.54 54.79 28.67
CA PRO E 218 9.94 54.99 30.07
C PRO E 218 9.08 56.03 30.78
N SER E 219 8.90 55.80 32.08
CA SER E 219 8.09 56.62 32.98
C SER E 219 8.50 58.09 32.97
N THR E 220 7.58 58.98 33.34
CA THR E 220 7.81 60.42 33.31
C THR E 220 8.77 60.89 34.40
N CYS E 221 10.06 60.82 34.10
CA CYS E 221 11.11 61.33 34.99
C CYS E 221 12.40 61.54 34.21
N ASP F 1 5.54 -2.55 32.04
CA ASP F 1 5.91 -1.23 32.52
C ASP F 1 7.43 -0.98 32.42
N MET F 2 7.80 0.30 32.36
CA MET F 2 9.19 0.75 32.45
C MET F 2 9.33 1.59 33.70
N THR F 3 10.30 1.27 34.54
CA THR F 3 10.55 2.01 35.78
C THR F 3 11.87 2.77 35.64
N GLN F 4 11.78 4.10 35.61
CA GLN F 4 12.94 4.96 35.41
C GLN F 4 13.40 5.55 36.74
N THR F 5 14.69 5.37 37.05
CA THR F 5 15.30 5.97 38.23
C THR F 5 16.59 6.69 37.86
N PRO F 6 16.89 7.83 38.51
CA PRO F 6 15.98 8.52 39.44
C PRO F 6 14.93 9.31 38.65
N SER F 7 13.95 9.91 39.33
CA SER F 7 12.98 10.76 38.64
C SER F 7 13.56 12.13 38.28
N SER F 8 14.61 12.57 38.97
CA SER F 8 15.29 13.80 38.62
C SER F 8 16.74 13.68 39.09
N LYS F 9 17.62 14.39 38.40
CA LYS F 9 19.03 14.41 38.75
C LYS F 9 19.63 15.74 38.30
N SER F 10 20.51 16.29 39.12
CA SER F 10 21.28 17.48 38.75
C SER F 10 22.72 17.07 38.48
N VAL F 11 23.28 17.58 37.40
CA VAL F 11 24.62 17.20 36.97
C VAL F 11 25.40 18.45 36.58
N PRO F 12 26.62 18.63 37.08
CA PRO F 12 27.42 19.80 36.66
C PRO F 12 27.86 19.68 35.22
N VAL F 13 27.98 20.84 34.56
CA VAL F 13 28.54 20.89 33.21
C VAL F 13 29.84 20.12 33.17
N GLY F 14 30.01 19.31 32.13
CA GLY F 14 31.22 18.54 31.92
C GLY F 14 31.24 17.18 32.56
N ASP F 15 30.39 16.94 33.56
CA ASP F 15 30.35 15.64 34.22
C ASP F 15 29.50 14.67 33.39
N THR F 16 29.30 13.47 33.95
CA THR F 16 28.53 12.42 33.31
C THR F 16 27.33 12.07 34.18
N VAL F 17 26.18 11.86 33.55
CA VAL F 17 24.97 11.47 34.26
C VAL F 17 24.47 10.16 33.67
N THR F 18 23.97 9.29 34.56
CA THR F 18 23.46 7.97 34.20
C THR F 18 21.99 7.89 34.56
N ILE F 19 21.19 7.38 33.62
CA ILE F 19 19.75 7.22 33.79
C ILE F 19 19.42 5.75 33.63
N ASN F 20 18.65 5.19 34.56
CA ASN F 20 18.31 3.78 34.53
C ASN F 20 16.85 3.58 34.11
N CYS F 21 16.63 2.46 33.44
CA CYS F 21 15.32 2.09 32.94
C CYS F 21 15.18 0.59 33.12
N GLN F 22 14.24 0.17 33.97
CA GLN F 22 14.02 -1.24 34.27
C GLN F 22 12.68 -1.66 33.69
N ALA F 23 12.70 -2.65 32.82
CA ALA F 23 11.48 -3.21 32.24
C ALA F 23 10.89 -4.27 33.16
N SER F 24 9.57 -4.27 33.30
CA SER F 24 8.90 -5.24 34.16
C SER F 24 8.99 -6.67 33.60
N GLU F 25 9.28 -6.82 32.32
CA GLU F 25 9.56 -8.10 31.68
C GLU F 25 10.45 -7.79 30.49
N SER F 26 11.03 -8.82 29.89
CA SER F 26 11.95 -8.56 28.79
C SER F 26 11.24 -7.86 27.63
N VAL F 27 11.94 -6.92 26.99
CA VAL F 27 11.43 -6.35 25.73
C VAL F 27 11.70 -7.33 24.60
N TYR F 28 10.98 -7.14 23.49
CA TYR F 28 11.08 -8.07 22.38
C TYR F 28 12.52 -8.15 21.89
N SER F 29 12.99 -9.39 21.67
CA SER F 29 14.35 -9.69 21.21
C SER F 29 15.42 -9.04 22.09
N ASN F 30 15.04 -8.69 23.32
CA ASN F 30 15.87 -7.99 24.29
C ASN F 30 16.42 -6.66 23.78
N ASN F 31 15.87 -6.08 22.69
CA ASN F 31 16.47 -4.84 22.19
C ASN F 31 15.49 -3.78 21.72
N ARG F 32 14.18 -3.98 21.84
CA ARG F 32 13.22 -2.97 21.40
C ARG F 32 13.08 -1.93 22.50
N LEU F 33 14.03 -0.99 22.51
CA LEU F 33 14.16 0.00 23.55
C LEU F 33 14.64 1.29 22.92
N SER F 34 13.89 2.37 23.07
CA SER F 34 14.26 3.68 22.56
C SER F 34 14.39 4.67 23.70
N TRP F 35 15.24 5.69 23.51
CA TRP F 35 15.33 6.82 24.43
C TRP F 35 14.92 8.08 23.72
N PHE F 36 14.18 8.94 24.43
CA PHE F 36 13.73 10.22 23.90
C PHE F 36 14.17 11.35 24.81
N GLN F 37 14.42 12.50 24.20
CA GLN F 37 14.71 13.74 24.90
C GLN F 37 13.54 14.69 24.68
N GLN F 38 13.02 15.30 25.75
CA GLN F 38 11.95 16.29 25.60
C GLN F 38 12.27 17.54 26.41
N LYS F 39 12.37 18.64 25.72
CA LYS F 39 12.49 19.97 26.31
C LYS F 39 11.11 20.64 26.41
N PRO F 40 10.90 21.45 27.44
CA PRO F 40 9.57 22.03 27.67
C PRO F 40 9.04 22.79 26.46
N GLY F 41 7.77 22.55 26.14
CA GLY F 41 7.14 23.19 25.00
C GLY F 41 7.40 22.53 23.67
N GLN F 42 8.19 21.46 23.66
CA GLN F 42 8.57 20.80 22.42
C GLN F 42 8.06 19.37 22.42
N PRO F 43 7.93 18.78 21.24
CA PRO F 43 7.64 17.36 21.15
C PRO F 43 8.86 16.55 21.56
N PRO F 44 8.69 15.29 21.90
CA PRO F 44 9.87 14.44 22.13
C PRO F 44 10.74 14.37 20.89
N LYS F 45 12.03 14.12 21.12
CA LYS F 45 13.00 13.88 20.05
C LYS F 45 13.63 12.51 20.27
N LEU F 46 13.65 11.69 19.22
CA LEU F 46 14.30 10.40 19.33
C LEU F 46 15.81 10.58 19.44
N LEU F 47 16.40 9.98 20.48
CA LEU F 47 17.84 10.00 20.70
C LEU F 47 18.53 8.71 20.30
N ILE F 48 18.02 7.59 20.79
CA ILE F 48 18.62 6.28 20.65
C ILE F 48 17.51 5.28 20.40
N TYR F 49 17.74 4.34 19.49
CA TYR F 49 16.81 3.24 19.26
C TYR F 49 17.59 1.93 19.24
N LEU F 50 16.86 0.81 19.37
CA LEU F 50 17.46 -0.53 19.46
C LEU F 50 18.61 -0.56 20.48
N VAL F 51 18.34 -0.01 21.66
CA VAL F 51 19.20 0.02 22.85
C VAL F 51 20.33 1.02 22.70
N SER F 52 21.04 1.00 21.58
CA SER F 52 22.33 1.68 21.51
C SER F 52 22.62 2.43 20.21
N THR F 53 21.71 2.43 19.24
CA THR F 53 21.96 3.09 17.97
C THR F 53 21.56 4.55 18.02
N LEU F 54 22.49 5.44 17.68
CA LEU F 54 22.21 6.87 17.73
C LEU F 54 21.31 7.30 16.58
N ALA F 55 20.30 8.11 16.88
CA ALA F 55 19.53 8.77 15.84
C ALA F 55 20.41 9.82 15.16
N SER F 56 19.98 10.25 13.97
CA SER F 56 20.80 11.18 13.19
C SER F 56 20.99 12.50 13.91
N GLY F 57 22.21 13.02 13.89
CA GLY F 57 22.53 14.27 14.53
C GLY F 57 22.85 14.19 16.00
N VAL F 58 22.65 13.03 16.63
CA VAL F 58 22.90 12.89 18.06
C VAL F 58 24.37 12.53 18.28
N PRO F 59 25.09 13.25 19.13
CA PRO F 59 26.52 12.99 19.31
C PRO F 59 26.78 11.77 20.19
N SER F 60 27.97 11.18 19.99
CA SER F 60 28.30 9.90 20.61
C SER F 60 28.49 10.00 22.12
N ARG F 61 28.48 11.21 22.68
CA ARG F 61 28.50 11.29 24.13
C ARG F 61 27.18 10.85 24.76
N PHE F 62 26.13 10.69 23.97
CA PHE F 62 24.94 9.96 24.41
C PHE F 62 25.18 8.48 24.14
N LYS F 63 25.13 7.65 25.18
CA LYS F 63 25.41 6.23 25.02
C LYS F 63 24.30 5.43 25.67
N GLY F 64 23.72 4.50 24.92
CA GLY F 64 22.69 3.61 25.42
C GLY F 64 23.26 2.21 25.52
N SER F 65 22.94 1.53 26.62
CA SER F 65 23.41 0.18 26.87
C SER F 65 22.32 -0.64 27.57
N GLY F 66 22.59 -1.93 27.74
CA GLY F 66 21.66 -2.78 28.45
C GLY F 66 21.14 -3.91 27.58
N SER F 67 20.44 -4.83 28.24
CA SER F 67 19.80 -5.94 27.55
C SER F 67 18.69 -6.51 28.42
N GLY F 68 17.70 -7.13 27.77
CA GLY F 68 16.65 -7.77 28.52
C GLY F 68 15.76 -6.79 29.26
N THR F 69 15.91 -6.72 30.58
CA THR F 69 15.07 -5.83 31.37
C THR F 69 15.82 -4.64 31.97
N GLN F 70 17.14 -4.54 31.83
CA GLN F 70 17.87 -3.43 32.45
C GLN F 70 18.55 -2.60 31.37
N PHE F 71 18.28 -1.29 31.35
CA PHE F 71 18.81 -0.41 30.34
C PHE F 71 19.32 0.89 30.95
N THR F 72 20.32 1.49 30.31
CA THR F 72 20.98 2.69 30.79
C THR F 72 21.21 3.69 29.67
N LEU F 73 20.96 4.97 29.95
CA LEU F 73 21.38 6.07 29.10
C LEU F 73 22.48 6.83 29.85
N THR F 74 23.66 6.93 29.24
CA THR F 74 24.77 7.67 29.83
C THR F 74 25.08 8.87 28.95
N ILE F 75 25.03 10.06 29.54
CA ILE F 75 25.35 11.31 28.85
C ILE F 75 26.67 11.80 29.41
N SER F 76 27.71 11.82 28.56
CA SER F 76 29.03 12.28 28.96
C SER F 76 29.22 13.73 28.52
N ASP F 77 30.18 14.39 29.17
CA ASP F 77 30.56 15.75 28.80
C ASP F 77 29.32 16.65 28.69
N VAL F 78 28.50 16.62 29.75
CA VAL F 78 27.21 17.29 29.72
C VAL F 78 27.38 18.79 29.45
N VAL F 79 26.47 19.33 28.63
CA VAL F 79 26.42 20.76 28.36
C VAL F 79 25.03 21.25 28.70
N CYS F 80 24.90 22.58 28.82
CA CYS F 80 23.63 23.15 29.23
C CYS F 80 22.49 22.75 28.30
N ASP F 81 22.80 22.55 27.02
CA ASP F 81 21.80 22.14 26.04
C ASP F 81 21.21 20.76 26.35
N ASP F 82 21.83 19.98 27.24
CA ASP F 82 21.31 18.67 27.59
C ASP F 82 20.20 18.72 28.64
N ALA F 83 19.87 19.90 29.18
CA ALA F 83 18.78 19.98 30.16
C ALA F 83 17.45 19.63 29.51
N ALA F 84 16.77 18.62 30.04
CA ALA F 84 15.58 18.07 29.41
C ALA F 84 15.08 16.92 30.28
N THR F 85 13.91 16.43 29.92
CA THR F 85 13.38 15.19 30.48
C THR F 85 13.63 14.06 29.49
N TYR F 86 14.13 12.94 29.99
CA TYR F 86 14.51 11.79 29.18
C TYR F 86 13.55 10.63 29.47
N TYR F 87 13.07 9.98 28.42
CA TYR F 87 12.14 8.86 28.55
C TYR F 87 12.70 7.64 27.86
N CYS F 88 12.55 6.48 28.50
CA CYS F 88 12.73 5.22 27.78
C CYS F 88 11.35 4.68 27.39
N VAL F 89 11.32 4.00 26.25
CA VAL F 89 10.11 3.33 25.77
C VAL F 89 10.51 1.92 25.39
N GLY F 90 9.83 0.92 25.94
CA GLY F 90 10.07 -0.48 25.62
C GLY F 90 8.89 -1.08 24.88
N TYR F 91 9.15 -2.06 24.02
CA TYR F 91 8.10 -2.74 23.25
C TYR F 91 8.25 -4.23 23.40
N LYS F 92 7.13 -4.92 23.63
CA LYS F 92 7.06 -6.38 23.62
C LYS F 92 6.22 -6.96 22.50
N SER F 93 5.06 -6.38 22.19
CA SER F 93 4.18 -6.94 21.15
C SER F 93 3.17 -5.88 20.73
N SER F 94 2.59 -6.09 19.55
CA SER F 94 1.57 -5.19 19.00
C SER F 94 0.20 -5.63 19.50
N THR F 95 0.02 -5.49 20.81
CA THR F 95 -1.18 -5.94 21.52
C THR F 95 -1.51 -4.92 22.59
N THR F 96 -2.65 -5.13 23.26
CA THR F 96 -3.05 -4.25 24.35
C THR F 96 -1.96 -4.15 25.39
N ASP F 97 -1.61 -2.92 25.76
CA ASP F 97 -0.53 -2.67 26.73
C ASP F 97 0.78 -3.32 26.30
N GLY F 98 1.03 -3.45 24.98
CA GLY F 98 2.19 -4.15 24.50
C GLY F 98 3.48 -3.35 24.46
N LEU F 99 3.40 -2.05 24.68
CA LEU F 99 4.55 -1.20 24.87
C LEU F 99 4.29 -0.30 26.08
N ALA F 100 5.34 0.30 26.61
CA ALA F 100 5.16 1.22 27.73
C ALA F 100 6.22 2.30 27.72
N PHE F 101 5.84 3.45 28.23
CA PHE F 101 6.73 4.58 28.46
C PHE F 101 7.18 4.59 29.90
N GLY F 102 8.46 4.86 30.12
CA GLY F 102 8.91 5.18 31.45
C GLY F 102 8.33 6.49 31.94
N GLY F 103 8.45 6.72 33.25
CA GLY F 103 7.93 7.94 33.83
C GLY F 103 8.75 9.18 33.58
N GLY F 104 9.96 9.04 33.03
CA GLY F 104 10.81 10.17 32.73
C GLY F 104 11.79 10.48 33.85
N THR F 105 12.93 11.03 33.45
CA THR F 105 13.94 11.55 34.37
C THR F 105 14.26 12.98 33.96
N GLU F 106 13.97 13.94 34.84
CA GLU F 106 14.33 15.33 34.58
C GLU F 106 15.80 15.53 34.88
N VAL F 107 16.57 15.99 33.89
CA VAL F 107 17.99 16.29 34.06
C VAL F 107 18.16 17.80 34.12
N VAL F 108 18.63 18.30 35.26
CA VAL F 108 18.99 19.70 35.44
C VAL F 108 20.50 19.82 35.33
N VAL F 109 20.98 20.72 34.48
CA VAL F 109 22.42 20.90 34.28
C VAL F 109 22.87 22.09 35.12
N LYS F 110 23.87 21.87 35.96
CA LYS F 110 24.35 22.90 36.87
C LYS F 110 25.50 23.65 36.21
N GLY F 111 25.25 24.91 35.85
CA GLY F 111 26.30 25.82 35.45
C GLY F 111 26.86 26.54 36.66
N ASP F 112 27.55 27.65 36.39
CA ASP F 112 28.02 28.49 37.49
C ASP F 112 26.83 29.12 38.20
N PRO F 113 26.84 29.19 39.53
CA PRO F 113 25.78 29.93 40.22
C PRO F 113 25.90 31.41 39.95
N VAL F 114 24.75 32.07 39.78
CA VAL F 114 24.71 33.51 39.59
C VAL F 114 23.38 34.02 40.14
N ALA F 115 23.45 35.10 40.93
CA ALA F 115 22.25 35.69 41.50
C ALA F 115 21.46 36.44 40.43
N PRO F 116 20.14 36.43 40.52
CA PRO F 116 19.35 37.18 39.54
C PRO F 116 19.56 38.67 39.70
N THR F 117 19.39 39.40 38.61
CA THR F 117 19.05 40.81 38.71
C THR F 117 17.52 40.91 38.63
N VAL F 118 16.94 41.70 39.51
CA VAL F 118 15.50 41.66 39.72
C VAL F 118 14.90 43.00 39.30
N LEU F 119 13.80 42.95 38.54
CA LEU F 119 13.07 44.13 38.12
C LEU F 119 11.67 44.07 38.70
N ILE F 120 11.13 45.21 39.12
CA ILE F 120 9.75 45.26 39.57
C ILE F 120 9.02 46.29 38.72
N PHE F 121 7.77 46.00 38.39
CA PHE F 121 6.99 46.85 37.49
C PHE F 121 5.69 47.22 38.20
N PRO F 122 5.54 48.46 38.65
CA PRO F 122 4.26 48.87 39.25
C PRO F 122 3.16 48.75 38.22
N PRO F 123 1.91 48.63 38.65
CA PRO F 123 0.81 48.52 37.68
C PRO F 123 0.71 49.77 36.83
N ALA F 124 0.55 49.57 35.51
CA ALA F 124 0.26 50.68 34.61
C ALA F 124 -0.96 51.45 35.11
N ALA F 125 -1.00 52.75 34.79
CA ALA F 125 -2.00 53.64 35.36
C ALA F 125 -3.42 53.19 35.05
N ASP F 126 -3.64 52.40 34.01
CA ASP F 126 -4.98 52.00 33.64
C ASP F 126 -5.42 50.69 34.30
N GLN F 127 -4.56 50.05 35.11
CA GLN F 127 -4.98 48.81 35.76
C GLN F 127 -6.00 49.07 36.87
N VAL F 128 -5.80 50.11 37.66
CA VAL F 128 -6.51 50.18 38.95
C VAL F 128 -8.01 50.36 38.74
N ALA F 129 -8.43 51.03 37.65
CA ALA F 129 -9.85 51.19 37.38
C ALA F 129 -10.54 49.86 37.10
N THR F 130 -9.80 48.81 36.77
CA THR F 130 -10.43 47.53 36.50
C THR F 130 -10.84 46.79 37.77
N GLY F 131 -10.43 47.27 38.95
CA GLY F 131 -10.76 46.60 40.19
C GLY F 131 -9.73 45.63 40.69
N THR F 132 -8.76 45.25 39.85
CA THR F 132 -7.60 44.51 40.30
C THR F 132 -6.34 45.13 39.69
N VAL F 133 -5.23 44.97 40.38
CA VAL F 133 -3.93 45.34 39.85
C VAL F 133 -3.03 44.12 39.92
N THR F 134 -2.16 43.98 38.91
CA THR F 134 -1.17 42.93 38.87
C THR F 134 0.19 43.59 38.83
N ILE F 135 1.01 43.32 39.84
CA ILE F 135 2.37 43.81 39.90
C ILE F 135 3.26 42.72 39.32
N VAL F 136 4.25 43.10 38.51
CA VAL F 136 5.11 42.13 37.83
C VAL F 136 6.52 42.25 38.38
N CYS F 137 7.09 41.11 38.75
CA CYS F 137 8.48 41.01 39.18
C CYS F 137 9.20 40.04 38.26
N VAL F 138 10.34 40.46 37.69
CA VAL F 138 11.12 39.61 36.80
C VAL F 138 12.49 39.38 37.41
N ALA F 139 12.89 38.12 37.50
CA ALA F 139 14.22 37.73 37.94
C ALA F 139 14.98 37.20 36.72
N ASN F 140 16.07 37.87 36.36
CA ASN F 140 16.75 37.61 35.11
C ASN F 140 18.03 36.81 35.31
N LYS F 141 18.21 35.80 34.46
CA LYS F 141 19.48 35.11 34.22
C LYS F 141 20.14 34.65 35.53
N TYR F 142 19.52 33.63 36.14
CA TYR F 142 19.96 33.15 37.44
C TYR F 142 20.10 31.63 37.46
N PHE F 143 20.92 31.15 38.41
CA PHE F 143 21.02 29.74 38.69
C PHE F 143 21.65 29.56 40.08
N PRO F 144 21.17 28.63 40.91
CA PRO F 144 20.09 27.66 40.73
C PRO F 144 18.70 28.26 40.95
N ASP F 145 17.70 27.41 41.13
CA ASP F 145 16.31 27.85 41.26
C ASP F 145 16.13 28.82 42.41
N VAL F 146 15.10 29.65 42.30
CA VAL F 146 14.74 30.63 43.30
C VAL F 146 13.38 30.28 43.89
N THR F 147 13.13 30.84 45.06
CA THR F 147 11.79 30.90 45.64
C THR F 147 11.44 32.37 45.74
N VAL F 148 10.18 32.71 45.50
CA VAL F 148 9.76 34.10 45.46
C VAL F 148 8.77 34.34 46.59
N THR F 149 8.95 35.44 47.30
CA THR F 149 8.04 35.91 48.34
CA THR F 149 7.98 35.90 48.28
C THR F 149 7.65 37.35 48.01
N TRP F 150 6.41 37.71 48.31
CA TRP F 150 5.91 39.06 48.13
C TRP F 150 5.56 39.64 49.49
N GLU F 151 5.89 40.91 49.70
CA GLU F 151 5.51 41.60 50.92
C GLU F 151 4.80 42.89 50.57
N VAL F 152 3.77 43.22 51.34
CA VAL F 152 3.03 44.47 51.22
C VAL F 152 3.10 45.13 52.58
N ASP F 153 3.75 46.30 52.63
CA ASP F 153 4.05 46.99 53.89
C ASP F 153 4.66 46.04 54.92
N GLY F 154 5.56 45.17 54.46
CA GLY F 154 6.29 44.25 55.32
C GLY F 154 5.58 42.95 55.66
N THR F 155 4.34 42.76 55.22
CA THR F 155 3.58 41.55 55.51
C THR F 155 3.64 40.58 54.33
N THR F 156 4.04 39.33 54.60
CA THR F 156 4.14 38.35 53.54
C THR F 156 2.76 38.03 52.97
N GLN F 157 2.66 37.99 51.64
CA GLN F 157 1.42 37.66 50.97
C GLN F 157 1.33 36.15 50.79
N THR F 158 0.10 35.63 50.92
CA THR F 158 -0.13 34.19 50.86
C THR F 158 -1.08 33.79 49.74
N THR F 159 -1.63 34.75 49.00
CA THR F 159 -2.54 34.44 47.91
C THR F 159 -2.28 35.40 46.75
N GLY F 160 -2.82 35.06 45.58
CA GLY F 160 -2.75 35.95 44.42
C GLY F 160 -1.41 35.95 43.70
N ILE F 161 -0.60 34.92 43.87
CA ILE F 161 0.75 34.89 43.32
C ILE F 161 0.84 33.79 42.28
N GLU F 162 1.40 34.13 41.12
CA GLU F 162 1.65 33.15 40.06
C GLU F 162 3.08 33.34 39.56
N ASN F 163 3.73 32.23 39.26
CA ASN F 163 5.12 32.24 38.80
C ASN F 163 5.24 31.48 37.50
N SER F 164 6.06 32.00 36.61
CA SER F 164 6.32 31.36 35.33
C SER F 164 7.82 31.43 35.06
N LYS F 165 8.41 30.28 34.74
CA LYS F 165 9.85 30.16 34.62
C LYS F 165 10.21 29.69 33.22
N THR F 166 11.20 30.34 32.61
CA THR F 166 11.71 29.85 31.34
C THR F 166 12.61 28.63 31.57
N PRO F 167 12.70 27.74 30.59
CA PRO F 167 13.60 26.59 30.74
C PRO F 167 15.06 27.01 30.73
N GLN F 168 15.91 26.13 31.25
CA GLN F 168 17.34 26.41 31.31
C GLN F 168 17.88 26.86 29.96
N ASN F 169 18.65 27.95 29.98
CA ASN F 169 19.26 28.47 28.78
C ASN F 169 20.22 27.45 28.19
N SER F 170 20.09 27.17 26.89
CA SER F 170 20.89 26.12 26.28
C SER F 170 22.38 26.46 26.25
N ALA F 171 22.74 27.74 26.43
CA ALA F 171 24.12 28.16 26.43
C ALA F 171 24.72 28.29 27.82
N ASP F 172 24.02 28.91 28.77
CA ASP F 172 24.62 29.16 30.09
C ASP F 172 23.82 28.60 31.26
N CYS F 173 22.79 27.79 31.01
CA CYS F 173 22.05 27.02 32.01
C CYS F 173 21.14 27.87 32.88
N THR F 174 21.09 29.19 32.70
CA THR F 174 20.35 30.03 33.62
C THR F 174 18.85 30.03 33.32
N TYR F 175 18.07 30.37 34.34
CA TYR F 175 16.63 30.56 34.24
C TYR F 175 16.30 32.05 34.17
N ASN F 176 15.06 32.32 33.78
CA ASN F 176 14.41 33.61 34.01
C ASN F 176 13.04 33.33 34.58
N LEU F 177 12.53 34.26 35.38
CA LEU F 177 11.27 34.00 36.06
C LEU F 177 10.45 35.28 36.09
N SER F 178 9.15 35.13 35.86
CA SER F 178 8.20 36.21 36.03
C SER F 178 7.27 35.82 37.16
N SER F 179 7.19 36.66 38.18
CA SER F 179 6.28 36.48 39.30
C SER F 179 5.30 37.65 39.31
N THR F 180 4.01 37.34 39.49
CA THR F 180 3.02 38.39 39.54
C THR F 180 2.27 38.31 40.86
N LEU F 181 1.92 39.48 41.37
CA LEU F 181 1.07 39.60 42.56
C LEU F 181 -0.17 40.37 42.15
N THR F 182 -1.33 39.75 42.32
CA THR F 182 -2.58 40.36 41.94
C THR F 182 -3.39 40.64 43.20
N LEU F 183 -3.81 41.89 43.33
CA LEU F 183 -4.55 42.38 44.48
C LEU F 183 -5.79 43.07 43.96
N THR F 184 -6.80 43.20 44.81
CA THR F 184 -7.86 44.10 44.43
C THR F 184 -7.35 45.53 44.49
N SER F 185 -8.02 46.41 43.74
CA SER F 185 -7.64 47.81 43.75
C SER F 185 -7.76 48.41 45.15
N THR F 186 -8.72 47.92 45.95
CA THR F 186 -8.87 48.40 47.32
C THR F 186 -7.63 48.11 48.13
N GLN F 187 -7.15 46.87 48.05
CA GLN F 187 -5.91 46.48 48.73
C GLN F 187 -4.74 47.34 48.26
N TYR F 188 -4.61 47.53 46.94
CA TYR F 188 -3.46 48.26 46.41
C TYR F 188 -3.45 49.70 46.90
N ASN F 189 -4.61 50.35 46.90
CA ASN F 189 -4.69 51.74 47.31
C ASN F 189 -4.58 51.92 48.81
N SER F 190 -4.66 50.83 49.59
CA SER F 190 -4.61 50.89 51.03
C SER F 190 -3.21 50.69 51.58
N HIS F 191 -2.22 50.48 50.72
CA HIS F 191 -0.87 50.16 51.18
C HIS F 191 0.16 50.91 50.34
N LYS F 192 1.38 50.95 50.84
CA LYS F 192 2.42 51.80 50.25
C LYS F 192 3.56 51.03 49.63
N GLU F 193 4.18 50.12 50.38
CA GLU F 193 5.42 49.48 49.96
C GLU F 193 5.13 48.08 49.41
N TYR F 194 5.58 47.82 48.18
CA TYR F 194 5.40 46.54 47.52
C TYR F 194 6.77 45.93 47.21
N THR F 195 6.99 44.69 47.63
CA THR F 195 8.32 44.10 47.65
C THR F 195 8.30 42.71 47.05
N CYS F 196 9.17 42.46 46.09
CA CYS F 196 9.43 41.13 45.55
CA CYS F 196 9.40 41.10 45.63
C CYS F 196 10.79 40.66 46.07
N LYS F 197 10.82 39.53 46.76
CA LYS F 197 12.03 38.99 47.35
C LYS F 197 12.34 37.67 46.66
N VAL F 198 13.49 37.59 46.01
CA VAL F 198 13.87 36.44 45.21
C VAL F 198 15.03 35.77 45.94
N THR F 199 14.81 34.55 46.41
CA THR F 199 15.72 33.89 47.33
C THR F 199 16.35 32.66 46.69
N GLN F 200 17.66 32.57 46.80
CA GLN F 200 18.48 31.49 46.26
C GLN F 200 19.28 30.94 47.43
N GLY F 201 18.67 30.05 48.22
CA GLY F 201 19.32 29.54 49.40
C GLY F 201 19.71 30.63 50.39
N THR F 202 21.01 30.84 50.58
CA THR F 202 21.53 31.85 51.50
C THR F 202 21.63 33.22 50.85
N THR F 203 21.24 33.34 49.58
CA THR F 203 21.27 34.59 48.83
C THR F 203 19.86 35.07 48.61
N SER F 204 19.62 36.38 48.77
CA SER F 204 18.33 36.96 48.36
C SER F 204 18.58 38.27 47.63
N VAL F 205 17.75 38.55 46.64
CA VAL F 205 17.76 39.82 45.94
C VAL F 205 16.36 40.41 46.04
N VAL F 206 16.27 41.65 46.51
CA VAL F 206 15.01 42.28 46.86
C VAL F 206 14.83 43.54 46.04
N GLN F 207 13.64 43.71 45.46
CA GLN F 207 13.31 44.94 44.74
C GLN F 207 11.93 45.40 45.17
N SER F 208 11.79 46.70 45.42
CA SER F 208 10.55 47.25 45.95
CA SER F 208 10.53 47.23 45.91
C SER F 208 10.21 48.55 45.22
N PHE F 209 8.99 49.01 45.43
CA PHE F 209 8.64 50.37 45.07
C PHE F 209 7.61 50.84 46.09
N ASN F 210 7.47 52.15 46.16
CA ASN F 210 6.46 52.79 47.00
C ASN F 210 5.42 53.38 46.09
N ARG F 211 4.16 52.96 46.27
CA ARG F 211 3.06 53.31 45.36
C ARG F 211 3.00 54.81 45.09
N GLY F 212 3.23 55.63 46.12
CA GLY F 212 3.15 57.07 45.94
C GLY F 212 4.23 57.66 45.06
N ASP F 213 5.32 56.94 44.82
CA ASP F 213 6.44 57.45 44.05
C ASP F 213 6.39 57.04 42.58
N CYS F 214 5.38 56.30 42.14
CA CYS F 214 5.30 55.88 40.74
C CYS F 214 3.91 56.15 40.17
N PCA G 1 4.16 -18.66 3.81
CA PCA G 1 4.94 -17.46 3.59
CB PCA G 1 5.36 -16.82 4.92
CG PCA G 1 5.11 -17.86 5.98
CD PCA G 1 4.30 -18.90 5.25
OE PCA G 1 3.78 -19.84 5.84
C PCA G 1 6.15 -17.89 2.79
O PCA G 1 7.19 -18.24 3.36
N SER G 2 6.01 -17.86 1.47
CA SER G 2 7.04 -18.30 0.56
C SER G 2 6.81 -17.69 -0.81
N VAL G 3 7.85 -17.66 -1.63
CA VAL G 3 7.71 -17.22 -3.01
C VAL G 3 8.09 -18.40 -3.92
N GLU G 4 7.62 -18.32 -5.16
CA GLU G 4 7.94 -19.34 -6.16
C GLU G 4 7.99 -18.70 -7.55
N GLU G 5 8.99 -19.08 -8.34
CA GLU G 5 9.07 -18.63 -9.72
C GLU G 5 8.17 -19.47 -10.62
N SER G 6 7.53 -18.81 -11.59
CA SER G 6 6.69 -19.54 -12.53
C SER G 6 7.54 -20.41 -13.46
N GLU G 7 6.85 -21.22 -14.27
CA GLU G 7 7.50 -22.25 -15.07
C GLU G 7 8.45 -21.65 -16.09
N GLY G 8 9.63 -22.26 -16.22
CA GLY G 8 10.57 -21.85 -17.25
C GLY G 8 10.35 -22.62 -18.54
N GLY G 9 11.40 -23.30 -19.01
CA GLY G 9 11.28 -24.13 -20.18
C GLY G 9 12.28 -23.84 -21.29
N LEU G 10 11.90 -24.19 -22.52
CA LEU G 10 12.77 -24.09 -23.68
C LEU G 10 12.39 -22.86 -24.50
N PHE G 11 13.39 -22.07 -24.86
CA PHE G 11 13.14 -20.82 -25.59
C PHE G 11 14.10 -20.68 -26.76
N LYS G 12 13.61 -20.07 -27.85
CA LYS G 12 14.42 -19.65 -28.98
C LYS G 12 14.90 -18.22 -28.80
N PRO G 13 15.97 -17.82 -29.50
CA PRO G 13 16.46 -16.43 -29.37
C PRO G 13 15.42 -15.34 -29.67
N THR G 14 14.41 -15.62 -30.50
CA THR G 14 13.40 -14.61 -30.80
C THR G 14 12.25 -14.59 -29.80
N ASP G 15 12.29 -15.45 -28.80
CA ASP G 15 11.23 -15.50 -27.81
C ASP G 15 11.40 -14.39 -26.78
N THR G 16 10.33 -14.16 -26.03
CA THR G 16 10.33 -13.34 -24.83
C THR G 16 10.27 -14.27 -23.62
N LEU G 17 11.17 -14.07 -22.68
CA LEU G 17 11.15 -14.79 -21.41
C LEU G 17 10.33 -14.00 -20.39
N THR G 18 9.24 -14.59 -19.90
CA THR G 18 8.42 -13.98 -18.86
C THR G 18 8.36 -14.92 -17.66
N LEU G 19 8.85 -14.45 -16.51
CA LEU G 19 8.85 -15.23 -15.29
C LEU G 19 8.13 -14.44 -14.20
N THR G 20 7.23 -15.09 -13.50
CA THR G 20 6.47 -14.45 -12.44
C THR G 20 6.95 -14.95 -11.10
N CYS G 21 7.24 -14.02 -10.19
CA CYS G 21 7.49 -14.33 -8.79
C CYS G 21 6.14 -14.25 -8.07
N THR G 22 5.65 -15.39 -7.59
CA THR G 22 4.35 -15.45 -6.92
CA THR G 22 4.35 -15.45 -6.92
C THR G 22 4.57 -15.70 -5.44
N ALA G 23 3.72 -15.10 -4.62
CA ALA G 23 3.80 -15.26 -3.18
C ALA G 23 2.60 -16.05 -2.67
N SER G 24 2.85 -16.84 -1.63
CA SER G 24 1.81 -17.57 -0.93
C SER G 24 2.01 -17.36 0.56
N GLY G 25 0.98 -16.88 1.24
CA GLY G 25 1.09 -16.73 2.68
C GLY G 25 1.78 -15.46 3.13
N PHE G 26 2.16 -14.59 2.20
CA PHE G 26 2.54 -13.23 2.57
C PHE G 26 2.42 -12.34 1.33
N SER G 27 2.65 -11.05 1.55
CA SER G 27 2.53 -10.03 0.54
C SER G 27 3.90 -9.60 0.05
N LEU G 28 4.02 -9.36 -1.25
CA LEU G 28 5.21 -8.74 -1.80
C LEU G 28 5.18 -7.23 -1.71
N SER G 29 4.00 -6.62 -1.55
CA SER G 29 3.89 -5.17 -1.47
C SER G 29 4.71 -4.64 -0.31
N GLY G 30 5.38 -3.50 -0.52
CA GLY G 30 6.15 -2.88 0.53
C GLY G 30 7.37 -3.67 0.95
N HIS G 31 7.77 -4.65 0.15
CA HIS G 31 8.95 -5.46 0.41
C HIS G 31 9.80 -5.54 -0.84
N GLY G 32 11.12 -5.52 -0.67
CA GLY G 32 12.00 -5.67 -1.81
C GLY G 32 11.88 -7.08 -2.39
N VAL G 33 11.95 -7.16 -3.71
CA VAL G 33 11.96 -8.42 -4.43
C VAL G 33 13.08 -8.37 -5.46
N ILE G 34 13.92 -9.40 -5.48
CA ILE G 34 15.08 -9.43 -6.36
C ILE G 34 14.98 -10.59 -7.32
N TRP G 35 15.52 -10.40 -8.53
CA TRP G 35 15.68 -11.44 -9.54
C TRP G 35 17.16 -11.67 -9.77
N VAL G 36 17.61 -12.91 -9.62
CA VAL G 36 18.98 -13.31 -9.88
C VAL G 36 18.93 -14.59 -10.71
N ARG G 37 20.07 -14.94 -11.32
CA ARG G 37 20.14 -16.18 -12.06
C ARG G 37 21.50 -16.83 -11.88
N GLN G 38 21.59 -18.09 -12.27
CA GLN G 38 22.84 -18.84 -12.16
C GLN G 38 22.98 -19.72 -13.40
N ALA G 39 23.89 -19.35 -14.28
CA ALA G 39 24.18 -20.18 -15.44
C ALA G 39 25.00 -21.39 -15.01
N PRO G 40 24.95 -22.49 -15.76
CA PRO G 40 25.70 -23.69 -15.36
C PRO G 40 27.18 -23.39 -15.18
N GLY G 41 27.72 -23.78 -14.02
CA GLY G 41 29.11 -23.56 -13.71
C GLY G 41 29.53 -22.12 -13.55
N LYS G 42 28.59 -21.25 -13.19
CA LYS G 42 28.88 -19.84 -12.99
C LYS G 42 28.30 -19.39 -11.65
N GLY G 43 28.72 -18.20 -11.23
CA GLY G 43 28.21 -17.64 -9.98
C GLY G 43 26.87 -16.95 -10.16
N LEU G 44 26.26 -16.61 -9.03
CA LEU G 44 25.01 -15.85 -9.03
C LEU G 44 25.17 -14.52 -9.76
N GLU G 45 24.17 -14.17 -10.57
CA GLU G 45 24.18 -12.92 -11.34
C GLU G 45 22.90 -12.14 -11.07
N TRP G 46 23.04 -10.90 -10.62
CA TRP G 46 21.88 -10.04 -10.39
C TRP G 46 21.28 -9.59 -11.71
N ILE G 47 19.96 -9.65 -11.80
CA ILE G 47 19.25 -9.15 -12.97
C ILE G 47 18.66 -7.79 -12.64
N GLY G 48 17.84 -7.71 -11.61
CA GLY G 48 17.29 -6.43 -11.22
C GLY G 48 16.42 -6.61 -9.98
N SER G 49 15.89 -5.49 -9.50
CA SER G 49 15.18 -5.47 -8.22
C SER G 49 13.95 -4.60 -8.27
N ALA G 50 12.92 -5.02 -7.55
CA ALA G 50 11.75 -4.20 -7.27
C ALA G 50 11.94 -3.66 -5.85
N GLY G 51 12.05 -2.33 -5.74
CA GLY G 51 12.24 -1.74 -4.43
C GLY G 51 10.97 -1.80 -3.61
N ALA G 52 11.14 -1.67 -2.30
CA ALA G 52 9.99 -1.77 -1.40
C ALA G 52 8.98 -0.66 -1.63
N TYR G 53 9.46 0.50 -2.08
CA TYR G 53 8.59 1.66 -2.17
C TYR G 53 8.31 2.07 -3.61
N GLY G 54 8.67 1.22 -4.57
CA GLY G 54 8.20 1.38 -5.94
C GLY G 54 9.27 1.58 -6.97
N ARG G 55 10.50 1.83 -6.56
CA ARG G 55 11.57 1.99 -7.55
C ARG G 55 11.93 0.63 -8.15
N ILE G 56 12.26 0.62 -9.44
CA ILE G 56 12.74 -0.55 -10.14
C ILE G 56 14.16 -0.23 -10.59
N TYR G 57 15.12 -1.10 -10.26
CA TYR G 57 16.50 -0.84 -10.65
C TYR G 57 17.17 -2.11 -11.13
N TYR G 58 18.09 -1.95 -12.09
CA TYR G 58 18.59 -3.06 -12.88
C TYR G 58 20.11 -3.12 -12.87
N ALA G 59 20.63 -4.32 -13.11
CA ALA G 59 21.97 -4.43 -13.66
C ALA G 59 22.00 -3.80 -15.06
N SER G 60 23.09 -3.10 -15.38
CA SER G 60 23.12 -2.36 -16.64
C SER G 60 23.01 -3.28 -17.84
N TRP G 61 23.57 -4.51 -17.76
CA TRP G 61 23.45 -5.45 -18.88
C TRP G 61 22.01 -5.84 -19.13
N ALA G 62 21.20 -5.90 -18.08
CA ALA G 62 19.82 -6.32 -18.24
C ALA G 62 18.91 -5.16 -18.60
N LYS G 63 19.30 -3.93 -18.23
CA LYS G 63 18.40 -2.79 -18.32
C LYS G 63 17.93 -2.53 -19.76
N SER G 64 18.78 -2.81 -20.75
CA SER G 64 18.42 -2.51 -22.13
C SER G 64 17.43 -3.50 -22.74
N ARG G 65 17.21 -4.65 -22.09
CA ARG G 65 16.33 -5.65 -22.68
C ARG G 65 15.46 -6.35 -21.62
N SER G 66 15.26 -5.72 -20.46
CA SER G 66 14.50 -6.32 -19.38
C SER G 66 13.53 -5.31 -18.80
N THR G 67 12.38 -5.80 -18.35
CA THR G 67 11.46 -4.98 -17.56
C THR G 67 11.03 -5.82 -16.38
N ILE G 68 11.10 -5.24 -15.19
CA ILE G 68 10.59 -5.85 -13.97
C ILE G 68 9.38 -5.03 -13.55
N THR G 69 8.25 -5.71 -13.31
CA THR G 69 6.98 -5.05 -13.08
C THR G 69 6.35 -5.61 -11.81
N ARG G 70 5.93 -4.70 -10.94
CA ARG G 70 5.19 -5.09 -9.75
C ARG G 70 3.70 -5.07 -10.05
N ASN G 71 2.97 -6.05 -9.50
CA ASN G 71 1.50 -6.05 -9.57
C ASN G 71 1.01 -6.24 -8.14
N THR G 72 0.60 -5.14 -7.51
CA THR G 72 0.10 -5.21 -6.15
C THR G 72 -1.35 -5.63 -6.08
N ASN G 73 -2.02 -5.81 -7.21
CA ASN G 73 -3.34 -6.42 -7.19
C ASN G 73 -3.24 -7.95 -7.15
N LEU G 74 -2.40 -8.54 -8.01
CA LEU G 74 -2.24 -9.98 -8.05
C LEU G 74 -1.14 -10.50 -7.12
N ASN G 75 -0.39 -9.60 -6.47
CA ASN G 75 0.63 -9.96 -5.50
C ASN G 75 1.79 -10.70 -6.17
N THR G 76 2.31 -10.10 -7.24
CA THR G 76 3.40 -10.70 -8.02
C THR G 76 4.40 -9.61 -8.38
N VAL G 77 5.59 -10.06 -8.77
CA VAL G 77 6.61 -9.25 -9.43
C VAL G 77 7.08 -10.06 -10.64
N THR G 78 7.08 -9.45 -11.82
CA THR G 78 7.34 -10.19 -13.05
C THR G 78 8.64 -9.71 -13.69
N LEU G 79 9.40 -10.66 -14.25
CA LEU G 79 10.59 -10.36 -15.05
C LEU G 79 10.29 -10.68 -16.52
N LYS G 80 10.51 -9.71 -17.39
CA LYS G 80 10.34 -9.89 -18.83
C LYS G 80 11.67 -9.57 -19.51
N MET G 81 12.18 -10.52 -20.28
CA MET G 81 13.47 -10.36 -20.97
C MET G 81 13.30 -10.69 -22.45
N THR G 82 13.93 -9.88 -23.30
CA THR G 82 13.91 -10.06 -24.74
C THR G 82 15.33 -10.20 -25.28
N SER G 83 15.43 -10.44 -26.58
CA SER G 83 16.71 -10.69 -27.25
C SER G 83 17.49 -11.78 -26.53
N LEU G 84 16.85 -12.95 -26.43
CA LEU G 84 17.46 -14.04 -25.69
C LEU G 84 18.59 -14.67 -26.48
N THR G 85 19.58 -15.20 -25.77
CA THR G 85 20.68 -15.95 -26.35
C THR G 85 20.98 -17.16 -25.48
N ALA G 86 21.86 -18.04 -25.97
CA ALA G 86 22.25 -19.20 -25.17
C ALA G 86 22.88 -18.78 -23.84
N ALA G 87 23.46 -17.58 -23.76
CA ALA G 87 24.02 -17.09 -22.52
C ALA G 87 22.96 -16.87 -21.44
N ASP G 88 21.68 -16.85 -21.81
CA ASP G 88 20.61 -16.67 -20.85
C ASP G 88 20.12 -17.99 -20.26
N THR G 89 20.66 -19.11 -20.72
CA THR G 89 20.36 -20.41 -20.13
C THR G 89 20.87 -20.45 -18.70
N ALA G 90 19.96 -20.68 -17.76
CA ALA G 90 20.30 -20.53 -16.34
C ALA G 90 19.11 -20.96 -15.50
N THR G 91 19.38 -21.13 -14.21
CA THR G 91 18.33 -21.20 -13.22
C THR G 91 18.03 -19.78 -12.75
N TYR G 92 16.76 -19.41 -12.73
CA TYR G 92 16.33 -18.07 -12.34
C TYR G 92 15.68 -18.17 -10.96
N PHE G 93 16.11 -17.28 -10.05
CA PHE G 93 15.56 -17.23 -8.69
C PHE G 93 14.92 -15.88 -8.46
N CYS G 94 13.82 -15.86 -7.69
CA CYS G 94 13.39 -14.62 -7.06
C CYS G 94 13.43 -14.78 -5.54
N ALA G 95 13.48 -13.64 -4.86
CA ALA G 95 13.53 -13.67 -3.41
C ALA G 95 12.88 -12.41 -2.87
N ARG G 96 12.31 -12.53 -1.68
CA ARG G 96 11.69 -11.43 -0.94
C ARG G 96 12.56 -11.05 0.26
N ARG G 97 12.63 -9.76 0.54
CA ARG G 97 13.41 -9.23 1.66
C ARG G 97 12.45 -8.81 2.76
N SER G 98 12.58 -9.41 3.95
CA SER G 98 11.64 -9.09 5.03
C SER G 98 11.72 -7.63 5.47
N ASP G 99 12.93 -7.05 5.51
CA ASP G 99 13.15 -5.77 6.19
CA ASP G 99 13.12 -5.75 6.16
C ASP G 99 13.92 -4.83 5.27
N VAL G 100 13.35 -3.67 4.97
CA VAL G 100 14.03 -2.72 4.09
CA VAL G 100 14.01 -2.66 4.13
C VAL G 100 15.36 -2.28 4.72
N GLY G 101 15.46 -2.28 6.05
CA GLY G 101 16.65 -1.83 6.75
C GLY G 101 17.90 -2.67 6.50
N THR G 102 17.75 -3.90 6.02
CA THR G 102 18.93 -4.70 5.65
C THR G 102 19.42 -4.43 4.24
N SER G 103 18.59 -3.82 3.39
CA SER G 103 18.83 -3.54 1.96
C SER G 103 18.97 -4.81 1.13
N VAL G 104 19.82 -5.75 1.57
CA VAL G 104 20.06 -6.95 0.78
C VAL G 104 19.95 -8.20 1.65
N GLY G 105 19.22 -8.09 2.75
CA GLY G 105 18.94 -9.26 3.55
C GLY G 105 17.79 -10.07 2.97
N PHE G 106 18.00 -10.66 1.79
CA PHE G 106 16.96 -11.42 1.10
C PHE G 106 16.83 -12.79 1.75
N ASP G 107 15.73 -12.99 2.49
CA ASP G 107 15.62 -14.18 3.33
C ASP G 107 14.61 -15.21 2.86
N SER G 108 13.70 -14.87 1.95
CA SER G 108 12.71 -15.82 1.44
CA SER G 108 12.72 -15.83 1.44
C SER G 108 12.98 -16.05 -0.04
N TRP G 109 13.51 -17.22 -0.38
CA TRP G 109 13.91 -17.53 -1.74
C TRP G 109 12.99 -18.56 -2.37
N GLY G 110 12.77 -18.43 -3.67
CA GLY G 110 12.08 -19.46 -4.43
C GLY G 110 13.00 -20.63 -4.71
N PRO G 111 12.40 -21.74 -5.14
CA PRO G 111 13.21 -22.93 -5.44
C PRO G 111 14.04 -22.81 -6.70
N GLY G 112 13.77 -21.81 -7.54
CA GLY G 112 14.43 -21.62 -8.82
C GLY G 112 13.67 -22.29 -9.95
N THR G 113 13.78 -21.71 -11.13
CA THR G 113 13.13 -22.27 -12.30
C THR G 113 14.14 -22.38 -13.45
N LEU G 114 14.06 -23.48 -14.18
CA LEU G 114 15.07 -23.82 -15.18
C LEU G 114 14.71 -23.23 -16.53
N VAL G 115 15.65 -22.51 -17.14
CA VAL G 115 15.44 -21.88 -18.44
C VAL G 115 16.56 -22.32 -19.39
N THR G 116 16.18 -22.79 -20.58
CA THR G 116 17.15 -23.13 -21.63
C THR G 116 16.79 -22.35 -22.89
N ILE G 117 17.76 -21.59 -23.42
CA ILE G 117 17.65 -20.95 -24.72
C ILE G 117 18.52 -21.73 -25.70
N SER G 118 17.90 -22.32 -26.71
CA SER G 118 18.65 -22.95 -27.80
C SER G 118 18.28 -22.28 -29.10
N SER G 119 19.29 -21.93 -29.90
CA SER G 119 19.05 -21.57 -31.29
C SER G 119 19.14 -22.75 -32.24
N SER G 120 19.56 -23.92 -31.76
CA SER G 120 19.73 -25.09 -32.61
C SER G 120 18.65 -26.14 -32.44
N SER G 121 18.08 -26.30 -31.27
CA SER G 121 17.18 -27.42 -31.01
C SER G 121 15.77 -26.95 -31.32
N GLY G 122 14.95 -27.86 -31.85
CA GLY G 122 13.62 -27.48 -32.24
C GLY G 122 12.51 -27.64 -31.22
N GLN G 123 11.98 -28.84 -31.13
CA GLN G 123 10.87 -29.23 -30.27
C GLN G 123 11.29 -30.05 -29.05
N PRO G 124 10.50 -30.03 -27.99
CA PRO G 124 10.82 -30.84 -26.81
C PRO G 124 10.87 -32.32 -27.15
N LYS G 125 11.59 -33.07 -26.32
CA LYS G 125 11.82 -34.49 -26.55
C LYS G 125 11.64 -35.26 -25.25
N ALA G 126 10.80 -36.29 -25.28
CA ALA G 126 10.57 -37.14 -24.12
C ALA G 126 11.78 -38.03 -23.85
N PRO G 127 12.01 -38.39 -22.59
CA PRO G 127 13.15 -39.25 -22.28
C PRO G 127 12.91 -40.70 -22.66
N SER G 128 14.00 -41.39 -23.00
CA SER G 128 14.02 -42.84 -23.02
C SER G 128 14.52 -43.33 -21.66
N VAL G 129 13.87 -44.35 -21.13
CA VAL G 129 14.17 -44.86 -19.78
C VAL G 129 14.65 -46.29 -19.90
N PHE G 130 15.85 -46.56 -19.39
CA PHE G 130 16.42 -47.89 -19.46
C PHE G 130 16.79 -48.39 -18.07
N PRO G 131 16.51 -49.65 -17.76
CA PRO G 131 16.89 -50.17 -16.45
C PRO G 131 18.40 -50.27 -16.34
N LEU G 132 18.87 -50.11 -15.09
CA LEU G 132 20.26 -50.31 -14.72
C LEU G 132 20.32 -51.47 -13.75
N ALA G 133 21.06 -52.51 -14.11
CA ALA G 133 21.21 -53.68 -13.25
C ALA G 133 22.61 -54.24 -13.47
N PRO G 134 23.20 -54.86 -12.46
CA PRO G 134 24.56 -55.38 -12.64
C PRO G 134 24.58 -56.57 -13.57
N CYS G 135 25.73 -56.78 -14.21
CA CYS G 135 25.98 -58.02 -14.92
C CYS G 135 25.87 -59.20 -13.95
N CYS G 136 25.67 -60.39 -14.50
CA CYS G 136 25.63 -61.60 -13.67
C CYS G 136 26.98 -61.85 -13.02
N GLY G 137 27.08 -61.60 -11.72
CA GLY G 137 28.31 -61.83 -10.97
C GLY G 137 28.16 -63.09 -10.15
N ASP G 138 29.20 -63.94 -10.21
CA ASP G 138 29.10 -65.28 -9.64
C ASP G 138 29.00 -65.27 -8.11
N THR G 139 29.27 -64.15 -7.45
CA THR G 139 29.07 -64.04 -6.01
C THR G 139 27.88 -63.11 -5.80
N PRO G 140 26.65 -63.61 -5.82
CA PRO G 140 25.49 -62.76 -5.55
C PRO G 140 25.57 -62.17 -4.15
N SER G 141 24.88 -61.04 -3.97
CA SER G 141 25.01 -60.24 -2.77
C SER G 141 23.65 -60.11 -2.09
N SER G 142 23.70 -59.89 -0.78
CA SER G 142 22.48 -59.66 -0.01
C SER G 142 21.86 -58.30 -0.32
N THR G 143 22.63 -57.39 -0.90
CA THR G 143 22.12 -56.10 -1.35
C THR G 143 22.54 -55.90 -2.80
N VAL G 144 21.77 -55.08 -3.51
CA VAL G 144 22.04 -54.79 -4.91
C VAL G 144 21.64 -53.36 -5.18
N THR G 145 22.38 -52.70 -6.07
CA THR G 145 22.04 -51.36 -6.52
C THR G 145 21.45 -51.46 -7.92
N LEU G 146 20.21 -51.00 -8.06
CA LEU G 146 19.51 -50.94 -9.33
C LEU G 146 19.29 -49.49 -9.70
N GLY G 147 18.81 -49.25 -10.92
CA GLY G 147 18.61 -47.86 -11.26
C GLY G 147 17.85 -47.71 -12.56
N CYS G 148 17.69 -46.45 -12.96
CA CYS G 148 17.12 -46.13 -14.27
C CYS G 148 17.96 -45.04 -14.91
N LEU G 149 18.28 -45.24 -16.18
CA LEU G 149 18.93 -44.22 -16.98
C LEU G 149 17.83 -43.47 -17.72
N VAL G 150 17.80 -42.15 -17.56
CA VAL G 150 16.82 -41.29 -18.23
C VAL G 150 17.57 -40.52 -19.31
N LYS G 151 17.36 -40.88 -20.56
CA LYS G 151 18.27 -40.46 -21.63
C LYS G 151 17.56 -39.60 -22.67
N GLY G 152 18.18 -38.48 -23.03
CA GLY G 152 17.81 -37.75 -24.23
C GLY G 152 16.55 -36.94 -24.14
N TYR G 153 16.36 -36.15 -23.09
CA TYR G 153 15.14 -35.35 -22.98
C TYR G 153 15.44 -33.85 -23.08
N LEU G 154 14.37 -33.07 -23.38
CA LEU G 154 14.47 -31.63 -23.59
C LEU G 154 13.07 -31.01 -23.47
N PRO G 155 12.89 -29.93 -22.70
CA PRO G 155 13.82 -29.29 -21.78
C PRO G 155 13.83 -29.99 -20.42
N GLU G 156 14.53 -29.39 -19.46
CA GLU G 156 14.40 -29.82 -18.07
C GLU G 156 13.07 -29.33 -17.49
N PRO G 157 12.58 -29.97 -16.42
CA PRO G 157 13.15 -31.11 -15.71
C PRO G 157 12.40 -32.40 -16.01
N VAL G 158 12.99 -33.49 -15.57
CA VAL G 158 12.24 -34.72 -15.30
C VAL G 158 12.17 -34.83 -13.79
N THR G 159 11.18 -35.57 -13.33
CA THR G 159 11.12 -35.94 -11.93
C THR G 159 11.20 -37.45 -11.84
N VAL G 160 11.98 -37.95 -10.89
CA VAL G 160 12.15 -39.39 -10.72
C VAL G 160 11.76 -39.73 -9.30
N THR G 161 10.88 -40.72 -9.16
CA THR G 161 10.56 -41.32 -7.88
C THR G 161 10.74 -42.82 -8.01
N TRP G 162 10.73 -43.50 -6.88
CA TRP G 162 10.78 -44.96 -6.84
C TRP G 162 9.55 -45.47 -6.11
N ASN G 163 8.90 -46.48 -6.68
CA ASN G 163 7.67 -47.05 -6.13
C ASN G 163 6.66 -45.94 -5.81
N SER G 164 6.45 -45.06 -6.79
CA SER G 164 5.47 -43.98 -6.72
C SER G 164 5.71 -43.05 -5.53
N GLY G 165 6.96 -42.90 -5.11
CA GLY G 165 7.34 -42.02 -4.03
C GLY G 165 7.44 -42.66 -2.67
N THR G 166 7.04 -43.92 -2.52
CA THR G 166 7.13 -44.60 -1.23
C THR G 166 8.54 -45.08 -0.90
N LEU G 167 9.43 -45.20 -1.89
CA LEU G 167 10.80 -45.66 -1.66
C LEU G 167 11.74 -44.47 -1.80
N THR G 168 12.35 -44.06 -0.69
CA THR G 168 13.26 -42.92 -0.71
C THR G 168 14.59 -43.31 -0.08
N ASN G 169 14.57 -44.29 0.83
CA ASN G 169 15.80 -44.76 1.45
C ASN G 169 16.72 -45.39 0.41
N GLY G 170 17.96 -44.92 0.37
CA GLY G 170 18.95 -45.47 -0.53
C GLY G 170 18.91 -44.95 -1.94
N VAL G 171 18.09 -43.92 -2.22
CA VAL G 171 17.95 -43.36 -3.56
C VAL G 171 18.96 -42.25 -3.77
N ARG G 172 19.67 -42.29 -4.90
CA ARG G 172 20.56 -41.21 -5.32
CA ARG G 172 20.55 -41.20 -5.33
C ARG G 172 20.22 -40.84 -6.76
N THR G 173 19.66 -39.66 -6.96
CA THR G 173 19.37 -39.16 -8.29
C THR G 173 20.38 -38.06 -8.61
N PHE G 174 21.14 -38.26 -9.66
CA PHE G 174 22.27 -37.38 -9.94
C PHE G 174 21.80 -36.15 -10.70
N PRO G 175 22.57 -35.05 -10.61
CA PRO G 175 22.25 -33.89 -11.44
C PRO G 175 22.27 -34.24 -12.91
N SER G 176 21.40 -33.58 -13.66
CA SER G 176 21.35 -33.82 -15.10
C SER G 176 22.63 -33.38 -15.78
N VAL G 177 22.93 -34.00 -16.92
CA VAL G 177 24.04 -33.59 -17.76
C VAL G 177 23.47 -33.26 -19.14
N ARG G 178 24.21 -32.46 -19.89
CA ARG G 178 23.75 -32.02 -21.20
C ARG G 178 24.81 -32.38 -22.23
N GLN G 179 24.43 -33.14 -23.24
CA GLN G 179 25.38 -33.54 -24.27
C GLN G 179 25.45 -32.49 -25.38
N SER G 180 26.40 -32.70 -26.30
CA SER G 180 26.68 -31.69 -27.33
C SER G 180 25.49 -31.45 -28.25
N SER G 181 24.64 -32.46 -28.46
CA SER G 181 23.42 -32.28 -29.24
C SER G 181 22.40 -31.37 -28.55
N GLY G 182 22.63 -31.03 -27.29
CA GLY G 182 21.70 -30.23 -26.50
C GLY G 182 20.73 -31.00 -25.63
N LEU G 183 20.66 -32.32 -25.75
CA LEU G 183 19.72 -33.08 -24.93
C LEU G 183 20.29 -33.36 -23.55
N TYR G 184 19.38 -33.49 -22.59
CA TYR G 184 19.73 -33.75 -21.20
C TYR G 184 19.58 -35.24 -20.89
N SER G 185 20.35 -35.71 -19.90
CA SER G 185 20.19 -37.05 -19.37
C SER G 185 20.48 -37.04 -17.88
N LEU G 186 19.94 -38.04 -17.18
CA LEU G 186 20.37 -38.27 -15.80
C LEU G 186 20.21 -39.73 -15.44
N SER G 187 20.79 -40.11 -14.30
CA SER G 187 20.61 -41.44 -13.77
CA SER G 187 20.60 -41.45 -13.77
C SER G 187 20.10 -41.35 -12.34
N SER G 188 19.35 -42.36 -11.95
CA SER G 188 18.87 -42.51 -10.57
C SER G 188 19.13 -43.95 -10.15
N VAL G 189 19.74 -44.14 -8.97
CA VAL G 189 20.01 -45.50 -8.51
C VAL G 189 19.44 -45.66 -7.10
N VAL G 190 19.21 -46.91 -6.71
CA VAL G 190 18.70 -47.19 -5.37
C VAL G 190 19.27 -48.53 -4.92
N SER G 191 19.69 -48.58 -3.66
CA SER G 191 20.21 -49.81 -3.07
CA SER G 191 20.22 -49.80 -3.05
C SER G 191 19.11 -50.47 -2.25
N VAL G 192 18.87 -51.76 -2.53
CA VAL G 192 17.85 -52.54 -1.85
C VAL G 192 18.40 -53.91 -1.47
N THR G 193 17.72 -54.56 -0.53
CA THR G 193 18.06 -55.95 -0.22
C THR G 193 17.62 -56.84 -1.37
N SER G 194 18.41 -57.88 -1.64
CA SER G 194 18.11 -58.77 -2.77
C SER G 194 16.84 -59.56 -2.57
N SER G 195 16.26 -59.56 -1.37
CA SER G 195 15.02 -60.29 -1.11
C SER G 195 13.77 -59.44 -1.30
N SER G 196 13.90 -58.12 -1.37
CA SER G 196 12.75 -57.25 -1.43
C SER G 196 12.06 -57.33 -2.80
N GLN G 197 10.87 -56.74 -2.85
CA GLN G 197 10.03 -56.81 -4.04
C GLN G 197 10.66 -56.00 -5.17
N PRO G 198 10.25 -56.25 -6.41
CA PRO G 198 10.78 -55.44 -7.52
C PRO G 198 10.55 -53.96 -7.27
N VAL G 199 11.49 -53.14 -7.74
CA VAL G 199 11.42 -51.70 -7.58
C VAL G 199 11.13 -51.05 -8.91
N THR G 200 10.39 -49.95 -8.87
CA THR G 200 9.91 -49.29 -10.09
C THR G 200 10.31 -47.82 -10.05
N CYS G 201 11.00 -47.37 -11.09
CA CYS G 201 11.30 -45.95 -11.22
C CYS G 201 10.17 -45.30 -11.99
N ASN G 202 9.70 -44.15 -11.50
CA ASN G 202 8.65 -43.39 -12.16
C ASN G 202 9.27 -42.11 -12.69
N VAL G 203 9.27 -41.95 -14.01
CA VAL G 203 9.94 -40.83 -14.65
C VAL G 203 8.90 -39.96 -15.33
N ALA G 204 8.70 -38.75 -14.81
CA ALA G 204 7.72 -37.82 -15.38
C ALA G 204 8.43 -36.70 -16.12
N HIS G 205 7.94 -36.39 -17.32
CA HIS G 205 8.47 -35.30 -18.14
C HIS G 205 7.28 -34.42 -18.52
N PRO G 206 6.94 -33.44 -17.68
CA PRO G 206 5.74 -32.62 -17.95
C PRO G 206 5.77 -31.91 -19.29
N ALA G 207 6.95 -31.49 -19.76
CA ALA G 207 7.04 -30.73 -21.01
C ALA G 207 6.57 -31.54 -22.22
N THR G 208 6.56 -32.87 -22.14
CA THR G 208 6.00 -33.70 -23.21
C THR G 208 4.80 -34.50 -22.73
N ASN G 209 4.23 -34.15 -21.57
CA ASN G 209 3.05 -34.84 -21.03
C ASN G 209 3.26 -36.34 -20.92
N THR G 210 4.48 -36.74 -20.52
CA THR G 210 4.88 -38.14 -20.52
C THR G 210 5.25 -38.60 -19.11
N LYS G 211 4.82 -39.81 -18.75
CA LYS G 211 5.40 -40.50 -17.61
C LYS G 211 5.72 -41.93 -18.02
N VAL G 212 6.90 -42.41 -17.64
CA VAL G 212 7.34 -43.77 -17.95
C VAL G 212 7.70 -44.45 -16.64
N ASP G 213 7.11 -45.62 -16.40
CA ASP G 213 7.47 -46.49 -15.28
C ASP G 213 8.25 -47.69 -15.79
N LYS G 214 9.39 -47.97 -15.16
CA LYS G 214 10.18 -49.17 -15.44
C LYS G 214 10.36 -49.94 -14.14
N THR G 215 9.92 -51.21 -14.14
CA THR G 215 10.19 -52.10 -13.02
C THR G 215 11.49 -52.83 -13.30
N VAL G 216 12.44 -52.72 -12.37
CA VAL G 216 13.81 -53.14 -12.59
C VAL G 216 14.04 -54.42 -11.81
N ALA G 217 14.61 -55.41 -12.48
CA ALA G 217 14.86 -56.69 -11.87
C ALA G 217 16.35 -57.00 -11.91
N PRO G 218 16.86 -57.71 -10.89
CA PRO G 218 18.24 -58.19 -10.94
C PRO G 218 18.42 -59.05 -12.17
N SER G 219 19.63 -58.98 -12.75
CA SER G 219 19.89 -59.67 -14.01
C SER G 219 19.55 -61.15 -13.91
N THR G 220 18.99 -61.68 -14.99
CA THR G 220 18.57 -63.08 -15.06
C THR G 220 19.79 -63.96 -15.32
N CYS G 221 20.14 -64.79 -14.34
CA CYS G 221 21.34 -65.61 -14.45
C CYS G 221 21.00 -67.08 -14.24
N ASP H 1 31.27 -3.05 -7.46
CA ASP H 1 31.61 -4.47 -7.52
C ASP H 1 32.06 -4.96 -6.14
N MET H 2 31.92 -6.27 -5.91
CA MET H 2 32.46 -6.95 -4.73
C MET H 2 33.47 -7.97 -5.22
N THR H 3 34.72 -7.84 -4.77
CA THR H 3 35.79 -8.72 -5.21
CA THR H 3 35.79 -8.74 -5.22
C THR H 3 36.03 -9.77 -4.12
N GLN H 4 35.71 -11.02 -4.43
CA GLN H 4 35.81 -12.14 -3.49
C GLN H 4 37.05 -12.97 -3.75
N THR H 5 37.85 -13.13 -2.70
CA THR H 5 39.00 -13.99 -2.71
C THR H 5 38.94 -14.91 -1.50
N PRO H 6 39.44 -16.14 -1.63
CA PRO H 6 39.86 -16.72 -2.90
C PRO H 6 38.62 -17.22 -3.61
N SER H 7 38.72 -17.69 -4.85
CA SER H 7 37.54 -18.26 -5.50
C SER H 7 37.20 -19.65 -4.94
N SER H 8 38.16 -20.34 -4.32
CA SER H 8 37.87 -21.61 -3.68
C SER H 8 38.89 -21.83 -2.56
N LYS H 9 38.49 -22.63 -1.58
CA LYS H 9 39.36 -22.96 -0.46
C LYS H 9 38.95 -24.33 0.07
N SER H 10 39.94 -25.13 0.48
CA SER H 10 39.69 -26.42 1.12
C SER H 10 39.99 -26.27 2.59
N VAL H 11 39.10 -26.81 3.42
CA VAL H 11 39.27 -26.66 4.87
C VAL H 11 38.99 -28.00 5.55
N PRO H 12 39.91 -28.49 6.38
CA PRO H 12 39.63 -29.72 7.13
C PRO H 12 38.53 -29.50 8.13
N VAL H 13 37.75 -30.54 8.37
CA VAL H 13 36.73 -30.51 9.41
C VAL H 13 37.35 -30.04 10.71
N GLY H 14 36.64 -29.14 11.40
CA GLY H 14 37.09 -28.59 12.66
C GLY H 14 37.95 -27.35 12.57
N ASP H 15 38.55 -27.06 11.42
CA ASP H 15 39.37 -25.87 11.30
C ASP H 15 38.49 -24.64 11.05
N THR H 16 39.16 -23.51 10.82
CA THR H 16 38.49 -22.24 10.58
C THR H 16 38.83 -21.77 9.18
N VAL H 17 37.82 -21.25 8.47
CA VAL H 17 38.00 -20.74 7.13
C VAL H 17 37.53 -19.29 7.09
N THR H 18 38.25 -18.46 6.37
CA THR H 18 37.91 -17.05 6.21
C THR H 18 37.68 -16.77 4.73
N ILE H 19 36.64 -16.01 4.45
CA ILE H 19 36.28 -15.61 3.10
C ILE H 19 36.31 -14.09 3.05
N ASN H 20 36.95 -13.54 2.02
CA ASN H 20 37.23 -12.12 1.93
C ASN H 20 36.32 -11.48 0.89
N CYS H 21 35.95 -10.22 1.14
CA CYS H 21 35.08 -9.48 0.25
CA CYS H 21 35.09 -9.48 0.22
C CYS H 21 35.50 -8.02 0.25
N GLN H 22 36.00 -7.52 -0.87
CA GLN H 22 36.41 -6.13 -0.97
C GLN H 22 35.47 -5.37 -1.89
N ALA H 23 34.80 -4.36 -1.33
CA ALA H 23 33.89 -3.53 -2.10
C ALA H 23 34.68 -2.48 -2.87
N SER H 24 34.27 -2.23 -4.12
CA SER H 24 34.96 -1.27 -4.98
C SER H 24 34.79 0.17 -4.52
N GLU H 25 33.76 0.42 -3.71
CA GLU H 25 33.52 1.69 -3.06
C GLU H 25 32.74 1.36 -1.80
N SER H 26 32.59 2.35 -0.91
CA SER H 26 31.88 2.07 0.32
C SER H 26 30.46 1.61 0.02
N VAL H 27 29.99 0.62 0.80
CA VAL H 27 28.57 0.26 0.76
C VAL H 27 27.80 1.29 1.58
N TYR H 28 26.49 1.35 1.37
CA TYR H 28 25.70 2.37 2.06
C TYR H 28 25.85 2.25 3.57
N SER H 29 26.08 3.39 4.23
CA SER H 29 26.25 3.44 5.69
C SER H 29 27.37 2.49 6.16
N ASN H 30 28.23 2.06 5.24
CA ASN H 30 29.28 1.08 5.50
C ASN H 30 28.76 -0.23 6.09
N ASN H 31 27.46 -0.53 5.96
CA ASN H 31 26.96 -1.75 6.57
C ASN H 31 25.94 -2.52 5.76
N ARG H 32 25.59 -2.09 4.55
CA ARG H 32 24.61 -2.83 3.76
C ARG H 32 25.35 -3.95 3.03
N LEU H 33 25.58 -5.04 3.77
CA LEU H 33 26.42 -6.15 3.32
C LEU H 33 25.83 -7.42 3.90
N SER H 34 25.49 -8.37 3.03
CA SER H 34 24.96 -9.66 3.45
C SER H 34 25.85 -10.78 2.94
N TRP H 35 25.82 -11.90 3.65
CA TRP H 35 26.47 -13.13 3.19
C TRP H 35 25.43 -14.19 2.93
N PHE H 36 25.64 -14.97 1.85
CA PHE H 36 24.76 -16.07 1.51
C PHE H 36 25.54 -17.37 1.40
N GLN H 37 24.86 -18.46 1.73
CA GLN H 37 25.34 -19.83 1.53
C GLN H 37 24.51 -20.48 0.43
N GLN H 38 25.17 -21.07 -0.57
CA GLN H 38 24.44 -21.80 -1.61
C GLN H 38 25.10 -23.15 -1.87
N LYS H 39 24.34 -24.22 -1.67
CA LYS H 39 24.76 -25.58 -2.01
C LYS H 39 24.24 -25.92 -3.41
N PRO H 40 25.01 -26.69 -4.19
CA PRO H 40 24.58 -27.01 -5.56
C PRO H 40 23.20 -27.64 -5.56
N GLY H 41 22.34 -27.16 -6.46
CA GLY H 41 20.99 -27.66 -6.57
C GLY H 41 19.98 -27.02 -5.64
N GLN H 42 20.41 -26.09 -4.79
CA GLN H 42 19.53 -25.41 -3.85
C GLN H 42 19.56 -23.91 -4.09
N PRO H 43 18.55 -23.19 -3.65
CA PRO H 43 18.61 -21.74 -3.69
C PRO H 43 19.58 -21.23 -2.66
N PRO H 44 20.06 -19.98 -2.81
CA PRO H 44 20.86 -19.36 -1.76
C PRO H 44 20.07 -19.26 -0.46
N LYS H 45 20.81 -19.23 0.64
CA LYS H 45 20.27 -19.03 1.98
C LYS H 45 20.98 -17.87 2.63
N LEU H 46 20.22 -16.94 3.20
CA LEU H 46 20.82 -15.82 3.94
C LEU H 46 21.48 -16.34 5.22
N LEU H 47 22.75 -15.97 5.42
CA LEU H 47 23.52 -16.29 6.62
C LEU H 47 23.65 -15.12 7.58
N ILE H 48 24.10 -13.98 7.05
CA ILE H 48 24.39 -12.80 7.85
C ILE H 48 23.90 -11.59 7.08
N TYR H 49 23.32 -10.63 7.78
CA TYR H 49 22.97 -9.34 7.16
C TYR H 49 23.51 -8.20 8.03
N LEU H 50 23.56 -7.00 7.44
CA LEU H 50 24.12 -5.81 8.09
C LEU H 50 25.47 -6.12 8.75
N VAL H 51 26.33 -6.78 7.96
CA VAL H 51 27.74 -7.08 8.24
C VAL H 51 27.91 -8.23 9.22
N SER H 52 27.23 -8.17 10.36
CA SER H 52 27.55 -9.08 11.45
C SER H 52 26.35 -9.77 12.09
N THR H 53 25.12 -9.49 11.66
CA THR H 53 23.95 -10.05 12.32
C THR H 53 23.57 -11.39 11.71
N LEU H 54 23.47 -12.41 12.56
CA LEU H 54 23.14 -13.77 12.11
C LEU H 54 21.66 -13.86 11.76
N ALA H 55 21.37 -14.48 10.62
CA ALA H 55 20.00 -14.82 10.25
C ALA H 55 19.45 -15.92 11.15
N SER H 56 18.13 -16.05 11.17
CA SER H 56 17.50 -17.04 12.05
C SER H 56 17.98 -18.45 11.70
N GLY H 57 18.28 -19.23 12.73
CA GLY H 57 18.75 -20.59 12.55
C GLY H 57 20.24 -20.77 12.28
N VAL H 58 20.97 -19.70 12.02
CA VAL H 58 22.39 -19.78 11.68
C VAL H 58 23.22 -19.80 12.97
N PRO H 59 24.13 -20.75 13.14
CA PRO H 59 24.90 -20.84 14.38
C PRO H 59 26.05 -19.84 14.44
N SER H 60 26.44 -19.50 15.67
CA SER H 60 27.38 -18.41 15.88
C SER H 60 28.80 -18.74 15.47
N ARG H 61 29.09 -19.97 15.05
CA ARG H 61 30.39 -20.19 14.46
C ARG H 61 30.53 -19.50 13.11
N PHE H 62 29.43 -19.00 12.54
CA PHE H 62 29.47 -18.04 11.44
C PHE H 62 29.61 -16.63 12.00
N LYS H 63 30.65 -15.92 11.59
CA LYS H 63 30.97 -14.59 12.08
C LYS H 63 31.23 -13.65 10.92
N GLY H 64 30.58 -12.49 10.93
CA GLY H 64 30.81 -11.46 9.92
C GLY H 64 31.44 -10.22 10.52
N SER H 65 32.39 -9.63 9.80
CA SER H 65 32.99 -8.38 10.23
C SER H 65 33.17 -7.47 9.03
N GLY H 66 33.46 -6.19 9.30
CA GLY H 66 33.72 -5.25 8.23
C GLY H 66 34.46 -4.04 8.73
N SER H 67 35.22 -3.41 7.84
CA SER H 67 35.96 -2.21 8.19
C SER H 67 36.21 -1.49 6.87
N GLY H 68 35.61 -0.31 6.73
CA GLY H 68 35.74 0.42 5.47
C GLY H 68 35.09 -0.38 4.36
N THR H 69 35.88 -0.78 3.37
CA THR H 69 35.40 -1.51 2.20
C THR H 69 35.75 -2.99 2.27
N GLN H 70 36.28 -3.44 3.41
CA GLN H 70 36.69 -4.84 3.59
C GLN H 70 35.73 -5.57 4.50
N PHE H 71 35.28 -6.73 4.06
CA PHE H 71 34.35 -7.54 4.82
C PHE H 71 34.87 -8.96 4.83
N THR H 72 34.65 -9.64 5.94
CA THR H 72 35.18 -10.98 6.12
C THR H 72 34.13 -11.87 6.74
N LEU H 73 33.98 -13.07 6.20
CA LEU H 73 33.15 -14.10 6.79
C LEU H 73 34.08 -15.17 7.36
N THR H 74 33.88 -15.49 8.64
CA THR H 74 34.69 -16.48 9.35
C THR H 74 33.79 -17.62 9.79
N ILE H 75 34.10 -18.84 9.36
CA ILE H 75 33.39 -20.03 9.78
C ILE H 75 34.35 -20.83 10.66
N SER H 76 34.02 -20.97 11.93
CA SER H 76 34.84 -21.76 12.84
C SER H 76 34.22 -23.13 13.05
N ASP H 77 35.05 -24.07 13.52
CA ASP H 77 34.60 -25.42 13.82
C ASP H 77 33.84 -26.00 12.63
N VAL H 78 34.47 -25.95 11.46
CA VAL H 78 33.81 -26.31 10.22
C VAL H 78 33.33 -27.76 10.28
N VAL H 79 32.12 -28.00 9.76
CA VAL H 79 31.56 -29.34 9.64
C VAL H 79 31.22 -29.57 8.17
N CYS H 80 30.97 -30.84 7.83
CA CYS H 80 30.67 -31.19 6.44
C CYS H 80 29.45 -30.45 5.91
N ASP H 81 28.49 -30.13 6.78
CA ASP H 81 27.31 -29.39 6.35
C ASP H 81 27.65 -27.98 5.85
N ASP H 82 28.85 -27.47 6.13
CA ASP H 82 29.27 -26.15 5.69
C ASP H 82 29.79 -26.13 4.26
N ALA H 83 29.91 -27.28 3.60
CA ALA H 83 30.37 -27.29 2.22
C ALA H 83 29.34 -26.59 1.34
N ALA H 84 29.79 -25.54 0.65
CA ALA H 84 28.88 -24.66 -0.09
C ALA H 84 29.73 -23.60 -0.76
N THR H 85 29.09 -22.82 -1.63
CA THR H 85 29.68 -21.60 -2.17
C THR H 85 29.08 -20.44 -1.41
N TYR H 86 29.96 -19.53 -0.97
CA TYR H 86 29.55 -18.39 -0.14
C TYR H 86 29.70 -17.12 -0.95
N TYR H 87 28.69 -16.25 -0.86
CA TYR H 87 28.67 -14.99 -1.59
C TYR H 87 28.48 -13.81 -0.64
N CYS H 88 29.20 -12.73 -0.88
CA CYS H 88 28.82 -11.46 -0.29
C CYS H 88 28.02 -10.66 -1.30
N VAL H 89 27.09 -9.87 -0.78
CA VAL H 89 26.31 -8.94 -1.59
C VAL H 89 26.38 -7.58 -0.92
N GLY H 90 26.82 -6.56 -1.64
CA GLY H 90 26.86 -5.20 -1.13
C GLY H 90 25.86 -4.31 -1.84
N TYR H 91 25.35 -3.31 -1.12
CA TYR H 91 24.38 -2.37 -1.67
C TYR H 91 24.86 -0.94 -1.42
N LYS H 92 24.76 -0.10 -2.45
CA LYS H 92 25.01 1.33 -2.32
C LYS H 92 23.76 2.18 -2.54
N SER H 93 22.94 1.86 -3.53
CA SER H 93 21.79 2.68 -3.85
C SER H 93 20.81 1.91 -4.72
N SER H 94 19.57 2.37 -4.75
CA SER H 94 18.51 1.73 -5.56
C SER H 94 18.51 2.33 -6.96
N THR H 95 19.61 2.08 -7.67
CA THR H 95 19.86 2.66 -8.99
C THR H 95 20.53 1.60 -9.86
N THR H 96 20.74 1.93 -11.12
CA THR H 96 21.41 1.02 -12.03
C THR H 96 22.76 0.60 -11.46
N ASP H 97 23.00 -0.71 -11.45
CA ASP H 97 24.23 -1.29 -10.90
C ASP H 97 24.46 -0.84 -9.46
N GLY H 98 23.40 -0.58 -8.69
CA GLY H 98 23.57 -0.03 -7.36
C GLY H 98 23.85 -1.05 -6.26
N LEU H 99 23.74 -2.33 -6.56
CA LEU H 99 24.21 -3.40 -5.68
C LEU H 99 25.06 -4.34 -6.51
N ALA H 100 25.84 -5.19 -5.84
CA ALA H 100 26.64 -6.16 -6.58
C ALA H 100 26.86 -7.43 -5.77
N PHE H 101 26.98 -8.54 -6.50
CA PHE H 101 27.31 -9.84 -5.94
C PHE H 101 28.80 -10.08 -6.10
N GLY H 102 29.43 -10.60 -5.06
CA GLY H 102 30.76 -11.15 -5.21
C GLY H 102 30.75 -12.37 -6.11
N GLY H 103 31.95 -12.74 -6.58
CA GLY H 103 32.07 -13.87 -7.48
C GLY H 103 31.91 -15.22 -6.80
N GLY H 104 31.88 -15.27 -5.48
CA GLY H 104 31.68 -16.51 -4.75
C GLY H 104 32.99 -17.15 -4.32
N THR H 105 32.93 -17.87 -3.20
CA THR H 105 34.05 -18.70 -2.73
C THR H 105 33.52 -20.10 -2.50
N GLU H 106 34.00 -21.06 -3.27
CA GLU H 106 33.63 -22.44 -3.07
C GLU H 106 34.43 -22.97 -1.88
N VAL H 107 33.74 -23.46 -0.86
CA VAL H 107 34.38 -24.04 0.31
C VAL H 107 34.22 -25.55 0.20
N VAL H 108 35.34 -26.25 0.08
CA VAL H 108 35.35 -27.72 0.11
C VAL H 108 35.78 -28.14 1.50
N VAL H 109 34.98 -28.96 2.16
CA VAL H 109 35.28 -29.41 3.50
C VAL H 109 35.93 -30.77 3.42
N LYS H 110 37.11 -30.91 4.02
CA LYS H 110 37.90 -32.14 3.93
C LYS H 110 37.58 -33.03 5.12
N GLY H 111 36.83 -34.10 4.87
CA GLY H 111 36.66 -35.17 5.83
C GLY H 111 37.75 -36.20 5.65
N ASP H 112 37.48 -37.40 6.15
CA ASP H 112 38.42 -38.50 5.96
C ASP H 112 38.46 -38.92 4.50
N PRO H 113 39.64 -39.22 3.96
CA PRO H 113 39.70 -39.75 2.60
C PRO H 113 39.08 -41.14 2.58
N VAL H 114 38.37 -41.44 1.50
CA VAL H 114 37.78 -42.77 1.35
C VAL H 114 37.72 -43.07 -0.14
N ALA H 115 38.16 -44.26 -0.51
CA ALA H 115 38.14 -44.67 -1.90
C ALA H 115 36.70 -45.03 -2.31
N PRO H 116 36.33 -44.73 -3.55
CA PRO H 116 34.96 -45.06 -3.99
C PRO H 116 34.74 -46.56 -4.08
N THR H 117 33.50 -46.99 -3.86
CA THR H 117 33.07 -48.28 -4.40
C THR H 117 32.42 -48.01 -5.75
N VAL H 118 32.79 -48.79 -6.76
CA VAL H 118 32.44 -48.46 -8.14
C VAL H 118 31.51 -49.54 -8.67
N LEU H 119 30.42 -49.11 -9.32
CA LEU H 119 29.48 -49.99 -9.98
C LEU H 119 29.48 -49.70 -11.47
N ILE H 120 29.38 -50.73 -12.29
CA ILE H 120 29.22 -50.54 -13.72
C ILE H 120 27.93 -51.23 -14.14
N PHE H 121 27.21 -50.61 -15.09
CA PHE H 121 25.90 -51.09 -15.53
C PHE H 121 25.94 -51.27 -17.04
N PRO H 122 25.97 -52.50 -17.53
CA PRO H 122 25.93 -52.71 -18.98
C PRO H 122 24.61 -52.22 -19.54
N PRO H 123 24.55 -51.91 -20.82
CA PRO H 123 23.30 -51.40 -21.39
C PRO H 123 22.18 -52.42 -21.30
N ALA H 124 21.00 -51.94 -20.90
CA ALA H 124 19.79 -52.76 -20.96
C ALA H 124 19.64 -53.35 -22.35
N ALA H 125 19.00 -54.52 -22.41
CA ALA H 125 18.91 -55.28 -23.65
C ALA H 125 18.23 -54.50 -24.77
N ASP H 126 17.38 -53.52 -24.44
CA ASP H 126 16.64 -52.79 -25.46
C ASP H 126 17.38 -51.55 -25.96
N GLN H 127 18.57 -51.25 -25.44
CA GLN H 127 19.29 -50.07 -25.94
C GLN H 127 19.83 -50.29 -27.36
N VAL H 128 20.39 -51.47 -27.63
CA VAL H 128 21.24 -51.62 -28.82
C VAL H 128 20.40 -51.50 -30.09
N ALA H 129 19.11 -51.87 -30.05
CA ALA H 129 18.28 -51.68 -31.23
C ALA H 129 18.07 -50.21 -31.57
N THR H 130 18.30 -49.29 -30.63
CA THR H 130 18.10 -47.88 -30.94
C THR H 130 19.26 -47.28 -31.74
N GLY H 131 20.37 -47.99 -31.89
CA GLY H 131 21.51 -47.49 -32.63
C GLY H 131 22.63 -46.89 -31.79
N THR H 132 22.38 -46.59 -30.52
CA THR H 132 23.46 -46.20 -29.61
C THR H 132 23.22 -46.88 -28.27
N VAL H 133 24.32 -47.04 -27.53
CA VAL H 133 24.25 -47.59 -26.18
C VAL H 133 24.94 -46.64 -25.23
N THR H 134 24.40 -46.54 -24.02
CA THR H 134 24.99 -45.71 -22.96
C THR H 134 25.27 -46.63 -21.79
N ILE H 135 26.54 -46.74 -21.43
CA ILE H 135 27.02 -47.51 -20.29
C ILE H 135 27.17 -46.56 -19.12
N VAL H 136 26.75 -47.00 -17.93
CA VAL H 136 26.74 -46.16 -16.74
C VAL H 136 27.73 -46.69 -15.72
N CYS H 137 28.55 -45.81 -15.18
CA CYS H 137 29.47 -46.14 -14.09
C CYS H 137 29.14 -45.22 -12.92
N VAL H 138 29.00 -45.79 -11.72
CA VAL H 138 28.72 -45.01 -10.52
C VAL H 138 29.85 -45.21 -9.52
N ALA H 139 30.39 -44.11 -9.02
CA ALA H 139 31.40 -44.13 -7.97
C ALA H 139 30.74 -43.61 -6.70
N ASN H 140 30.65 -44.45 -5.68
CA ASN H 140 29.87 -44.13 -4.49
C ASN H 140 30.75 -43.71 -3.32
N LYS H 141 30.32 -42.67 -2.61
CA LYS H 141 30.80 -42.31 -1.28
C LYS H 141 32.32 -42.19 -1.23
N TYR H 142 32.83 -41.15 -1.86
CA TYR H 142 34.27 -41.01 -1.96
C TYR H 142 34.71 -39.59 -1.59
N PHE H 143 35.98 -39.49 -1.20
CA PHE H 143 36.62 -38.20 -1.01
C PHE H 143 38.13 -38.44 -1.01
N PRO H 144 38.95 -37.59 -1.66
CA PRO H 144 38.66 -36.36 -2.39
C PRO H 144 38.16 -36.62 -3.82
N ASP H 145 38.14 -35.60 -4.67
CA ASP H 145 37.60 -35.74 -6.02
C ASP H 145 38.32 -36.83 -6.81
N VAL H 146 37.60 -37.38 -7.79
CA VAL H 146 38.13 -38.41 -8.67
C VAL H 146 38.18 -37.88 -10.10
N THR H 147 38.99 -38.55 -10.92
CA THR H 147 38.93 -38.42 -12.36
C THR H 147 38.55 -39.76 -12.93
N VAL H 148 37.76 -39.76 -14.00
CA VAL H 148 37.24 -41.00 -14.59
C VAL H 148 37.85 -41.17 -15.97
N THR H 149 38.31 -42.39 -16.24
CA THR H 149 38.76 -42.86 -17.55
C THR H 149 37.90 -44.04 -17.97
N TRP H 150 37.50 -44.06 -19.23
CA TRP H 150 36.84 -45.21 -19.85
C TRP H 150 37.78 -45.88 -20.83
N GLU H 151 37.80 -47.21 -20.82
CA GLU H 151 38.58 -47.96 -21.79
C GLU H 151 37.70 -48.99 -22.46
N VAL H 152 37.91 -49.19 -23.76
CA VAL H 152 37.22 -50.21 -24.54
C VAL H 152 38.28 -51.09 -25.18
N ASP H 153 38.30 -52.36 -24.80
CA ASP H 153 39.39 -53.27 -25.19
C ASP H 153 40.74 -52.61 -24.97
N GLY H 154 40.89 -51.91 -23.84
CA GLY H 154 42.15 -51.29 -23.47
C GLY H 154 42.42 -49.93 -24.08
N THR H 155 41.56 -49.43 -24.97
CA THR H 155 41.78 -48.13 -25.61
C THR H 155 41.00 -47.04 -24.88
N THR H 156 41.70 -45.98 -24.48
CA THR H 156 41.03 -44.89 -23.77
C THR H 156 40.04 -44.18 -24.69
N GLN H 157 38.85 -43.92 -24.15
CA GLN H 157 37.82 -43.19 -24.87
C GLN H 157 37.97 -41.70 -24.62
N THR H 158 37.72 -40.88 -25.65
CA THR H 158 37.89 -39.44 -25.51
C THR H 158 36.63 -38.65 -25.83
N THR H 159 35.56 -39.28 -26.32
CA THR H 159 34.32 -38.60 -26.65
CA THR H 159 34.32 -38.60 -26.64
C THR H 159 33.15 -39.44 -26.15
N GLY H 160 31.99 -38.81 -26.09
CA GLY H 160 30.77 -39.49 -25.66
C GLY H 160 30.65 -39.72 -24.16
N ILE H 161 31.38 -38.95 -23.35
CA ILE H 161 31.44 -39.16 -21.90
C ILE H 161 30.83 -37.95 -21.20
N GLU H 162 29.93 -38.21 -20.25
CA GLU H 162 29.38 -37.16 -19.40
C GLU H 162 29.48 -37.60 -17.94
N ASN H 163 29.79 -36.63 -17.08
CA ASN H 163 29.98 -36.86 -15.65
C ASN H 163 29.06 -35.95 -14.85
N SER H 164 28.49 -36.51 -13.78
CA SER H 164 27.63 -35.74 -12.89
C SER H 164 27.94 -36.11 -11.44
N LYS H 165 28.16 -35.10 -10.60
CA LYS H 165 28.61 -35.31 -9.23
C LYS H 165 27.59 -34.74 -8.26
N THR H 166 27.24 -35.49 -7.23
CA THR H 166 26.41 -34.94 -6.17
C THR H 166 27.25 -34.08 -5.24
N PRO H 167 26.65 -33.09 -4.59
CA PRO H 167 27.41 -32.22 -3.69
C PRO H 167 27.84 -32.98 -2.46
N GLN H 168 28.86 -32.44 -1.78
CA GLN H 168 29.38 -33.09 -0.58
C GLN H 168 28.27 -33.44 0.39
N ASN H 169 28.32 -34.67 0.89
CA ASN H 169 27.36 -35.17 1.86
C ASN H 169 27.45 -34.36 3.15
N SER H 170 26.30 -33.89 3.64
CA SER H 170 26.31 -33.01 4.80
C SER H 170 26.80 -33.70 6.07
N ALA H 171 26.84 -35.04 6.09
CA ALA H 171 27.29 -35.78 7.26
C ALA H 171 28.76 -36.19 7.19
N ASP H 172 29.23 -36.73 6.05
CA ASP H 172 30.59 -37.26 6.00
C ASP H 172 31.45 -36.67 4.89
N CYS H 173 30.99 -35.63 4.20
CA CYS H 173 31.74 -34.85 3.22
C CYS H 173 31.96 -35.58 1.90
N THR H 174 31.47 -36.80 1.74
CA THR H 174 31.78 -37.58 0.53
C THR H 174 30.93 -37.14 -0.66
N TYR H 175 31.46 -37.43 -1.86
CA TYR H 175 30.77 -37.23 -3.12
C TYR H 175 30.24 -38.56 -3.64
N ASN H 176 29.34 -38.47 -4.63
CA ASN H 176 28.99 -39.60 -5.49
C ASN H 176 29.02 -39.11 -6.93
N LEU H 177 29.34 -40.01 -7.84
CA LEU H 177 29.50 -39.59 -9.23
C LEU H 177 28.89 -40.62 -10.17
N SER H 178 28.24 -40.11 -11.21
CA SER H 178 27.74 -40.93 -12.31
C SER H 178 28.50 -40.53 -13.55
N SER H 179 29.13 -41.50 -14.21
CA SER H 179 29.80 -41.25 -15.47
C SER H 179 29.16 -42.11 -16.54
N THR H 180 28.91 -41.55 -17.72
CA THR H 180 28.30 -42.34 -18.80
C THR H 180 29.19 -42.28 -20.02
N LEU H 181 29.24 -43.41 -20.74
CA LEU H 181 29.93 -43.54 -22.02
C LEU H 181 28.91 -43.97 -23.05
N THR H 182 28.78 -43.19 -24.13
CA THR H 182 27.84 -43.49 -25.20
C THR H 182 28.61 -43.86 -26.47
N LEU H 183 28.25 -45.00 -27.06
CA LEU H 183 28.88 -45.52 -28.26
C LEU H 183 27.79 -45.86 -29.27
N THR H 184 28.15 -45.96 -30.54
CA THR H 184 27.18 -46.53 -31.47
C THR H 184 27.03 -48.03 -31.20
N SER H 185 25.88 -48.56 -31.62
CA SER H 185 25.64 -49.99 -31.47
C SER H 185 26.68 -50.79 -32.23
N THR H 186 27.14 -50.28 -33.38
CA THR H 186 28.20 -50.96 -34.12
C THR H 186 29.48 -51.02 -33.31
N GLN H 187 29.87 -49.91 -32.67
CA GLN H 187 31.07 -49.92 -31.83
C GLN H 187 30.90 -50.89 -30.67
N TYR H 188 29.75 -50.86 -30.01
CA TYR H 188 29.54 -51.72 -28.84
C TYR H 188 29.64 -53.19 -29.23
N ASN H 189 29.02 -53.56 -30.35
CA ASN H 189 29.01 -54.95 -30.75
C ASN H 189 30.35 -55.40 -31.33
N SER H 190 31.26 -54.46 -31.61
CA SER H 190 32.57 -54.75 -32.18
C SER H 190 33.65 -54.89 -31.13
N HIS H 191 33.31 -54.74 -29.85
CA HIS H 191 34.32 -54.77 -28.79
C HIS H 191 33.79 -55.58 -27.61
N LYS H 192 34.71 -55.94 -26.71
CA LYS H 192 34.40 -56.92 -25.68
C LYS H 192 34.49 -56.36 -24.27
N GLU H 193 35.63 -55.77 -23.89
CA GLU H 193 35.88 -55.38 -22.51
C GLU H 193 35.58 -53.90 -22.32
N TYR H 194 34.70 -53.58 -21.38
CA TYR H 194 34.32 -52.21 -21.06
C TYR H 194 34.72 -51.89 -19.64
N THR H 195 35.48 -50.80 -19.47
CA THR H 195 36.17 -50.53 -18.22
C THR H 195 35.98 -49.09 -17.77
N CYS H 196 35.54 -48.90 -16.53
CA CYS H 196 35.46 -47.60 -15.87
CA CYS H 196 35.54 -47.58 -15.95
C CYS H 196 36.56 -47.55 -14.82
N LYS H 197 37.47 -46.59 -14.93
CA LYS H 197 38.62 -46.46 -14.03
C LYS H 197 38.47 -45.15 -13.29
N VAL H 198 38.36 -45.23 -11.97
CA VAL H 198 38.08 -44.07 -11.14
C VAL H 198 39.33 -43.79 -10.31
N THR H 199 39.96 -42.64 -10.55
CA THR H 199 41.28 -42.37 -9.98
C THR H 199 41.24 -41.24 -8.96
N GLN H 200 41.88 -41.49 -7.83
CA GLN H 200 41.97 -40.57 -6.71
C GLN H 200 43.45 -40.39 -6.37
N GLY H 201 44.14 -39.54 -7.11
CA GLY H 201 45.57 -39.40 -6.93
C GLY H 201 46.29 -40.72 -7.15
N THR H 202 46.88 -41.26 -6.08
CA THR H 202 47.64 -42.50 -6.14
C THR H 202 46.77 -43.74 -5.97
N THR H 203 45.46 -43.57 -5.81
CA THR H 203 44.51 -44.66 -5.65
C THR H 203 43.66 -44.76 -6.91
N SER H 204 43.39 -45.99 -7.37
CA SER H 204 42.43 -46.20 -8.45
C SER H 204 41.52 -47.37 -8.13
N VAL H 205 40.25 -47.25 -8.53
CA VAL H 205 39.29 -48.34 -8.41
C VAL H 205 38.73 -48.57 -9.81
N VAL H 206 38.83 -49.82 -10.29
CA VAL H 206 38.52 -50.15 -11.66
C VAL H 206 37.40 -51.18 -11.67
N GLN H 207 36.41 -50.96 -12.53
CA GLN H 207 35.31 -51.90 -12.65
C GLN H 207 35.04 -52.13 -14.12
N SER H 208 34.92 -53.40 -14.51
CA SER H 208 34.79 -53.78 -15.91
C SER H 208 33.63 -54.76 -16.08
N PHE H 209 33.25 -54.95 -17.35
CA PHE H 209 32.44 -56.09 -17.73
C PHE H 209 32.82 -56.48 -19.14
N ASN H 210 32.50 -57.72 -19.49
CA ASN H 210 32.72 -58.24 -20.83
C ASN H 210 31.37 -58.45 -21.50
N ARG H 211 31.18 -57.81 -22.66
CA ARG H 211 29.86 -57.74 -23.30
C ARG H 211 29.23 -59.11 -23.46
N GLY H 212 30.03 -60.12 -23.81
CA GLY H 212 29.48 -61.45 -24.01
C GLY H 212 28.94 -62.10 -22.75
N ASP H 213 29.31 -61.59 -21.58
CA ASP H 213 28.88 -62.20 -20.32
C ASP H 213 27.65 -61.54 -19.71
N CYS H 214 27.09 -60.53 -20.36
CA CYS H 214 25.90 -59.86 -19.81
C CYS H 214 24.82 -59.73 -20.87
N ILE I 3 19.26 7.48 -4.33
CA ILE I 3 18.05 7.15 -3.58
C ILE I 3 18.26 5.83 -2.81
N ILE I 4 17.89 5.84 -1.53
CA ILE I 4 18.03 4.70 -0.62
C ILE I 4 16.68 4.11 -0.25
C UKY I 5 13.79 3.48 -0.45
O2 UKY I 5 14.82 0.10 -3.02
O3 UKY I 5 13.65 -1.30 -1.34
O4 UKY I 5 15.52 -2.29 -2.68
N UKY I 5 16.24 3.11 -1.01
CA UKY I 5 14.92 2.51 -0.84
O UKY I 5 13.23 3.32 0.58
CB UKY I 5 14.94 1.45 0.24
NG UKY I 5 16.04 0.52 0.14
CD1 UKY I 5 16.16 -0.50 -0.71
ND2 UKY I 5 17.08 0.53 0.94
CE1 UKY I 5 17.38 -1.16 -0.40
NE2 UKY I 5 17.88 -0.45 0.63
P UKY I 5 14.98 -1.03 -2.04
N GLY I 6 13.50 4.46 -1.28
CA GLY I 6 12.39 5.36 -0.96
C GLY I 6 12.72 6.58 -0.12
N SER I 7 13.89 6.63 0.50
CA SER I 7 14.26 7.80 1.29
C SER I 7 15.19 8.74 0.51
N ILE J 3 -2.23 -5.45 -18.29
CA ILE J 3 -2.93 -4.93 -19.44
C ILE J 3 -4.12 -4.09 -18.99
N ILE J 4 -4.95 -4.59 -18.06
CA ILE J 4 -6.12 -3.85 -17.57
C ILE J 4 -5.96 -3.47 -16.09
C UKY J 5 -4.59 -3.03 -13.45
O2 UKY J 5 -3.74 2.96 -15.29
O3 UKY J 5 -4.09 1.66 -13.19
O4 UKY J 5 -2.92 0.58 -15.13
N UKY J 5 -5.17 -2.44 -15.87
CA UKY J 5 -4.81 -1.96 -14.54
O UKY J 5 -5.19 -2.96 -12.43
CB UKY J 5 -5.87 -1.02 -14.01
NG UKY J 5 -6.29 -0.01 -14.97
CD1 UKY J 5 -5.61 1.08 -15.33
ND2 UKY J 5 -7.44 -0.01 -15.62
CE1 UKY J 5 -6.39 1.79 -16.27
NE2 UKY J 5 -7.50 1.04 -16.41
P UKY J 5 -3.95 1.58 -14.69
N GLY J 6 -3.76 -4.02 -13.72
CA GLY J 6 -3.45 -5.00 -12.71
C GLY J 6 -4.36 -6.20 -12.68
N SER J 7 -5.42 -6.20 -13.47
CA SER J 7 -6.32 -7.36 -13.53
C SER J 7 -6.19 -8.07 -14.88
N ILE K 3 3.19 -11.71 18.19
CA ILE K 3 2.41 -10.69 17.49
C ILE K 3 3.30 -9.45 17.33
N ILE K 4 4.30 -9.58 16.44
CA ILE K 4 5.33 -8.55 16.25
C ILE K 4 5.24 -7.84 14.90
C UKY K 5 3.96 -6.71 12.43
O2 UKY K 5 4.07 -1.94 13.19
O3 UKY K 5 3.78 -1.09 15.51
O4 UKY K 5 2.72 -3.24 14.81
N UKY K 5 4.54 -6.72 14.90
CA UKY K 5 4.27 -5.92 13.72
O UKY K 5 4.68 -6.58 11.49
CB UKY K 5 5.48 -5.01 13.41
NG UKY K 5 6.01 -4.29 14.55
CD1 UKY K 5 5.46 -3.21 15.12
ND2 UKY K 5 7.16 -4.55 15.16
CE1 UKY K 5 6.36 -2.83 16.19
NE2 UKY K 5 7.37 -3.72 16.15
P UKY K 5 3.91 -2.33 14.65
N GLY K 6 2.91 -7.51 12.41
CA GLY K 6 2.57 -8.22 11.18
C GLY K 6 3.30 -9.52 10.93
N SER K 7 4.28 -9.82 11.77
CA SER K 7 5.04 -11.08 11.66
C SER K 7 4.70 -12.00 12.85
N ILE L 3 -19.33 8.80 5.61
CA ILE L 3 -17.98 8.24 5.52
C ILE L 3 -17.94 7.15 4.46
N ILE L 4 -17.48 7.50 3.25
CA ILE L 4 -17.47 6.61 2.07
C ILE L 4 -16.08 6.08 1.72
C UKY L 5 -13.37 4.86 2.11
O2 UKY L 5 -13.79 0.09 1.30
O3 UKY L 5 -15.83 -0.88 2.37
O4 UKY L 5 -14.83 1.18 3.25
N UKY L 5 -15.91 4.80 1.98
CA UKY L 5 -14.66 4.05 1.86
O UKY L 5 -12.65 4.56 2.99
CB UKY L 5 -14.62 3.38 0.48
NG UKY L 5 -15.84 2.60 0.28
CD1 UKY L 5 -16.14 1.41 0.84
ND2 UKY L 5 -16.85 2.96 -0.52
CE1 UKY L 5 -17.42 1.03 0.33
NE2 UKY L 5 -17.79 2.03 -0.49
P UKY L 5 -15.10 0.39 2.00
N GLY L 6 -13.10 5.87 1.31
CA GLY L 6 -11.88 6.63 1.53
C GLY L 6 -12.04 8.09 1.89
N SER L 7 -13.28 8.57 1.99
CA SER L 7 -13.52 9.97 2.34
C SER L 7 -14.72 10.14 3.26
C1 MPD M . -15.01 10.83 -6.70
C2 MPD M . -15.40 10.15 -8.02
O2 MPD M . -14.91 8.78 -7.97
CM MPD M . -16.92 10.15 -8.19
C3 MPD M . -14.75 10.92 -9.16
C4 MPD M . -13.95 10.14 -10.21
O4 MPD M . -14.12 8.74 -10.21
C5 MPD M . -14.31 10.68 -11.58
S SO4 N . 1.84 -0.09 -2.93
O1 SO4 N . 2.04 1.10 -2.11
O2 SO4 N . 2.72 -0.03 -4.10
O3 SO4 N . 2.19 -1.26 -2.13
O4 SO4 N . 0.45 -0.14 -3.36
C1 MPD O . -7.59 3.77 -27.13
C2 MPD O . -7.13 3.73 -28.58
O2 MPD O . -8.27 3.76 -29.52
CM MPD O . -6.44 5.04 -28.86
C3 MPD O . -6.29 2.48 -28.89
C4 MPD O . -5.13 2.21 -27.93
O4 MPD O . -4.43 1.05 -28.35
C5 MPD O . -4.14 3.34 -27.99
C1 MPD P . -14.66 -7.69 -12.49
C2 MPD P . -15.29 -6.31 -12.34
O2 MPD P . -14.41 -5.49 -11.52
CM MPD P . -15.48 -5.67 -13.71
C3 MPD P . -16.65 -6.38 -11.65
C4 MPD P . -16.52 -6.35 -10.15
O4 MPD P . -16.34 -5.02 -9.72
C5 MPD P . -17.79 -6.91 -9.53
C1 MPD Q . -18.11 0.19 -12.31
C2 MPD Q . -17.14 0.98 -11.44
O2 MPD Q . -15.81 0.91 -12.02
CM MPD Q . -17.02 0.32 -10.07
C3 MPD Q . -17.63 2.45 -11.34
C4 MPD Q . -17.51 2.98 -9.91
O4 MPD Q . -16.33 3.73 -9.86
C5 MPD Q . -18.70 3.80 -9.40
C1 MPD R . -28.11 1.01 3.35
C2 MPD R . -29.28 1.11 4.34
O2 MPD R . -30.50 1.50 3.64
CM MPD R . -29.66 -0.28 4.84
C3 MPD R . -29.02 2.13 5.45
C4 MPD R . -27.66 2.04 6.11
O4 MPD R . -27.54 3.04 7.11
C5 MPD R . -27.52 0.71 6.80
S SO4 S . -2.01 -0.60 2.91
O1 SO4 S . -2.56 0.39 1.98
O2 SO4 S . -0.70 -0.17 3.41
O3 SO4 S . -1.84 -1.87 2.20
O4 SO4 S . -2.94 -0.80 4.01
C1 MPD T . 7.47 -3.50 27.22
C2 MPD T . 7.06 -3.84 28.66
O2 MPD T . 8.23 -4.15 29.49
CM MPD T . 6.52 -2.57 29.28
C3 MPD T . 6.10 -5.03 28.73
C4 MPD T . 4.99 -5.03 27.70
O4 MPD T . 4.20 -6.20 27.82
C5 MPD T . 4.10 -3.83 27.93
C1 MPD U . 13.33 -12.05 9.97
C2 MPD U . 14.21 -10.87 10.34
O2 MPD U . 13.55 -9.65 9.90
CM MPD U . 14.42 -10.79 11.85
C3 MPD U . 15.58 -10.95 9.68
C4 MPD U . 15.53 -10.52 8.23
O4 MPD U . 15.41 -9.12 8.11
C5 MPD U . 16.80 -10.98 7.52
S SO4 V . 22.67 -23.54 -28.92
O1 SO4 V . 23.93 -23.10 -28.33
O2 SO4 V . 21.89 -22.35 -29.29
O3 SO4 V . 21.93 -24.37 -27.96
O4 SO4 V . 22.94 -24.33 -30.11
C1 MPD W . 27.95 -1.83 -3.58
C2 MPD W . 29.10 -1.64 -4.56
O2 MPD W . 30.39 -1.63 -3.85
CM MPD W . 29.16 -2.89 -5.39
C3 MPD W . 28.96 -0.34 -5.33
C4 MPD W . 27.58 -0.13 -5.98
O4 MPD W . 27.59 1.08 -6.72
C5 MPD W . 27.33 -1.20 -7.00
#